data_5WYD
#
_entry.id   5WYD
#
_cell.length_a   83.309
_cell.length_b   83.309
_cell.length_c   207.547
_cell.angle_alpha   90.00
_cell.angle_beta   90.00
_cell.angle_gamma   120.00
#
_symmetry.space_group_name_H-M   'P 31'
#
loop_
_entity.id
_entity.type
_entity.pdbx_description
1 polymer 'Probable enoyl-CoA hydratase/isomerase'
2 non-polymer PENTANEDIAL
3 non-polymer 'ISOPROPYL ALCOHOL'
4 non-polymer (4S)-2-METHYL-2,4-PENTANEDIOL
5 non-polymer (4R)-2-METHYLPENTANE-2,4-DIOL
6 water water
#
_entity_poly.entity_id   1
_entity_poly.type   'polypeptide(L)'
_entity_poly.pdbx_seq_one_letter_code
;MNTAVEPYKASSFDDTHKLTVEKHGHTALITINHPPANTWDRDSLIGLRQLIEHLNRDDDIYALVVTGQGPKFFSAGADL
NMFADGDKARAREMARRFGEAFEALRDFRGVSIAAINGYAMGGGLECALACDIRIAERQAQMALPEAAVGLLPCAGGTQA
LPWLVGEGWAKRMILCNERVDAETALRIGLVEQVVDSGEARGAALLLAAKVARQSPVAIRTIKPLIQGARERAPNTWLPE
ERERFVDLFDAQDTREGVNAFLEKRDPKWRNCLEHHHHHH
;
_entity_poly.pdbx_strand_id   A,B,C,D,E,F
#
# COMPACT_ATOMS: atom_id res chain seq x y z
N LYS A 9 17.44 -16.57 -13.49
CA LYS A 9 18.50 -16.77 -12.49
C LYS A 9 18.25 -18.09 -11.76
N ALA A 10 19.19 -18.48 -10.89
CA ALA A 10 19.05 -19.67 -10.02
C ALA A 10 18.75 -20.96 -10.80
N SER A 11 19.37 -21.15 -11.96
CA SER A 11 19.12 -22.36 -12.73
C SER A 11 19.82 -23.59 -12.11
N SER A 12 21.03 -23.41 -11.60
CA SER A 12 21.80 -24.52 -11.01
C SER A 12 21.58 -24.54 -9.50
N PHE A 13 20.33 -24.80 -9.14
CA PHE A 13 19.90 -24.80 -7.75
C PHE A 13 18.69 -25.71 -7.66
N ASP A 14 18.43 -26.19 -6.45
CA ASP A 14 17.25 -27.00 -6.16
C ASP A 14 16.15 -26.09 -5.57
N ASP A 15 15.16 -25.79 -6.40
CA ASP A 15 14.00 -24.96 -6.06
C ASP A 15 12.78 -25.82 -6.37
N THR A 16 11.70 -25.63 -5.61
CA THR A 16 10.48 -26.39 -5.89
C THR A 16 10.02 -26.14 -7.33
N HIS A 17 9.53 -27.20 -7.99
CA HIS A 17 9.13 -27.06 -9.38
C HIS A 17 8.05 -26.01 -9.53
N LYS A 18 7.32 -25.73 -8.45
CA LYS A 18 6.31 -24.68 -8.44
C LYS A 18 6.91 -23.31 -8.68
N LEU A 19 8.10 -23.05 -8.20
CA LEU A 19 8.64 -21.74 -8.42
C LEU A 19 9.54 -21.75 -9.65
N THR A 20 9.21 -20.87 -10.58
CA THR A 20 9.88 -20.78 -11.86
C THR A 20 10.66 -19.49 -11.87
N VAL A 21 11.92 -19.58 -12.24
CA VAL A 21 12.78 -18.42 -12.28
C VAL A 21 13.21 -18.22 -13.72
N GLU A 22 12.98 -17.01 -14.23
CA GLU A 22 13.41 -16.59 -15.55
C GLU A 22 14.23 -15.33 -15.40
N LYS A 23 15.36 -15.27 -16.09
CA LYS A 23 16.21 -14.08 -16.03
C LYS A 23 16.10 -13.26 -17.31
N HIS A 24 15.68 -12.01 -17.17
CA HIS A 24 15.68 -11.08 -18.29
C HIS A 24 16.61 -9.93 -17.90
N GLY A 25 17.69 -9.77 -18.66
CA GLY A 25 18.64 -8.72 -18.33
C GLY A 25 19.13 -8.90 -16.91
N HIS A 26 19.05 -7.83 -16.12
CA HIS A 26 19.39 -7.86 -14.70
C HIS A 26 18.19 -8.10 -13.83
N THR A 27 17.04 -8.40 -14.40
CA THR A 27 15.82 -8.61 -13.63
C THR A 27 15.55 -10.11 -13.58
N ALA A 28 15.29 -10.62 -12.39
CA ALA A 28 14.98 -12.04 -12.21
C ALA A 28 13.49 -12.22 -11.98
N LEU A 29 12.87 -13.06 -12.80
CA LEU A 29 11.44 -13.32 -12.75
C LEU A 29 11.14 -14.62 -12.03
N ILE A 30 10.36 -14.51 -10.97
CA ILE A 30 9.94 -15.63 -10.16
C ILE A 30 8.43 -15.77 -10.26
N THR A 31 7.96 -16.95 -10.61
CA THR A 31 6.54 -17.17 -10.72
C THR A 31 6.15 -18.30 -9.78
N ILE A 32 5.14 -18.03 -8.94
CA ILE A 32 4.54 -19.08 -8.13
C ILE A 32 3.69 -19.93 -9.04
N ASN A 33 3.87 -21.22 -9.00
CA ASN A 33 3.14 -22.13 -9.87
C ASN A 33 2.63 -23.29 -9.03
N HIS A 34 1.63 -23.01 -8.22
CA HIS A 34 1.03 -24.04 -7.38
C HIS A 34 -0.43 -24.16 -7.78
N PRO A 35 -0.88 -25.32 -8.27
CA PRO A 35 -2.27 -25.24 -8.69
C PRO A 35 -3.27 -25.54 -7.56
N PRO A 36 -4.52 -25.07 -7.69
CA PRO A 36 -4.99 -24.30 -8.84
C PRO A 36 -5.09 -22.81 -8.55
N ALA A 37 -4.93 -22.44 -7.28
CA ALA A 37 -5.02 -21.08 -6.80
C ALA A 37 -3.66 -20.44 -6.51
N ASN A 38 -2.56 -21.12 -6.80
CA ASN A 38 -1.22 -20.61 -6.53
C ASN A 38 -1.02 -20.35 -5.04
N THR A 39 -1.67 -21.18 -4.22
CA THR A 39 -1.55 -21.06 -2.77
C THR A 39 -0.15 -21.49 -2.33
N TRP A 40 0.35 -20.81 -1.30
CA TRP A 40 1.68 -21.09 -0.75
C TRP A 40 1.78 -22.45 -0.10
N ASP A 41 2.97 -23.03 -0.17
CA ASP A 41 3.27 -24.33 0.36
C ASP A 41 4.60 -24.23 1.10
N ARG A 42 4.85 -25.19 1.98
CA ARG A 42 6.13 -25.24 2.67
C ARG A 42 7.29 -25.37 1.70
N ASP A 43 7.12 -26.22 0.69
CA ASP A 43 8.18 -26.41 -0.30
C ASP A 43 8.44 -25.09 -0.99
N SER A 44 7.36 -24.35 -1.28
CA SER A 44 7.47 -23.04 -1.91
C SER A 44 8.13 -22.02 -0.99
N LEU A 45 7.74 -21.97 0.29
CA LEU A 45 8.26 -20.94 1.19
C LEU A 45 9.76 -21.05 1.41
N ILE A 46 10.27 -22.27 1.64
CA ILE A 46 11.70 -22.38 1.83
C ILE A 46 12.43 -21.95 0.58
N GLY A 47 11.97 -22.41 -0.58
CA GLY A 47 12.64 -22.01 -1.80
C GLY A 47 12.69 -20.50 -1.91
N LEU A 48 11.58 -19.86 -1.56
CA LEU A 48 11.52 -18.41 -1.69
C LEU A 48 12.60 -17.77 -0.85
N ARG A 49 12.71 -18.17 0.41
CA ARG A 49 13.80 -17.66 1.22
C ARG A 49 15.14 -18.01 0.57
N GLN A 50 15.30 -19.27 0.18
CA GLN A 50 16.55 -19.64 -0.43
C GLN A 50 16.75 -18.87 -1.71
N LEU A 51 15.70 -18.73 -2.50
CA LEU A 51 15.88 -18.05 -3.76
C LEU A 51 16.38 -16.63 -3.54
N ILE A 52 15.79 -15.95 -2.55
CA ILE A 52 16.19 -14.57 -2.26
C ILE A 52 17.66 -14.49 -1.89
N GLU A 53 18.12 -15.42 -1.07
CA GLU A 53 19.53 -15.40 -0.66
C GLU A 53 20.46 -15.60 -1.85
N HIS A 54 20.10 -16.51 -2.75
CA HIS A 54 20.93 -16.70 -3.93
C HIS A 54 20.93 -15.44 -4.77
N LEU A 55 19.76 -14.81 -4.88
CA LEU A 55 19.62 -13.58 -5.67
C LEU A 55 20.47 -12.46 -5.07
N ASN A 56 20.44 -12.36 -3.74
CA ASN A 56 21.24 -11.36 -3.06
C ASN A 56 22.70 -11.55 -3.36
N ARG A 57 23.13 -12.80 -3.45
CA ARG A 57 24.53 -13.05 -3.77
C ARG A 57 24.88 -12.63 -5.19
N ASP A 58 23.99 -12.86 -6.16
CA ASP A 58 24.32 -12.53 -7.54
C ASP A 58 24.31 -11.04 -7.77
N ASP A 59 25.37 -10.52 -8.39
CA ASP A 59 25.46 -9.09 -8.67
C ASP A 59 24.86 -8.73 -10.02
N ASP A 60 24.46 -9.72 -10.80
CA ASP A 60 23.87 -9.55 -12.11
C ASP A 60 22.40 -9.25 -12.05
N ILE A 61 21.82 -9.24 -10.87
CA ILE A 61 20.41 -8.97 -10.73
C ILE A 61 20.18 -7.69 -9.98
N TYR A 62 19.48 -6.75 -10.60
CA TYR A 62 19.18 -5.50 -9.94
C TYR A 62 17.71 -5.37 -9.60
N ALA A 63 16.84 -6.18 -10.18
CA ALA A 63 15.42 -6.06 -9.90
C ALA A 63 14.80 -7.45 -9.76
N LEU A 64 13.67 -7.50 -9.07
CA LEU A 64 12.90 -8.72 -8.86
C LEU A 64 11.42 -8.48 -9.15
N VAL A 65 10.78 -9.45 -9.79
CA VAL A 65 9.35 -9.42 -10.09
C VAL A 65 8.75 -10.76 -9.66
N VAL A 66 7.60 -10.71 -9.01
CA VAL A 66 6.83 -11.90 -8.63
C VAL A 66 5.39 -11.76 -9.12
N THR A 67 4.89 -12.78 -9.79
CA THR A 67 3.53 -12.77 -10.32
C THR A 67 2.92 -14.16 -10.10
N GLY A 68 1.59 -14.21 -10.09
CA GLY A 68 0.91 -15.47 -9.89
C GLY A 68 0.63 -16.18 -11.21
N GLN A 69 0.95 -17.46 -11.24
CA GLN A 69 0.69 -18.28 -12.42
C GLN A 69 -0.79 -18.21 -12.79
N GLY A 70 -1.05 -18.04 -14.09
CA GLY A 70 -2.40 -17.96 -14.57
C GLY A 70 -2.99 -16.59 -14.33
N PRO A 71 -4.03 -16.27 -15.10
CA PRO A 71 -4.69 -14.96 -14.96
C PRO A 71 -5.54 -14.82 -13.72
N LYS A 72 -6.01 -15.93 -13.18
CA LYS A 72 -7.07 -15.87 -12.18
C LYS A 72 -6.55 -15.53 -10.79
N PHE A 73 -5.44 -16.14 -10.36
CA PHE A 73 -4.93 -15.98 -8.99
C PHE A 73 -3.49 -15.46 -8.99
N PHE A 74 -3.27 -14.29 -8.38
CA PHE A 74 -1.89 -13.91 -8.08
C PHE A 74 -1.34 -14.81 -7.01
N SER A 75 -2.01 -14.86 -5.86
CA SER A 75 -1.63 -15.80 -4.82
C SER A 75 -2.79 -15.96 -3.86
N ALA A 76 -3.08 -17.22 -3.53
CA ALA A 76 -4.17 -17.54 -2.63
C ALA A 76 -3.75 -17.62 -1.18
N GLY A 77 -2.47 -17.46 -0.88
CA GLY A 77 -2.11 -17.60 0.50
C GLY A 77 -1.82 -19.03 0.88
N ALA A 78 -1.88 -19.27 2.19
CA ALA A 78 -1.58 -20.58 2.74
C ALA A 78 -2.67 -21.61 2.48
N ASP A 79 -2.22 -22.79 2.08
CA ASP A 79 -3.11 -23.90 1.79
C ASP A 79 -3.67 -24.47 3.08
N LEU A 80 -4.92 -24.93 3.04
CA LEU A 80 -5.52 -25.54 4.22
C LEU A 80 -4.79 -26.81 4.66
N ASN A 81 -4.28 -27.61 3.71
CA ASN A 81 -3.52 -28.81 4.08
C ASN A 81 -2.35 -28.41 4.97
N MET A 82 -1.78 -27.25 4.68
CA MET A 82 -0.71 -26.67 5.46
C MET A 82 -1.19 -26.34 6.88
N PHE A 83 -2.39 -25.78 6.98
CA PHE A 83 -3.04 -25.41 8.24
C PHE A 83 -4.09 -26.41 8.67
N ALA A 84 -4.08 -27.61 8.10
CA ALA A 84 -5.07 -28.62 8.46
C ALA A 84 -4.97 -28.97 9.93
N ASP A 85 -6.14 -29.12 10.53
CA ASP A 85 -6.28 -29.47 11.91
C ASP A 85 -5.83 -30.91 12.14
N GLY A 86 -5.47 -31.30 13.36
CA GLY A 86 -5.63 -30.48 14.56
C GLY A 86 -4.38 -30.12 15.30
N ASP A 87 -3.24 -30.47 14.71
CA ASP A 87 -1.93 -30.31 15.35
C ASP A 87 -1.51 -28.85 15.49
N LYS A 88 -1.11 -28.50 16.72
CA LYS A 88 -0.61 -27.16 17.03
C LYS A 88 0.80 -26.96 16.49
N ALA A 89 1.60 -28.02 16.48
CA ALA A 89 2.97 -27.90 15.99
C ALA A 89 3.01 -27.46 14.55
N ARG A 90 2.12 -28.02 13.71
CA ARG A 90 2.13 -27.65 12.30
C ARG A 90 1.99 -26.13 12.12
N ALA A 91 1.11 -25.52 12.89
CA ALA A 91 0.85 -24.09 12.73
C ALA A 91 2.04 -23.23 13.19
N ARG A 92 2.65 -23.60 14.32
CA ARG A 92 3.79 -22.81 14.77
C ARG A 92 4.87 -22.81 13.71
N GLU A 93 5.15 -23.98 13.12
CA GLU A 93 6.21 -24.11 12.14
C GLU A 93 5.88 -23.33 10.88
N MET A 94 4.63 -23.38 10.41
CA MET A 94 4.33 -22.67 9.18
C MET A 94 4.34 -21.16 9.42
N ALA A 95 3.89 -20.70 10.58
CA ALA A 95 3.96 -19.28 10.86
C ALA A 95 5.40 -18.77 10.75
N ARG A 96 6.36 -19.57 11.24
CA ARG A 96 7.77 -19.18 11.15
C ARG A 96 8.22 -19.08 9.69
N ARG A 97 7.80 -20.05 8.87
CA ARG A 97 8.19 -20.09 7.47
C ARG A 97 7.70 -18.87 6.71
N PHE A 98 6.45 -18.46 6.94
CA PHE A 98 5.97 -17.25 6.26
C PHE A 98 6.79 -16.06 6.65
N GLY A 99 7.04 -15.90 7.94
CA GLY A 99 7.80 -14.76 8.39
C GLY A 99 9.19 -14.75 7.78
N GLU A 100 9.87 -15.90 7.85
CA GLU A 100 11.22 -15.98 7.31
C GLU A 100 11.26 -15.69 5.83
N ALA A 101 10.38 -16.34 5.07
CA ALA A 101 10.40 -16.17 3.62
C ALA A 101 10.04 -14.75 3.27
N PHE A 102 8.93 -14.24 3.79
CA PHE A 102 8.49 -12.89 3.44
C PHE A 102 9.48 -11.84 3.90
N GLU A 103 10.04 -12.00 5.09
CA GLU A 103 11.05 -11.05 5.53
C GLU A 103 12.25 -11.11 4.60
N ALA A 104 12.62 -12.29 4.13
CA ALA A 104 13.71 -12.38 3.17
C ALA A 104 13.40 -11.59 1.90
N LEU A 105 12.15 -11.72 1.41
CA LEU A 105 11.76 -10.98 0.22
C LEU A 105 11.83 -9.49 0.48
N ARG A 106 11.32 -9.07 1.64
CA ARG A 106 11.36 -7.68 2.05
C ARG A 106 12.78 -7.18 2.14
N ASP A 107 13.70 -8.06 2.48
CA ASP A 107 15.10 -7.68 2.60
C ASP A 107 15.90 -7.90 1.32
N PHE A 108 15.26 -8.22 0.19
CA PHE A 108 16.02 -8.38 -1.04
C PHE A 108 16.75 -7.06 -1.32
N ARG A 109 18.05 -7.14 -1.60
CA ARG A 109 18.81 -5.91 -1.79
C ARG A 109 18.31 -5.10 -2.99
N GLY A 110 17.98 -5.79 -4.07
CA GLY A 110 17.38 -5.14 -5.22
C GLY A 110 15.92 -4.86 -4.99
N VAL A 111 15.37 -4.03 -5.88
CA VAL A 111 13.94 -3.71 -5.81
C VAL A 111 13.10 -4.92 -6.20
N SER A 112 12.02 -5.13 -5.48
CA SER A 112 11.08 -6.20 -5.72
C SER A 112 9.78 -5.55 -6.16
N ILE A 113 9.23 -6.03 -7.26
CA ILE A 113 8.00 -5.50 -7.81
C ILE A 113 7.00 -6.64 -7.79
N ALA A 114 5.82 -6.38 -7.25
CA ALA A 114 4.78 -7.39 -7.16
C ALA A 114 3.78 -7.12 -8.27
N ALA A 115 3.64 -8.08 -9.19
CA ALA A 115 2.71 -7.96 -10.30
C ALA A 115 1.50 -8.82 -10.01
N ILE A 116 0.37 -8.18 -9.75
CA ILE A 116 -0.85 -8.85 -9.32
C ILE A 116 -1.69 -9.13 -10.56
N ASN A 117 -1.64 -10.35 -11.05
CA ASN A 117 -2.44 -10.72 -12.19
C ASN A 117 -3.71 -11.44 -11.79
N GLY A 118 -3.88 -11.80 -10.52
CA GLY A 118 -5.05 -12.54 -10.09
C GLY A 118 -5.47 -12.23 -8.67
N TYR A 119 -6.37 -13.05 -8.12
CA TYR A 119 -6.79 -12.85 -6.73
C TYR A 119 -5.58 -12.95 -5.84
N ALA A 120 -5.41 -11.96 -4.98
CA ALA A 120 -4.37 -11.96 -3.96
C ALA A 120 -5.07 -11.85 -2.63
N MET A 121 -5.10 -12.93 -1.88
CA MET A 121 -5.77 -12.89 -0.60
C MET A 121 -4.93 -13.66 0.40
N GLY A 122 -5.11 -13.30 1.67
CA GLY A 122 -4.38 -13.91 2.77
C GLY A 122 -2.88 -13.79 2.60
N GLY A 123 -2.20 -14.93 2.61
CA GLY A 123 -0.75 -14.93 2.49
C GLY A 123 -0.32 -14.25 1.20
N GLY A 124 -1.12 -14.43 0.14
CA GLY A 124 -0.77 -13.82 -1.13
C GLY A 124 -0.69 -12.32 -1.01
N LEU A 125 -1.65 -11.72 -0.31
CA LEU A 125 -1.60 -10.28 -0.09
C LEU A 125 -0.38 -9.91 0.72
N GLU A 126 -0.12 -10.70 1.77
CA GLU A 126 1.04 -10.49 2.62
C GLU A 126 2.30 -10.57 1.82
N CYS A 127 2.33 -11.51 0.88
CA CYS A 127 3.47 -11.63 0.00
C CYS A 127 3.64 -10.37 -0.81
N ALA A 128 2.54 -9.83 -1.35
CA ALA A 128 2.64 -8.64 -2.17
C ALA A 128 3.19 -7.49 -1.36
N LEU A 129 2.73 -7.36 -0.12
CA LEU A 129 3.16 -6.28 0.75
C LEU A 129 4.68 -6.36 0.99
N ALA A 130 5.21 -7.58 1.10
CA ALA A 130 6.65 -7.80 1.32
C ALA A 130 7.48 -7.21 0.19
N CYS A 131 6.90 -7.14 -1.01
CA CYS A 131 7.48 -6.52 -2.19
C CYS A 131 7.48 -5.00 -2.06
N ASP A 132 8.51 -4.37 -2.65
CA ASP A 132 8.59 -2.91 -2.57
C ASP A 132 7.45 -2.22 -3.31
N ILE A 133 7.14 -2.65 -4.53
CA ILE A 133 6.18 -1.93 -5.36
C ILE A 133 5.13 -2.92 -5.84
N ARG A 134 3.91 -2.45 -5.95
CA ARG A 134 2.82 -3.30 -6.39
C ARG A 134 2.15 -2.74 -7.63
N ILE A 135 2.02 -3.59 -8.65
CA ILE A 135 1.33 -3.27 -9.89
C ILE A 135 0.18 -4.26 -10.04
N ALA A 136 -1.04 -3.75 -10.20
CA ALA A 136 -2.18 -4.66 -10.28
C ALA A 136 -3.08 -4.39 -11.49
N GLU A 137 -3.61 -5.50 -12.01
CA GLU A 137 -4.63 -5.57 -13.05
C GLU A 137 -5.96 -5.14 -12.46
N ARG A 138 -6.79 -4.49 -13.26
CA ARG A 138 -7.98 -3.87 -12.69
C ARG A 138 -8.84 -4.87 -11.95
N GLN A 139 -8.87 -6.11 -12.43
CA GLN A 139 -9.81 -7.10 -11.92
C GLN A 139 -9.45 -7.66 -10.55
N ALA A 140 -8.17 -7.71 -10.24
CA ALA A 140 -7.74 -8.37 -9.01
C ALA A 140 -8.39 -7.75 -7.78
N GLN A 141 -8.75 -8.62 -6.84
CA GLN A 141 -9.31 -8.25 -5.56
C GLN A 141 -8.40 -8.79 -4.47
N MET A 142 -8.08 -7.91 -3.53
CA MET A 142 -7.16 -8.24 -2.45
C MET A 142 -7.81 -8.02 -1.10
N ALA A 143 -7.73 -9.02 -0.25
CA ALA A 143 -8.28 -8.91 1.08
C ALA A 143 -7.59 -9.90 1.98
N LEU A 144 -7.78 -9.70 3.27
CA LEU A 144 -7.35 -10.67 4.25
C LEU A 144 -8.57 -11.35 4.84
N PRO A 145 -8.80 -12.63 4.52
CA PRO A 145 -9.99 -13.34 5.00
C PRO A 145 -9.68 -14.26 6.17
N GLU A 146 -8.47 -14.18 6.71
CA GLU A 146 -8.10 -15.06 7.79
C GLU A 146 -8.97 -14.83 8.99
N ALA A 147 -9.35 -13.57 9.26
CA ALA A 147 -10.18 -13.31 10.42
C ALA A 147 -11.50 -14.06 10.34
N ALA A 148 -12.05 -14.22 9.13
CA ALA A 148 -13.32 -14.94 8.99
C ALA A 148 -13.18 -16.38 9.48
N VAL A 149 -12.01 -17.00 9.28
CA VAL A 149 -11.78 -18.33 9.82
C VAL A 149 -11.18 -18.26 11.23
N GLY A 150 -11.02 -17.08 11.78
CA GLY A 150 -10.53 -16.95 13.15
C GLY A 150 -9.05 -16.93 13.33
N LEU A 151 -8.28 -16.82 12.27
CA LEU A 151 -6.82 -16.83 12.28
C LEU A 151 -6.34 -15.47 11.82
N LEU A 152 -5.42 -14.87 12.54
CA LEU A 152 -4.84 -13.62 12.08
C LEU A 152 -3.77 -13.86 11.00
N PRO A 153 -3.44 -12.82 10.25
CA PRO A 153 -2.36 -12.94 9.27
C PRO A 153 -1.04 -13.13 10.00
N CYS A 154 -0.30 -14.18 9.65
CA CYS A 154 0.93 -14.42 10.39
C CYS A 154 2.17 -14.08 9.59
N ALA A 155 2.00 -13.48 8.42
CA ALA A 155 3.11 -13.16 7.54
C ALA A 155 3.61 -11.74 7.72
N GLY A 156 3.25 -11.10 8.81
CA GLY A 156 3.50 -9.70 8.97
C GLY A 156 2.40 -8.83 8.42
N GLY A 157 1.26 -9.44 8.10
CA GLY A 157 0.17 -8.69 7.54
C GLY A 157 -0.37 -7.63 8.48
N THR A 158 -0.41 -7.94 9.78
CA THR A 158 -0.97 -7.00 10.75
C THR A 158 -0.19 -5.70 10.78
N GLN A 159 1.13 -5.79 10.57
CA GLN A 159 1.96 -4.60 10.49
C GLN A 159 1.99 -4.01 9.07
N ALA A 160 2.13 -4.87 8.05
CA ALA A 160 2.38 -4.38 6.71
C ALA A 160 1.19 -3.59 6.15
N LEU A 161 -0.04 -4.09 6.33
CA LEU A 161 -1.20 -3.40 5.78
C LEU A 161 -1.45 -2.00 6.37
N PRO A 162 -1.45 -1.78 7.69
CA PRO A 162 -1.70 -0.41 8.21
C PRO A 162 -0.62 0.55 7.80
N TRP A 163 0.60 0.03 7.62
CA TRP A 163 1.73 0.84 7.20
C TRP A 163 1.45 1.43 5.83
N LEU A 164 1.05 0.60 4.87
CA LEU A 164 0.77 1.12 3.55
C LEU A 164 -0.51 1.98 3.54
N VAL A 165 -1.60 1.46 4.08
CA VAL A 165 -2.91 2.09 3.84
C VAL A 165 -3.47 2.83 5.05
N GLY A 166 -2.78 2.83 6.18
CA GLY A 166 -3.35 3.46 7.35
C GLY A 166 -4.17 2.48 8.15
N GLU A 167 -4.39 2.82 9.42
CA GLU A 167 -5.10 1.88 10.26
C GLU A 167 -6.54 1.72 9.81
N GLY A 168 -7.21 2.83 9.50
CA GLY A 168 -8.64 2.77 9.27
C GLY A 168 -9.01 1.81 8.15
N TRP A 169 -8.35 1.95 7.01
CA TRP A 169 -8.62 1.06 5.89
C TRP A 169 -8.15 -0.35 6.22
N ALA A 170 -6.99 -0.45 6.87
CA ALA A 170 -6.46 -1.75 7.24
C ALA A 170 -7.42 -2.50 8.14
N LYS A 171 -8.02 -1.79 9.09
CA LYS A 171 -8.91 -2.46 10.03
C LYS A 171 -10.09 -3.08 9.31
N ARG A 172 -10.70 -2.34 8.40
CA ARG A 172 -11.89 -2.83 7.71
C ARG A 172 -11.60 -4.13 6.97
N MET A 173 -10.47 -4.20 6.28
CA MET A 173 -10.12 -5.43 5.55
C MET A 173 -9.92 -6.60 6.49
N ILE A 174 -9.08 -6.43 7.50
CA ILE A 174 -8.83 -7.53 8.41
C ILE A 174 -10.02 -7.72 9.34
N LEU A 175 -10.45 -6.67 10.03
CA LEU A 175 -11.50 -6.82 11.02
C LEU A 175 -12.85 -7.13 10.37
N CYS A 176 -13.22 -6.40 9.33
CA CYS A 176 -14.53 -6.57 8.71
C CYS A 176 -14.52 -7.50 7.51
N ASN A 177 -13.37 -8.03 7.13
CA ASN A 177 -13.28 -9.01 6.06
C ASN A 177 -13.83 -8.46 4.75
N GLU A 178 -13.31 -7.30 4.34
CA GLU A 178 -13.78 -6.61 3.15
C GLU A 178 -12.71 -6.61 2.07
N ARG A 179 -13.03 -7.18 0.91
CA ARG A 179 -12.13 -7.19 -0.24
C ARG A 179 -12.22 -5.87 -0.99
N VAL A 180 -11.12 -5.54 -1.67
CA VAL A 180 -10.98 -4.27 -2.38
C VAL A 180 -10.57 -4.49 -3.82
N ASP A 181 -11.16 -3.71 -4.72
CA ASP A 181 -10.84 -3.72 -6.14
C ASP A 181 -9.52 -2.98 -6.37
N ALA A 182 -9.00 -3.10 -7.60
CA ALA A 182 -7.74 -2.42 -7.92
C ALA A 182 -7.86 -0.91 -7.75
N GLU A 183 -8.98 -0.31 -8.17
CA GLU A 183 -9.13 1.14 -8.06
C GLU A 183 -9.15 1.59 -6.62
N THR A 184 -9.89 0.90 -5.76
CA THR A 184 -9.95 1.30 -4.36
C THR A 184 -8.57 1.20 -3.73
N ALA A 185 -7.84 0.13 -4.04
CA ALA A 185 -6.48 -0.02 -3.52
C ALA A 185 -5.59 1.11 -3.99
N LEU A 186 -5.74 1.50 -5.25
CA LEU A 186 -4.91 2.58 -5.74
C LEU A 186 -5.22 3.85 -4.99
N ARG A 187 -6.50 4.11 -4.73
CA ARG A 187 -6.87 5.31 -4.01
C ARG A 187 -6.32 5.30 -2.59
N ILE A 188 -6.42 4.16 -1.91
CA ILE A 188 -5.94 4.09 -0.54
C ILE A 188 -4.43 3.95 -0.46
N GLY A 189 -3.74 3.79 -1.58
CA GLY A 189 -2.30 3.67 -1.56
C GLY A 189 -1.77 2.26 -1.39
N LEU A 190 -2.66 1.26 -1.39
CA LEU A 190 -2.20 -0.12 -1.33
C LEU A 190 -1.41 -0.51 -2.56
N VAL A 191 -1.83 -0.04 -3.74
CA VAL A 191 -1.13 -0.33 -4.98
C VAL A 191 -0.68 1.00 -5.58
N GLU A 192 0.59 1.02 -6.02
CA GLU A 192 1.14 2.21 -6.68
C GLU A 192 0.55 2.43 -8.06
N GLN A 193 0.28 1.37 -8.82
CA GLN A 193 -0.27 1.53 -10.17
C GLN A 193 -1.32 0.47 -10.49
N VAL A 194 -2.24 0.82 -11.40
CA VAL A 194 -3.29 -0.07 -11.90
C VAL A 194 -3.02 -0.28 -13.38
N VAL A 195 -3.19 -1.50 -13.84
CA VAL A 195 -2.92 -1.81 -15.23
C VAL A 195 -4.07 -2.60 -15.85
N ASP A 196 -4.12 -2.56 -17.17
CA ASP A 196 -5.14 -3.29 -17.91
C ASP A 196 -4.89 -4.79 -17.76
N SER A 197 -5.95 -5.58 -17.90
CA SER A 197 -5.81 -7.02 -17.66
C SER A 197 -4.73 -7.65 -18.54
N GLY A 198 -3.87 -8.46 -17.90
CA GLY A 198 -2.78 -9.18 -18.53
C GLY A 198 -1.50 -8.39 -18.75
N GLU A 199 -1.52 -7.07 -18.48
CA GLU A 199 -0.37 -6.20 -18.67
C GLU A 199 0.46 -6.05 -17.40
N ALA A 200 0.07 -6.70 -16.30
CA ALA A 200 0.81 -6.56 -15.06
C ALA A 200 2.22 -7.11 -15.19
N ARG A 201 2.37 -8.30 -15.78
CA ARG A 201 3.71 -8.88 -15.95
C ARG A 201 4.59 -8.00 -16.85
N GLY A 202 4.08 -7.62 -18.02
CA GLY A 202 4.90 -6.81 -18.89
C GLY A 202 5.29 -5.51 -18.23
N ALA A 203 4.31 -4.85 -17.60
CA ALA A 203 4.57 -3.57 -16.95
C ALA A 203 5.61 -3.73 -15.85
N ALA A 204 5.49 -4.80 -15.06
CA ALA A 204 6.45 -5.00 -13.98
C ALA A 204 7.87 -5.19 -14.52
N LEU A 205 8.02 -5.97 -15.59
CA LEU A 205 9.32 -6.16 -16.21
C LEU A 205 9.84 -4.85 -16.76
N LEU A 206 8.95 -4.09 -17.40
CA LEU A 206 9.37 -2.80 -17.93
C LEU A 206 9.76 -1.89 -16.78
N LEU A 207 8.95 -1.84 -15.72
CA LEU A 207 9.32 -1.01 -14.58
C LEU A 207 10.65 -1.48 -14.00
N ALA A 208 10.82 -2.81 -13.91
CA ALA A 208 12.03 -3.37 -13.35
C ALA A 208 13.24 -2.97 -14.15
N ALA A 209 13.09 -2.85 -15.47
CA ALA A 209 14.22 -2.47 -16.30
C ALA A 209 14.70 -1.06 -15.94
N LYS A 210 13.78 -0.16 -15.59
CA LYS A 210 14.17 1.21 -15.28
C LYS A 210 15.12 1.29 -14.08
N VAL A 211 14.94 0.39 -13.11
CA VAL A 211 15.79 0.34 -11.93
C VAL A 211 17.22 0.07 -12.34
N ALA A 212 17.41 -0.70 -13.41
CA ALA A 212 18.76 -0.98 -13.87
C ALA A 212 19.51 0.31 -14.19
N ARG A 213 18.78 1.41 -14.45
CA ARG A 213 19.39 2.64 -14.92
C ARG A 213 19.96 3.47 -13.77
N GLN A 214 19.72 3.05 -12.54
CA GLN A 214 20.31 3.65 -11.36
C GLN A 214 21.41 2.76 -10.85
N SER A 215 22.38 3.36 -10.18
CA SER A 215 23.56 2.64 -9.70
C SER A 215 23.22 1.45 -8.81
N PRO A 216 23.77 0.25 -9.11
CA PRO A 216 23.43 -0.94 -8.30
C PRO A 216 23.87 -0.80 -6.88
N VAL A 217 25.09 -0.33 -6.67
CA VAL A 217 25.59 -0.19 -5.31
C VAL A 217 24.75 0.82 -4.55
N ALA A 218 24.37 1.92 -5.19
CA ALA A 218 23.55 2.90 -4.49
C ALA A 218 22.24 2.28 -4.09
N ILE A 219 21.62 1.55 -5.01
CA ILE A 219 20.29 1.01 -4.74
C ILE A 219 20.30 0.12 -3.52
N ARG A 220 21.30 -0.77 -3.41
CA ARG A 220 21.32 -1.72 -2.29
C ARG A 220 21.42 -1.02 -0.95
N THR A 221 22.30 -0.03 -0.86
CA THR A 221 22.44 0.76 0.36
C THR A 221 21.23 1.63 0.65
N ILE A 222 20.67 2.27 -0.38
CA ILE A 222 19.57 3.19 -0.15
C ILE A 222 18.33 2.45 0.36
N LYS A 223 18.04 1.28 -0.19
CA LYS A 223 16.79 0.61 0.15
C LYS A 223 16.59 0.40 1.64
N PRO A 224 17.60 -0.01 2.42
CA PRO A 224 17.37 -0.14 3.86
C PRO A 224 16.97 1.18 4.49
N LEU A 225 17.50 2.30 4.02
CA LEU A 225 17.18 3.58 4.64
C LEU A 225 15.69 3.87 4.56
N ILE A 226 15.10 3.65 3.40
CA ILE A 226 13.67 3.89 3.27
C ILE A 226 12.93 3.04 4.27
N GLN A 227 13.39 1.82 4.47
CA GLN A 227 12.72 0.91 5.37
C GLN A 227 13.22 1.04 6.80
N GLY A 228 14.06 2.05 7.08
CA GLY A 228 14.54 2.22 8.43
C GLY A 228 13.45 2.54 9.43
N ALA A 229 12.42 3.26 8.99
CA ALA A 229 11.35 3.66 9.90
C ALA A 229 10.70 2.47 10.54
N ARG A 230 10.63 1.34 9.84
CA ARG A 230 10.02 0.15 10.44
C ARG A 230 10.80 -0.29 11.67
N GLU A 231 12.12 -0.27 11.59
CA GLU A 231 12.93 -0.62 12.74
C GLU A 231 12.89 0.45 13.82
N ARG A 232 12.91 1.72 13.43
CA ARG A 232 13.09 2.81 14.38
C ARG A 232 12.47 4.10 13.84
N ALA A 233 12.41 5.09 14.71
CA ALA A 233 11.88 6.38 14.36
C ALA A 233 12.66 6.97 13.20
N PRO A 234 12.01 7.70 12.29
CA PRO A 234 12.77 8.23 11.15
C PRO A 234 13.87 9.12 11.60
N ASN A 235 13.62 9.94 12.63
CA ASN A 235 14.60 10.93 12.99
C ASN A 235 15.93 10.31 13.39
N THR A 236 15.90 9.11 13.96
CA THR A 236 17.13 8.45 14.40
C THR A 236 18.05 8.08 13.24
N TRP A 237 17.48 7.77 12.08
CA TRP A 237 18.28 7.34 10.93
C TRP A 237 19.03 8.46 10.22
N LEU A 238 18.76 9.74 10.48
CA LEU A 238 19.41 10.78 9.69
C LEU A 238 20.94 10.79 9.75
N PRO A 239 21.59 10.67 10.92
CA PRO A 239 23.07 10.67 10.91
C PRO A 239 23.63 9.55 10.07
N GLU A 240 23.00 8.38 10.12
CA GLU A 240 23.42 7.28 9.29
C GLU A 240 23.26 7.60 7.80
N GLU A 241 22.18 8.31 7.44
CA GLU A 241 22.00 8.62 6.03
C GLU A 241 23.22 9.37 5.54
N ARG A 242 23.67 10.36 6.32
CA ARG A 242 24.85 11.10 5.91
C ARG A 242 26.07 10.19 5.83
N GLU A 243 26.21 9.27 6.78
CA GLU A 243 27.36 8.37 6.78
C GLU A 243 27.37 7.47 5.55
N ARG A 244 26.22 6.90 5.21
CA ARG A 244 26.18 5.99 4.08
C ARG A 244 26.45 6.74 2.79
N PHE A 245 25.92 7.96 2.70
CA PHE A 245 26.21 8.83 1.56
C PHE A 245 27.71 8.99 1.37
N VAL A 246 28.43 9.22 2.47
CA VAL A 246 29.87 9.36 2.34
C VAL A 246 30.47 8.02 1.92
N ASP A 247 29.95 6.91 2.45
CA ASP A 247 30.50 5.63 2.02
C ASP A 247 30.27 5.43 0.53
N LEU A 248 29.07 5.77 0.04
CA LEU A 248 28.88 5.60 -1.38
C LEU A 248 29.90 6.43 -2.12
N PHE A 249 30.10 7.68 -1.67
CA PHE A 249 31.00 8.59 -2.36
C PHE A 249 32.40 8.00 -2.49
N ASP A 250 32.83 7.21 -1.52
CA ASP A 250 34.16 6.62 -1.62
C ASP A 250 34.11 5.35 -2.47
N ALA A 251 33.64 5.50 -3.71
CA ALA A 251 33.64 4.37 -4.63
C ALA A 251 33.64 4.89 -6.07
N GLN A 252 34.27 4.11 -6.96
CA GLN A 252 34.30 4.46 -8.38
C GLN A 252 32.90 4.59 -8.97
N ASP A 253 32.01 3.67 -8.60
CA ASP A 253 30.65 3.65 -9.15
C ASP A 253 29.95 5.00 -8.97
N THR A 254 30.16 5.66 -7.84
CA THR A 254 29.54 6.95 -7.56
C THR A 254 30.08 8.06 -8.49
N ARG A 255 31.39 8.08 -8.77
CA ARG A 255 32.00 9.10 -9.63
C ARG A 255 31.41 9.04 -11.05
N GLU A 256 31.05 7.85 -11.51
CA GLU A 256 30.50 7.73 -12.85
C GLU A 256 29.16 8.44 -12.97
N GLY A 257 28.28 8.25 -11.99
CA GLY A 257 26.97 8.88 -12.07
C GLY A 257 27.06 10.39 -12.13
N VAL A 258 27.91 10.98 -11.28
CA VAL A 258 28.07 12.43 -11.31
C VAL A 258 28.62 12.86 -12.65
N ASN A 259 29.55 12.10 -13.20
CA ASN A 259 30.13 12.49 -14.46
C ASN A 259 29.04 12.53 -15.54
N ALA A 260 28.17 11.52 -15.54
CA ALA A 260 27.16 11.39 -16.59
C ALA A 260 26.23 12.59 -16.65
N PHE A 261 25.73 13.07 -15.51
CA PHE A 261 24.86 14.26 -15.50
C PHE A 261 25.61 15.50 -15.97
N LEU A 262 26.90 15.62 -15.61
CA LEU A 262 27.66 16.80 -15.98
C LEU A 262 27.83 16.95 -17.50
N GLU A 263 28.17 15.88 -18.19
CA GLU A 263 28.29 15.88 -19.64
C GLU A 263 27.00 15.50 -20.35
N LYS A 264 25.91 15.33 -19.60
CA LYS A 264 24.60 15.01 -20.16
C LYS A 264 24.58 13.70 -20.95
N ARG A 265 25.37 12.70 -20.50
CA ARG A 265 25.35 11.34 -21.07
C ARG A 265 24.85 10.33 -20.06
N ASP A 266 24.40 9.21 -20.58
CA ASP A 266 23.88 8.14 -19.75
C ASP A 266 24.97 7.60 -18.83
N PRO A 267 24.68 7.38 -17.55
CA PRO A 267 25.69 6.83 -16.62
C PRO A 267 25.95 5.38 -16.95
N LYS A 268 27.22 4.98 -16.82
CA LYS A 268 27.64 3.60 -17.09
C LYS A 268 28.40 3.00 -15.90
N TRP A 269 27.83 1.97 -15.28
CA TRP A 269 28.47 1.28 -14.16
C TRP A 269 28.45 -0.22 -14.37
N ARG A 270 29.33 -0.91 -13.65
CA ARG A 270 29.40 -2.37 -13.72
C ARG A 270 28.09 -3.02 -13.29
N LYS B 9 11.98 39.34 7.90
CA LYS B 9 12.92 39.68 8.98
C LYS B 9 14.32 39.88 8.42
N ALA B 10 15.34 39.48 9.17
CA ALA B 10 16.73 39.64 8.72
C ALA B 10 17.01 41.10 8.41
N SER B 11 16.52 42.00 9.27
CA SER B 11 16.63 43.42 8.97
C SER B 11 18.07 43.91 8.98
N SER B 12 18.87 43.46 9.94
CA SER B 12 20.28 43.83 10.03
C SER B 12 21.07 42.55 10.34
N PHE B 13 21.24 41.68 9.34
CA PHE B 13 22.00 40.46 9.55
C PHE B 13 22.78 40.13 8.28
N ASP B 14 23.82 39.32 8.45
CA ASP B 14 24.77 39.02 7.37
C ASP B 14 24.27 37.83 6.58
N ASP B 15 23.76 38.07 5.38
CA ASP B 15 23.23 37.01 4.54
C ASP B 15 23.76 37.10 3.12
N THR B 16 23.98 35.96 2.51
CA THR B 16 24.34 35.86 1.10
C THR B 16 23.28 36.54 0.24
N HIS B 17 23.77 37.22 -0.80
N HIS B 17 23.76 37.27 -0.79
CA HIS B 17 22.90 37.83 -1.82
CA HIS B 17 22.86 37.85 -1.80
C HIS B 17 21.80 36.88 -2.32
C HIS B 17 21.77 36.87 -2.27
N LYS B 18 22.01 35.57 -2.15
CA LYS B 18 21.21 34.60 -2.90
C LYS B 18 19.85 34.29 -2.25
N LEU B 19 19.71 34.54 -0.97
CA LEU B 19 18.42 34.36 -0.33
C LEU B 19 17.82 35.74 -0.10
N THR B 20 16.59 35.95 -0.57
CA THR B 20 15.96 37.23 -0.39
C THR B 20 14.81 37.03 0.58
N VAL B 21 14.79 37.87 1.60
CA VAL B 21 13.79 37.82 2.65
C VAL B 21 13.03 39.13 2.61
N GLU B 22 11.72 39.03 2.48
CA GLU B 22 10.84 40.18 2.57
C GLU B 22 9.84 39.82 3.65
N LYS B 23 9.52 40.79 4.49
CA LYS B 23 8.59 40.56 5.57
C LYS B 23 7.23 41.10 5.12
N HIS B 24 6.25 40.21 5.06
CA HIS B 24 4.88 40.59 4.74
C HIS B 24 4.07 40.27 5.98
N GLY B 25 3.54 41.29 6.63
CA GLY B 25 2.81 41.03 7.85
C GLY B 25 3.66 40.20 8.79
N HIS B 26 3.08 39.13 9.30
CA HIS B 26 3.78 38.26 10.21
C HIS B 26 4.45 37.12 9.48
N THR B 27 4.48 37.19 8.17
CA THR B 27 5.08 36.14 7.38
C THR B 27 6.37 36.65 6.75
N ALA B 28 7.42 35.87 6.90
CA ALA B 28 8.71 36.19 6.33
C ALA B 28 8.84 35.37 5.04
N LEU B 29 9.13 36.06 3.94
CA LEU B 29 9.21 35.42 2.63
C LEU B 29 10.67 35.22 2.26
N ILE B 30 11.05 33.96 2.06
CA ILE B 30 12.42 33.60 1.72
C ILE B 30 12.44 33.06 0.31
N THR B 31 13.27 33.64 -0.53
CA THR B 31 13.34 33.22 -1.90
C THR B 31 14.77 32.84 -2.24
N ILE B 32 14.95 31.66 -2.81
CA ILE B 32 16.26 31.29 -3.32
C ILE B 32 16.51 32.10 -4.59
N ASN B 33 17.68 32.69 -4.69
CA ASN B 33 18.04 33.54 -5.79
C ASN B 33 19.42 33.09 -6.30
N HIS B 34 19.45 31.94 -6.97
CA HIS B 34 20.67 31.41 -7.58
C HIS B 34 20.43 31.18 -9.07
N PRO B 35 21.24 31.77 -9.96
CA PRO B 35 21.04 31.48 -11.38
C PRO B 35 21.82 30.31 -11.90
N PRO B 36 21.24 29.63 -12.88
CA PRO B 36 19.92 29.88 -13.48
C PRO B 36 18.89 28.95 -12.93
N ALA B 37 19.42 28.00 -12.17
CA ALA B 37 18.66 26.87 -11.69
C ALA B 37 18.24 26.97 -10.22
N ASN B 38 18.63 28.04 -9.51
CA ASN B 38 18.34 28.18 -8.08
C ASN B 38 18.91 27.00 -7.30
N THR B 39 20.03 26.48 -7.77
CA THR B 39 20.66 25.34 -7.14
C THR B 39 21.27 25.69 -5.78
N TRP B 40 21.15 24.75 -4.84
CA TRP B 40 21.69 24.97 -3.49
C TRP B 40 23.21 25.03 -3.48
N ASP B 41 23.75 25.89 -2.62
CA ASP B 41 25.20 26.05 -2.49
C ASP B 41 25.57 26.17 -1.02
N ARG B 42 26.85 25.99 -0.74
CA ARG B 42 27.31 26.03 0.64
C ARG B 42 26.96 27.35 1.31
N ASP B 43 27.08 28.45 0.56
CA ASP B 43 26.80 29.74 1.14
C ASP B 43 25.33 29.85 1.55
N SER B 44 24.41 29.37 0.68
CA SER B 44 22.97 29.40 0.97
C SER B 44 22.59 28.48 2.11
N LEU B 45 23.23 27.31 2.21
CA LEU B 45 22.90 26.38 3.29
C LEU B 45 23.15 27.03 4.64
N ILE B 46 24.29 27.71 4.79
CA ILE B 46 24.57 28.38 6.06
C ILE B 46 23.54 29.45 6.33
N GLY B 47 23.23 30.26 5.31
CA GLY B 47 22.28 31.32 5.51
C GLY B 47 20.95 30.78 5.96
N LEU B 48 20.56 29.64 5.38
CA LEU B 48 19.29 29.05 5.73
C LEU B 48 19.24 28.74 7.21
N ARG B 49 20.26 28.04 7.71
CA ARG B 49 20.24 27.68 9.13
C ARG B 49 20.26 28.92 9.99
N GLN B 50 21.13 29.89 9.67
CA GLN B 50 21.16 31.12 10.43
C GLN B 50 19.86 31.88 10.28
N LEU B 51 19.33 31.96 9.07
CA LEU B 51 18.07 32.67 8.89
C LEU B 51 16.97 32.05 9.73
N ILE B 52 16.91 30.73 9.75
CA ILE B 52 15.87 30.05 10.52
C ILE B 52 16.01 30.41 11.98
N GLU B 53 17.25 30.42 12.45
CA GLU B 53 17.50 30.77 13.84
C GLU B 53 17.04 32.19 14.14
N HIS B 54 17.36 33.13 13.25
CA HIS B 54 16.94 34.52 13.46
C HIS B 54 15.43 34.64 13.38
N LEU B 55 14.82 33.96 12.42
CA LEU B 55 13.38 34.00 12.32
C LEU B 55 12.76 33.48 13.61
N ASN B 56 13.37 32.45 14.18
CA ASN B 56 12.90 31.89 15.43
C ASN B 56 12.94 32.90 16.57
N ARG B 57 13.96 33.75 16.61
CA ARG B 57 14.04 34.75 17.67
C ARG B 57 12.99 35.85 17.53
N ASP B 58 12.69 36.26 16.30
CA ASP B 58 11.73 37.33 16.08
C ASP B 58 10.33 36.89 16.48
N ASP B 59 9.66 37.71 17.29
CA ASP B 59 8.32 37.41 17.75
C ASP B 59 7.24 37.98 16.84
N ASP B 60 7.64 38.76 15.86
CA ASP B 60 6.73 39.37 14.90
C ASP B 60 6.42 38.44 13.73
N ILE B 61 7.04 37.27 13.66
CA ILE B 61 6.86 36.36 12.53
C ILE B 61 6.11 35.10 12.96
N TYR B 62 4.98 34.81 12.29
CA TYR B 62 4.21 33.61 12.58
C TYR B 62 4.24 32.56 11.46
N ALA B 63 4.65 32.91 10.23
CA ALA B 63 4.66 32.00 9.11
C ALA B 63 5.87 32.20 8.21
N LEU B 64 6.21 31.14 7.48
CA LEU B 64 7.34 31.14 6.54
C LEU B 64 6.98 30.54 5.20
N VAL B 65 7.41 31.20 4.12
CA VAL B 65 7.19 30.74 2.77
C VAL B 65 8.53 30.68 2.04
N VAL B 66 8.79 29.59 1.30
CA VAL B 66 10.01 29.39 0.51
C VAL B 66 9.65 29.16 -0.96
N THR B 67 10.29 29.91 -1.85
CA THR B 67 10.03 29.82 -3.28
C THR B 67 11.35 30.05 -4.04
N GLY B 68 11.40 29.61 -5.27
CA GLY B 68 12.57 29.81 -6.13
C GLY B 68 12.44 30.99 -7.06
N GLN B 69 13.51 31.76 -7.19
CA GLN B 69 13.53 32.87 -8.12
C GLN B 69 13.35 32.37 -9.55
N GLY B 70 12.61 33.13 -10.34
CA GLY B 70 12.33 32.77 -11.70
C GLY B 70 11.11 31.88 -11.72
N PRO B 71 10.40 31.84 -12.86
CA PRO B 71 9.21 30.98 -12.90
C PRO B 71 9.56 29.50 -12.98
N LYS B 72 10.70 29.18 -13.60
CA LYS B 72 10.97 27.83 -14.04
C LYS B 72 11.49 26.89 -12.95
N PHE B 73 12.21 27.42 -11.96
CA PHE B 73 12.89 26.58 -10.97
C PHE B 73 12.62 27.07 -9.56
N PHE B 74 11.84 26.31 -8.80
CA PHE B 74 11.87 26.45 -7.35
C PHE B 74 13.27 26.13 -6.83
N SER B 75 13.82 25.00 -7.26
CA SER B 75 15.16 24.59 -6.89
C SER B 75 15.68 23.52 -7.83
N ALA B 76 16.93 23.65 -8.22
CA ALA B 76 17.55 22.67 -9.09
C ALA B 76 18.18 21.53 -8.31
N GLY B 77 18.08 21.59 -7.00
CA GLY B 77 18.79 20.65 -6.19
C GLY B 77 20.13 21.25 -5.89
N ALA B 78 21.04 20.37 -5.52
CA ALA B 78 22.40 20.73 -5.15
C ALA B 78 23.24 21.21 -6.33
N ASP B 79 24.09 22.21 -6.08
CA ASP B 79 24.99 22.72 -7.10
C ASP B 79 26.04 21.66 -7.44
N LEU B 80 26.39 21.61 -8.72
CA LEU B 80 27.35 20.64 -9.21
C LEU B 80 28.76 20.86 -8.64
N ASN B 81 29.16 22.13 -8.49
CA ASN B 81 30.49 22.45 -7.97
C ASN B 81 30.72 21.91 -6.56
N MET B 82 29.69 21.95 -5.70
CA MET B 82 29.89 21.50 -4.33
C MET B 82 30.18 20.01 -4.27
N PHE B 83 29.49 19.20 -5.08
CA PHE B 83 29.73 17.75 -5.13
C PHE B 83 30.67 17.35 -6.24
N ALA B 84 31.42 18.28 -6.78
CA ALA B 84 32.42 17.96 -7.78
C ALA B 84 33.44 16.98 -7.20
N ASP B 85 33.79 16.00 -8.04
CA ASP B 85 34.78 14.95 -7.85
C ASP B 85 36.11 15.63 -7.64
N GLY B 86 36.98 15.10 -6.79
CA GLY B 86 36.73 13.81 -6.17
C GLY B 86 36.97 13.78 -4.69
N ASP B 87 37.22 14.94 -4.11
CA ASP B 87 37.57 15.01 -2.68
C ASP B 87 36.46 14.42 -1.83
N LYS B 88 36.84 13.47 -0.98
CA LYS B 88 35.89 12.84 -0.08
C LYS B 88 35.51 13.81 0.99
N ALA B 89 36.45 14.65 1.41
CA ALA B 89 36.20 15.63 2.45
C ALA B 89 35.06 16.57 2.07
N ARG B 90 35.07 17.09 0.84
CA ARG B 90 34.04 18.04 0.45
C ARG B 90 32.66 17.44 0.59
N ALA B 91 32.51 16.19 0.17
CA ALA B 91 31.20 15.56 0.14
C ALA B 91 30.65 15.37 1.54
N ARG B 92 31.50 14.96 2.49
CA ARG B 92 31.08 14.80 3.86
C ARG B 92 30.59 16.12 4.42
N GLU B 93 31.38 17.18 4.24
CA GLU B 93 30.97 18.47 4.77
C GLU B 93 29.69 18.95 4.11
N MET B 94 29.59 18.80 2.79
CA MET B 94 28.35 19.23 2.13
C MET B 94 27.13 18.47 2.64
N ALA B 95 27.24 17.17 2.88
CA ALA B 95 26.09 16.45 3.40
C ALA B 95 25.71 17.01 4.76
N ARG B 96 26.70 17.37 5.57
CA ARG B 96 26.45 17.84 6.91
C ARG B 96 25.61 19.13 6.90
N ARG B 97 25.93 20.08 6.00
CA ARG B 97 25.19 21.34 5.89
C ARG B 97 23.76 21.12 5.46
N PHE B 98 23.54 20.19 4.53
CA PHE B 98 22.18 19.93 4.12
C PHE B 98 21.33 19.52 5.31
N GLY B 99 21.85 18.63 6.13
CA GLY B 99 21.08 18.18 7.28
C GLY B 99 20.81 19.30 8.27
N GLU B 100 21.86 20.04 8.63
CA GLU B 100 21.70 21.15 9.58
C GLU B 100 20.74 22.19 9.03
N ALA B 101 20.93 22.55 7.75
CA ALA B 101 20.09 23.56 7.16
C ALA B 101 18.66 23.08 7.08
N PHE B 102 18.43 21.89 6.52
CA PHE B 102 17.05 21.44 6.36
C PHE B 102 16.37 21.15 7.67
N GLU B 103 17.08 20.57 8.62
CA GLU B 103 16.46 20.35 9.92
C GLU B 103 16.09 21.67 10.55
N ALA B 104 16.95 22.69 10.38
CA ALA B 104 16.61 24.00 10.93
C ALA B 104 15.30 24.49 10.35
N LEU B 105 15.14 24.37 9.03
CA LEU B 105 13.88 24.74 8.43
C LEU B 105 12.76 23.85 8.95
N ARG B 106 13.06 22.58 9.13
CA ARG B 106 12.09 21.65 9.66
C ARG B 106 11.66 22.03 11.06
N ASP B 107 12.60 22.59 11.83
CA ASP B 107 12.41 22.94 13.22
C ASP B 107 11.90 24.35 13.43
N PHE B 108 11.51 25.07 12.36
CA PHE B 108 11.00 26.43 12.55
C PHE B 108 9.73 26.36 13.39
N ARG B 109 9.68 27.21 14.43
CA ARG B 109 8.52 27.25 15.33
C ARG B 109 7.26 27.72 14.60
N GLY B 110 7.40 28.67 13.70
CA GLY B 110 6.28 29.11 12.89
C GLY B 110 6.03 28.16 11.74
N VAL B 111 4.84 28.27 11.15
CA VAL B 111 4.52 27.40 10.02
C VAL B 111 5.37 27.74 8.79
N SER B 112 5.81 26.69 8.09
CA SER B 112 6.61 26.78 6.87
C SER B 112 5.76 26.30 5.70
N ILE B 113 5.67 27.11 4.66
CA ILE B 113 4.89 26.80 3.46
C ILE B 113 5.83 26.83 2.28
N ALA B 114 5.80 25.78 1.47
CA ALA B 114 6.64 25.71 0.29
C ALA B 114 5.81 25.94 -0.96
N ALA B 115 6.15 26.99 -1.69
CA ALA B 115 5.50 27.28 -2.94
C ALA B 115 6.43 26.77 -4.03
N ILE B 116 5.98 25.73 -4.73
CA ILE B 116 6.78 25.07 -5.76
C ILE B 116 6.46 25.83 -7.01
N ASN B 117 7.38 26.72 -7.38
CA ASN B 117 7.15 27.56 -8.53
C ASN B 117 7.82 27.00 -9.77
N GLY B 118 8.71 26.04 -9.59
CA GLY B 118 9.47 25.46 -10.68
C GLY B 118 9.85 24.02 -10.44
N TYR B 119 10.69 23.48 -11.32
CA TYR B 119 11.17 22.12 -11.14
C TYR B 119 11.81 21.98 -9.77
N ALA B 120 11.38 20.99 -9.01
CA ALA B 120 11.94 20.72 -7.70
C ALA B 120 12.53 19.32 -7.75
N MET B 121 13.85 19.22 -7.78
CA MET B 121 14.49 17.94 -7.90
C MET B 121 15.72 17.90 -7.01
N GLY B 122 16.02 16.68 -6.57
CA GLY B 122 17.13 16.46 -5.66
C GLY B 122 16.95 17.25 -4.38
N GLY B 123 17.94 18.10 -4.10
CA GLY B 123 17.89 18.87 -2.86
C GLY B 123 16.63 19.70 -2.76
N GLY B 124 16.17 20.24 -3.89
CA GLY B 124 15.00 21.08 -3.84
C GLY B 124 13.79 20.36 -3.28
N LEU B 125 13.55 19.13 -3.73
CA LEU B 125 12.45 18.33 -3.20
C LEU B 125 12.66 18.03 -1.72
N GLU B 126 13.89 17.69 -1.35
CA GLU B 126 14.20 17.45 0.05
C GLU B 126 13.96 18.72 0.85
N CYS B 127 14.33 19.86 0.27
CA CYS B 127 14.08 21.15 0.91
C CYS B 127 12.60 21.38 1.10
N ALA B 128 11.81 21.05 0.08
CA ALA B 128 10.37 21.23 0.16
C ALA B 128 9.78 20.34 1.24
N LEU B 129 10.30 19.12 1.34
CA LEU B 129 9.81 18.18 2.33
C LEU B 129 10.03 18.71 3.73
N ALA B 130 11.11 19.47 3.96
CA ALA B 130 11.32 20.09 5.28
C ALA B 130 10.19 21.05 5.64
N CYS B 131 9.60 21.71 4.65
CA CYS B 131 8.49 22.63 4.87
C CYS B 131 7.25 21.89 5.39
N ASP B 132 6.46 22.61 6.17
CA ASP B 132 5.26 21.99 6.73
C ASP B 132 4.23 21.68 5.67
N ILE B 133 4.00 22.60 4.74
CA ILE B 133 2.97 22.45 3.73
C ILE B 133 3.57 22.80 2.39
N ARG B 134 3.14 22.10 1.35
CA ARG B 134 3.67 22.33 0.02
C ARG B 134 2.54 22.68 -0.91
N ILE B 135 2.74 23.77 -1.64
CA ILE B 135 1.83 24.26 -2.66
C ILE B 135 2.62 24.26 -3.95
N ALA B 136 2.07 23.66 -5.00
CA ALA B 136 2.79 23.52 -6.26
C ALA B 136 2.01 23.98 -7.48
N GLU B 137 2.77 24.52 -8.43
CA GLU B 137 2.27 24.89 -9.75
C GLU B 137 2.04 23.65 -10.60
N ARG B 138 0.99 23.69 -11.43
CA ARG B 138 0.62 22.51 -12.20
C ARG B 138 1.76 22.00 -13.08
N GLN B 139 2.61 22.89 -13.57
CA GLN B 139 3.64 22.48 -14.53
C GLN B 139 4.90 21.96 -13.85
N ALA B 140 5.09 22.30 -12.59
CA ALA B 140 6.28 21.89 -11.87
C ALA B 140 6.39 20.37 -11.78
N GLN B 141 7.61 19.86 -11.91
CA GLN B 141 7.88 18.43 -11.81
C GLN B 141 8.88 18.17 -10.71
N MET B 142 8.59 17.17 -9.87
CA MET B 142 9.45 16.86 -8.73
C MET B 142 9.92 15.42 -8.77
N ALA B 143 11.22 15.23 -8.56
CA ALA B 143 11.77 13.90 -8.53
C ALA B 143 13.08 13.89 -7.77
N LEU B 144 13.44 12.69 -7.28
CA LEU B 144 14.75 12.53 -6.69
C LEU B 144 15.62 11.72 -7.64
N PRO B 145 16.63 12.33 -8.28
CA PRO B 145 17.42 11.62 -9.29
C PRO B 145 18.78 11.19 -8.78
N GLU B 146 19.05 11.37 -7.50
CA GLU B 146 20.39 11.11 -7.00
C GLU B 146 20.78 9.65 -7.25
N ALA B 147 19.82 8.72 -7.17
CA ALA B 147 20.21 7.34 -7.40
C ALA B 147 20.76 7.15 -8.81
N ALA B 148 20.21 7.86 -9.79
CA ALA B 148 20.72 7.74 -11.15
C ALA B 148 22.17 8.18 -11.18
N VAL B 149 22.53 9.12 -10.32
CA VAL B 149 23.90 9.60 -10.29
C VAL B 149 24.74 8.78 -9.30
N GLY B 150 24.16 7.79 -8.63
CA GLY B 150 24.91 6.97 -7.70
C GLY B 150 25.07 7.52 -6.30
N LEU B 151 24.34 8.59 -5.99
CA LEU B 151 24.35 9.26 -4.71
C LEU B 151 22.95 9.14 -4.11
N LEU B 152 22.87 8.86 -2.83
CA LEU B 152 21.58 8.88 -2.17
C LEU B 152 21.18 10.30 -1.75
N PRO B 153 19.90 10.55 -1.49
CA PRO B 153 19.51 11.83 -0.90
C PRO B 153 20.15 11.97 0.47
N CYS B 154 20.90 13.04 0.68
CA CYS B 154 21.54 13.20 1.97
C CYS B 154 20.85 14.25 2.79
N ALA B 155 19.73 14.76 2.29
CA ALA B 155 19.02 15.79 2.98
C ALA B 155 17.88 15.25 3.81
N GLY B 156 17.90 13.96 4.09
CA GLY B 156 16.81 13.34 4.78
C GLY B 156 15.74 12.88 3.86
N GLY B 157 16.01 12.94 2.56
CA GLY B 157 15.03 12.54 1.58
C GLY B 157 14.57 11.12 1.77
N THR B 158 15.49 10.26 2.18
CA THR B 158 15.15 8.86 2.42
C THR B 158 14.12 8.72 3.51
N GLN B 159 14.25 9.53 4.56
CA GLN B 159 13.27 9.53 5.64
C GLN B 159 12.01 10.31 5.28
N ALA B 160 12.21 11.50 4.70
CA ALA B 160 11.09 12.39 4.46
C ALA B 160 10.10 11.83 3.46
N LEU B 161 10.58 11.36 2.31
CA LEU B 161 9.64 11.00 1.24
C LEU B 161 8.68 9.87 1.61
N PRO B 162 9.12 8.75 2.20
CA PRO B 162 8.17 7.68 2.54
C PRO B 162 7.21 8.07 3.63
N TRP B 163 7.59 9.03 4.45
CA TRP B 163 6.71 9.50 5.52
C TRP B 163 5.47 10.17 4.94
N LEU B 164 5.66 11.10 4.00
CA LEU B 164 4.54 11.77 3.37
C LEU B 164 3.79 10.86 2.41
N VAL B 165 4.49 10.17 1.51
CA VAL B 165 3.79 9.45 0.45
C VAL B 165 3.79 7.95 0.62
N GLY B 166 4.43 7.41 1.65
CA GLY B 166 4.53 5.98 1.80
C GLY B 166 5.78 5.41 1.14
N GLU B 167 6.17 4.22 1.56
CA GLU B 167 7.37 3.59 1.04
C GLU B 167 7.27 3.27 -0.45
N GLY B 168 6.13 2.73 -0.88
CA GLY B 168 6.04 2.26 -2.26
C GLY B 168 6.27 3.37 -3.26
N TRP B 169 5.52 4.46 -3.13
CA TRP B 169 5.69 5.58 -4.03
C TRP B 169 7.06 6.21 -3.83
N ALA B 170 7.54 6.27 -2.60
CA ALA B 170 8.87 6.82 -2.35
C ALA B 170 9.93 6.05 -3.12
N LYS B 171 9.85 4.72 -3.09
CA LYS B 171 10.85 3.87 -3.72
C LYS B 171 10.92 4.09 -5.22
N ARG B 172 9.77 4.20 -5.87
CA ARG B 172 9.78 4.38 -7.32
C ARG B 172 10.51 5.67 -7.68
N MET B 173 10.19 6.78 -7.00
CA MET B 173 10.86 8.02 -7.36
C MET B 173 12.35 7.90 -7.17
N ILE B 174 12.77 7.51 -5.99
CA ILE B 174 14.21 7.43 -5.78
C ILE B 174 14.81 6.21 -6.46
N LEU B 175 14.33 5.00 -6.14
CA LEU B 175 14.93 3.80 -6.73
C LEU B 175 14.71 3.70 -8.22
N CYS B 176 13.51 4.02 -8.72
CA CYS B 176 13.32 3.92 -10.16
C CYS B 176 13.62 5.21 -10.88
N ASN B 177 13.92 6.28 -10.15
CA ASN B 177 14.25 7.59 -10.73
C ASN B 177 13.10 8.09 -11.61
N GLU B 178 11.90 8.10 -11.06
CA GLU B 178 10.71 8.51 -11.79
C GLU B 178 10.19 9.82 -11.21
N ARG B 179 9.99 10.81 -12.11
CA ARG B 179 9.47 12.11 -11.75
C ARG B 179 7.95 12.17 -11.77
N VAL B 180 7.41 13.04 -10.93
CA VAL B 180 5.97 13.16 -10.74
C VAL B 180 5.52 14.59 -10.98
N ASP B 181 4.41 14.72 -11.70
CA ASP B 181 3.74 15.97 -11.93
C ASP B 181 2.90 16.28 -10.69
N ALA B 182 2.35 17.50 -10.66
CA ALA B 182 1.56 17.95 -9.52
C ALA B 182 0.32 17.09 -9.28
N GLU B 183 -0.38 16.70 -10.35
CA GLU B 183 -1.60 15.91 -10.12
C GLU B 183 -1.26 14.61 -9.42
N THR B 184 -0.13 14.01 -9.85
CA THR B 184 0.37 12.79 -9.23
C THR B 184 0.78 13.04 -7.79
N ALA B 185 1.53 14.12 -7.56
CA ALA B 185 1.99 14.45 -6.22
C ALA B 185 0.83 14.73 -5.30
N LEU B 186 -0.13 15.50 -5.77
CA LEU B 186 -1.30 15.79 -4.96
C LEU B 186 -2.04 14.52 -4.64
N ARG B 187 -2.16 13.64 -5.63
CA ARG B 187 -2.89 12.39 -5.46
C ARG B 187 -2.23 11.50 -4.41
N ILE B 188 -0.90 11.39 -4.47
CA ILE B 188 -0.16 10.54 -3.54
C ILE B 188 0.11 11.20 -2.18
N GLY B 189 -0.32 12.44 -1.96
CA GLY B 189 -0.09 13.10 -0.70
C GLY B 189 1.21 13.86 -0.60
N LEU B 190 1.96 13.91 -1.69
CA LEU B 190 3.20 14.66 -1.67
C LEU B 190 2.96 16.16 -1.41
N VAL B 191 1.95 16.74 -2.05
CA VAL B 191 1.63 18.16 -1.92
C VAL B 191 0.19 18.30 -1.43
N GLU B 192 -0.02 19.23 -0.50
CA GLU B 192 -1.36 19.50 0.03
C GLU B 192 -2.30 20.14 -1.00
N GLN B 193 -1.80 21.07 -1.81
CA GLN B 193 -2.66 21.78 -2.74
C GLN B 193 -1.98 21.98 -4.09
N VAL B 194 -2.79 22.03 -5.14
CA VAL B 194 -2.28 22.27 -6.49
C VAL B 194 -2.86 23.62 -6.92
N VAL B 195 -1.99 24.42 -7.52
CA VAL B 195 -2.33 25.78 -7.88
C VAL B 195 -2.03 26.00 -9.34
N ASP B 196 -2.69 27.01 -9.86
CA ASP B 196 -2.52 27.43 -11.23
C ASP B 196 -1.14 28.07 -11.39
N SER B 197 -0.60 28.02 -12.60
CA SER B 197 0.77 28.44 -12.81
C SER B 197 0.97 29.87 -12.36
N GLY B 198 2.03 30.08 -11.58
CA GLY B 198 2.39 31.39 -11.08
C GLY B 198 1.66 31.89 -9.85
N GLU B 199 0.62 31.19 -9.37
CA GLU B 199 -0.14 31.67 -8.21
C GLU B 199 0.36 31.04 -6.92
N ALA B 200 1.40 30.21 -7.00
CA ALA B 200 1.90 29.50 -5.83
C ALA B 200 2.32 30.46 -4.73
N ARG B 201 3.11 31.47 -5.10
CA ARG B 201 3.55 32.42 -4.08
C ARG B 201 2.37 33.14 -3.46
N GLY B 202 1.46 33.64 -4.29
CA GLY B 202 0.32 34.34 -3.73
C GLY B 202 -0.51 33.43 -2.86
N ALA B 203 -0.76 32.22 -3.33
CA ALA B 203 -1.52 31.26 -2.54
C ALA B 203 -0.78 30.91 -1.26
N ALA B 204 0.54 30.76 -1.34
CA ALA B 204 1.31 30.43 -0.15
C ALA B 204 1.18 31.54 0.88
N LEU B 205 1.43 32.77 0.44
CA LEU B 205 1.32 33.93 1.31
C LEU B 205 -0.08 34.06 1.84
N LEU B 206 -1.07 33.84 0.97
CA LEU B 206 -2.42 33.93 1.44
C LEU B 206 -2.63 32.90 2.52
N LEU B 207 -2.21 31.67 2.28
CA LEU B 207 -2.35 30.65 3.31
C LEU B 207 -1.54 31.04 4.53
N ALA B 208 -0.36 31.64 4.31
CA ALA B 208 0.43 32.11 5.44
C ALA B 208 -0.26 33.23 6.20
N ALA B 209 -1.07 34.05 5.54
CA ALA B 209 -1.82 35.03 6.31
C ALA B 209 -2.75 34.33 7.29
N LYS B 210 -3.27 33.15 6.94
CA LYS B 210 -4.19 32.46 7.85
C LYS B 210 -3.54 32.08 9.17
N VAL B 211 -2.29 31.62 9.14
CA VAL B 211 -1.67 31.22 10.40
C VAL B 211 -1.54 32.39 11.34
N ALA B 212 -1.34 33.60 10.80
CA ALA B 212 -1.26 34.75 11.68
C ALA B 212 -2.52 34.84 12.54
N ARG B 213 -3.65 34.33 12.04
CA ARG B 213 -4.91 34.44 12.77
C ARG B 213 -4.94 33.51 13.97
N GLN B 214 -4.06 32.52 14.03
CA GLN B 214 -4.05 31.61 15.16
C GLN B 214 -3.03 32.06 16.20
N SER B 215 -3.27 31.68 17.46
CA SER B 215 -2.45 32.15 18.55
C SER B 215 -1.00 31.79 18.31
N PRO B 216 -0.06 32.73 18.37
CA PRO B 216 1.34 32.38 18.10
C PRO B 216 1.89 31.38 19.08
N VAL B 217 1.60 31.56 20.36
CA VAL B 217 2.16 30.66 21.36
C VAL B 217 1.65 29.23 21.13
N ALA B 218 0.36 29.06 20.81
CA ALA B 218 -0.15 27.71 20.55
C ALA B 218 0.53 27.09 19.34
N ILE B 219 0.70 27.86 18.27
CA ILE B 219 1.30 27.29 17.06
C ILE B 219 2.68 26.75 17.35
N ARG B 220 3.50 27.54 18.03
CA ARG B 220 4.87 27.10 18.27
C ARG B 220 4.91 25.83 19.10
N THR B 221 4.12 25.77 20.16
CA THR B 221 4.11 24.58 21.00
C THR B 221 3.43 23.38 20.34
N ILE B 222 2.34 23.58 19.59
CA ILE B 222 1.62 22.46 18.97
C ILE B 222 2.45 21.75 17.90
N LYS B 223 3.21 22.51 17.11
CA LYS B 223 3.91 21.91 15.97
C LYS B 223 4.84 20.77 16.37
N PRO B 224 5.61 20.83 17.46
CA PRO B 224 6.40 19.65 17.83
C PRO B 224 5.56 18.42 18.12
N LEU B 225 4.36 18.58 18.68
CA LEU B 225 3.54 17.41 18.98
C LEU B 225 3.23 16.64 17.71
N ILE B 226 2.87 17.37 16.65
CA ILE B 226 2.55 16.72 15.40
C ILE B 226 3.76 15.95 14.92
N GLN B 227 4.92 16.55 15.05
CA GLN B 227 6.14 15.95 14.56
C GLN B 227 6.82 15.06 15.57
N GLY B 228 6.17 14.82 16.71
CA GLY B 228 6.72 13.91 17.71
C GLY B 228 6.83 12.47 17.26
N ALA B 229 5.94 12.05 16.36
CA ALA B 229 5.96 10.67 15.88
C ALA B 229 7.24 10.32 15.17
N ARG B 230 7.89 11.29 14.51
CA ARG B 230 9.14 10.97 13.82
C ARG B 230 10.21 10.52 14.78
N GLU B 231 10.35 11.21 15.89
CA GLU B 231 11.30 10.79 16.91
C GLU B 231 10.85 9.53 17.64
N ARG B 232 9.56 9.41 17.91
CA ARG B 232 9.14 8.33 18.76
C ARG B 232 7.69 7.99 18.45
N ALA B 233 7.27 6.83 18.91
CA ALA B 233 5.91 6.36 18.66
C ALA B 233 4.88 7.36 19.17
N PRO B 234 3.70 7.43 18.55
CA PRO B 234 2.70 8.41 18.99
C PRO B 234 2.12 8.21 20.37
N ASN B 235 1.80 6.98 20.78
CA ASN B 235 1.19 6.84 22.10
C ASN B 235 2.10 7.41 23.17
N THR B 236 3.40 7.42 22.94
CA THR B 236 4.32 7.92 23.95
C THR B 236 4.06 9.38 24.30
N TRP B 237 3.70 10.19 23.30
CA TRP B 237 3.50 11.62 23.46
C TRP B 237 2.17 12.00 24.11
N LEU B 238 1.22 11.08 24.24
CA LEU B 238 -0.09 11.45 24.76
C LEU B 238 -0.01 12.08 26.14
N PRO B 239 0.75 11.56 27.09
CA PRO B 239 0.82 12.24 28.39
C PRO B 239 1.35 13.65 28.27
N GLU B 240 2.42 13.81 27.49
CA GLU B 240 2.99 15.12 27.31
C GLU B 240 2.01 16.06 26.63
N GLU B 241 1.19 15.53 25.71
CA GLU B 241 0.22 16.41 25.06
C GLU B 241 -0.65 17.05 26.11
N ARG B 242 -1.07 16.25 27.10
CA ARG B 242 -1.88 16.81 28.18
C ARG B 242 -1.09 17.85 28.92
N GLU B 243 0.18 17.56 29.19
CA GLU B 243 1.03 18.50 29.93
C GLU B 243 1.22 19.80 29.18
N ARG B 244 1.49 19.72 27.88
CA ARG B 244 1.62 20.96 27.13
C ARG B 244 0.32 21.72 27.08
N PHE B 245 -0.79 20.99 26.98
CA PHE B 245 -2.07 21.69 27.01
C PHE B 245 -2.17 22.52 28.27
N VAL B 246 -1.83 21.92 29.41
CA VAL B 246 -1.92 22.62 30.70
C VAL B 246 -0.97 23.82 30.74
N ASP B 247 0.22 23.70 30.14
CA ASP B 247 1.16 24.82 30.13
C ASP B 247 0.60 26.01 29.36
N LEU B 248 -0.07 25.73 28.24
CA LEU B 248 -0.71 26.81 27.48
C LEU B 248 -1.77 27.49 28.30
N PHE B 249 -2.53 26.70 29.06
CA PHE B 249 -3.61 27.26 29.86
C PHE B 249 -3.03 28.28 30.83
N ASP B 250 -1.80 28.05 31.30
CA ASP B 250 -1.11 28.99 32.18
C ASP B 250 -0.47 30.10 31.38
N ALA B 251 -1.31 30.84 30.65
CA ALA B 251 -0.82 31.94 29.86
C ALA B 251 -1.96 32.92 29.64
N GLN B 252 -1.61 34.21 29.55
CA GLN B 252 -2.62 35.22 29.27
C GLN B 252 -3.28 34.99 27.91
N ASP B 253 -2.49 34.58 26.92
CA ASP B 253 -2.98 34.45 25.55
C ASP B 253 -4.06 33.38 25.44
N THR B 254 -3.92 32.30 26.21
CA THR B 254 -4.88 31.21 26.15
C THR B 254 -6.29 31.65 26.54
N ARG B 255 -6.40 32.45 27.60
CA ARG B 255 -7.71 32.91 28.04
C ARG B 255 -8.40 33.75 26.96
N GLU B 256 -7.62 34.49 26.18
CA GLU B 256 -8.22 35.40 25.21
C GLU B 256 -8.92 34.66 24.08
N GLY B 257 -8.28 33.63 23.54
CA GLY B 257 -8.89 32.92 22.43
C GLY B 257 -10.23 32.29 22.79
N VAL B 258 -10.29 31.63 23.95
CA VAL B 258 -11.52 30.94 24.32
C VAL B 258 -12.66 31.95 24.47
N ASN B 259 -12.36 33.13 25.00
CA ASN B 259 -13.37 34.16 25.19
C ASN B 259 -13.99 34.59 23.87
N ALA B 260 -13.14 34.80 22.86
CA ALA B 260 -13.61 35.35 21.60
C ALA B 260 -14.70 34.47 21.00
N PHE B 261 -14.49 33.15 21.04
CA PHE B 261 -15.50 32.22 20.55
C PHE B 261 -16.78 32.31 21.36
N LEU B 262 -16.68 32.43 22.69
CA LEU B 262 -17.90 32.55 23.48
C LEU B 262 -18.64 33.81 23.08
N GLU B 263 -17.93 34.91 22.92
CA GLU B 263 -18.55 36.16 22.50
C GLU B 263 -18.64 36.27 20.98
N LYS B 264 -18.27 35.21 20.26
CA LYS B 264 -18.47 35.11 18.81
C LYS B 264 -17.66 36.19 18.08
N ARG B 265 -16.59 36.67 18.71
CA ARG B 265 -15.83 37.76 18.12
C ARG B 265 -14.40 37.30 17.85
N ASP B 266 -13.74 38.05 16.97
CA ASP B 266 -12.39 37.74 16.54
C ASP B 266 -11.38 37.76 17.69
N PRO B 267 -10.54 36.75 17.82
CA PRO B 267 -9.52 36.76 18.89
C PRO B 267 -8.39 37.74 18.58
N LYS B 268 -7.90 38.40 19.63
CA LYS B 268 -6.81 39.39 19.56
C LYS B 268 -5.70 39.07 20.54
N TRP B 269 -4.48 38.83 20.06
CA TRP B 269 -3.31 38.59 20.90
C TRP B 269 -2.12 39.43 20.44
N ARG B 270 -1.06 39.39 21.24
CA ARG B 270 0.11 40.21 20.98
C ARG B 270 1.16 39.39 20.23
N LYS C 9 -25.86 -3.87 25.70
CA LYS C 9 -25.15 -3.72 26.97
C LYS C 9 -25.54 -2.40 27.68
N ALA C 10 -24.98 -2.18 28.89
CA ALA C 10 -25.27 -1.04 29.77
C ALA C 10 -26.74 -0.94 30.14
N SER C 11 -27.38 -2.10 30.32
CA SER C 11 -28.82 -2.12 30.60
C SER C 11 -29.14 -1.66 32.02
N SER C 12 -28.36 -2.12 33.03
CA SER C 12 -28.65 -1.83 34.45
C SER C 12 -27.41 -1.30 35.18
N PHE C 13 -26.98 -0.10 34.83
CA PHE C 13 -25.88 0.53 35.55
C PHE C 13 -26.15 2.04 35.58
N ASP C 14 -25.48 2.73 36.50
CA ASP C 14 -25.63 4.19 36.62
C ASP C 14 -24.87 4.87 35.49
N ASP C 15 -25.58 5.30 34.45
CA ASP C 15 -24.96 5.99 33.34
C ASP C 15 -25.76 7.25 33.04
N THR C 16 -25.05 8.31 32.62
CA THR C 16 -25.70 9.57 32.28
C THR C 16 -26.76 9.38 31.19
N HIS C 17 -27.89 10.07 31.39
CA HIS C 17 -28.97 10.06 30.39
C HIS C 17 -28.54 10.73 29.09
N LYS C 18 -27.51 11.56 29.15
CA LYS C 18 -26.95 12.13 27.93
C LYS C 18 -26.49 11.04 26.97
N LEU C 19 -25.97 9.93 27.48
CA LEU C 19 -25.51 8.86 26.61
C LEU C 19 -26.48 7.69 26.67
N THR C 20 -27.00 7.29 25.52
CA THR C 20 -27.97 6.20 25.47
C THR C 20 -27.35 5.02 24.74
N VAL C 21 -27.52 3.84 25.31
CA VAL C 21 -26.97 2.63 24.74
C VAL C 21 -28.09 1.72 24.31
N GLU C 22 -28.02 1.31 23.05
CA GLU C 22 -28.97 0.43 22.42
C GLU C 22 -28.20 -0.77 21.96
N LYS C 23 -28.71 -1.95 22.25
CA LYS C 23 -28.02 -3.16 21.86
C LYS C 23 -28.74 -3.78 20.67
N HIS C 24 -28.03 -3.89 19.55
CA HIS C 24 -28.55 -4.52 18.35
C HIS C 24 -27.69 -5.73 18.05
N GLY C 25 -28.30 -6.91 18.11
CA GLY C 25 -27.53 -8.11 17.85
C GLY C 25 -26.33 -8.15 18.77
N HIS C 26 -25.15 -8.31 18.18
CA HIS C 26 -23.89 -8.31 18.92
C HIS C 26 -23.23 -6.95 18.95
N THR C 27 -23.88 -5.88 18.50
CA THR C 27 -23.31 -4.54 18.51
C THR C 27 -24.08 -3.64 19.49
N ALA C 28 -23.34 -2.87 20.28
CA ALA C 28 -23.94 -1.92 21.20
C ALA C 28 -23.86 -0.51 20.60
N LEU C 29 -25.00 0.16 20.51
CA LEU C 29 -25.08 1.48 19.91
C LEU C 29 -25.12 2.52 21.01
N ILE C 30 -24.17 3.45 20.95
CA ILE C 30 -24.01 4.53 21.91
C ILE C 30 -24.26 5.85 21.19
N THR C 31 -25.16 6.65 21.73
CA THR C 31 -25.46 7.93 21.10
C THR C 31 -25.26 9.08 22.08
N ILE C 32 -24.49 10.09 21.64
CA ILE C 32 -24.34 11.31 22.42
C ILE C 32 -25.64 12.10 22.33
N ASN C 33 -26.12 12.55 23.48
CA ASN C 33 -27.37 13.30 23.60
C ASN C 33 -27.10 14.53 24.44
N HIS C 34 -26.46 15.52 23.83
CA HIS C 34 -26.28 16.77 24.52
C HIS C 34 -26.87 17.89 23.68
N PRO C 35 -27.83 18.62 24.18
CA PRO C 35 -28.33 19.66 23.28
C PRO C 35 -27.62 21.00 23.41
N PRO C 36 -27.57 21.76 22.33
CA PRO C 36 -28.12 21.37 21.03
C PRO C 36 -26.97 20.93 20.17
N ALA C 37 -25.79 21.11 20.70
CA ALA C 37 -24.61 20.83 19.92
C ALA C 37 -23.96 19.48 20.22
N ASN C 38 -24.52 18.69 21.14
CA ASN C 38 -23.97 17.38 21.52
C ASN C 38 -22.55 17.50 22.06
N THR C 39 -22.27 18.62 22.72
CA THR C 39 -20.96 18.83 23.30
C THR C 39 -20.74 17.92 24.51
N TRP C 40 -19.48 17.49 24.66
CA TRP C 40 -19.01 16.61 25.73
C TRP C 40 -19.05 17.29 27.08
N ASP C 41 -19.32 16.48 28.10
CA ASP C 41 -19.40 17.01 29.44
C ASP C 41 -18.67 16.07 30.36
N ARG C 42 -18.38 16.55 31.57
CA ARG C 42 -17.73 15.69 32.54
C ARG C 42 -18.57 14.45 32.75
N ASP C 43 -19.89 14.60 32.81
CA ASP C 43 -20.74 13.43 32.98
C ASP C 43 -20.59 12.51 31.77
N SER C 44 -20.51 13.09 30.57
CA SER C 44 -20.32 12.30 29.36
C SER C 44 -18.96 11.61 29.36
N LEU C 45 -17.92 12.33 29.74
CA LEU C 45 -16.59 11.74 29.77
C LEU C 45 -16.53 10.58 30.73
N ILE C 46 -17.09 10.76 31.93
CA ILE C 46 -17.03 9.67 32.90
C ILE C 46 -17.82 8.49 32.41
N GLY C 47 -19.03 8.75 31.92
CA GLY C 47 -19.85 7.66 31.44
C GLY C 47 -19.14 6.94 30.33
N LEU C 48 -18.45 7.67 29.48
CA LEU C 48 -17.81 7.00 28.35
C LEU C 48 -16.79 6.00 28.85
N ARG C 49 -15.86 6.45 29.70
CA ARG C 49 -14.84 5.54 30.17
C ARG C 49 -15.47 4.38 30.95
N GLN C 50 -16.42 4.71 31.82
CA GLN C 50 -17.07 3.63 32.56
C GLN C 50 -17.79 2.69 31.61
N LEU C 51 -18.46 3.25 30.61
CA LEU C 51 -19.20 2.42 29.69
C LEU C 51 -18.24 1.49 28.97
N ILE C 52 -17.15 2.03 28.45
CA ILE C 52 -16.25 1.21 27.64
C ILE C 52 -15.76 0.02 28.42
N GLU C 53 -15.43 0.25 29.68
CA GLU C 53 -15.02 -0.84 30.53
C GLU C 53 -16.13 -1.88 30.58
N HIS C 54 -17.36 -1.42 30.77
CA HIS C 54 -18.49 -2.34 30.85
C HIS C 54 -18.65 -3.09 29.54
N LEU C 55 -18.52 -2.41 28.40
CA LEU C 55 -18.63 -3.13 27.15
C LEU C 55 -17.52 -4.16 27.02
N ASN C 56 -16.32 -3.79 27.43
CA ASN C 56 -15.22 -4.75 27.38
C ASN C 56 -15.50 -5.97 28.22
N ARG C 57 -16.19 -5.82 29.36
CA ARG C 57 -16.54 -6.98 30.16
C ARG C 57 -17.58 -7.86 29.46
N ASP C 58 -18.53 -7.24 28.76
CA ASP C 58 -19.54 -8.01 28.04
C ASP C 58 -18.94 -8.67 26.81
N ASP C 59 -19.19 -9.99 26.69
CA ASP C 59 -18.73 -10.80 25.58
C ASP C 59 -19.76 -10.91 24.47
N ASP C 60 -20.97 -10.38 24.69
CA ASP C 60 -22.00 -10.50 23.66
C ASP C 60 -21.85 -9.44 22.60
N ILE C 61 -21.07 -8.43 22.88
CA ILE C 61 -20.95 -7.33 21.95
C ILE C 61 -19.57 -7.38 21.31
N TYR C 62 -19.55 -7.50 19.98
CA TYR C 62 -18.32 -7.62 19.22
C TYR C 62 -17.98 -6.35 18.47
N ALA C 63 -18.92 -5.42 18.37
CA ALA C 63 -18.75 -4.17 17.64
C ALA C 63 -19.39 -3.00 18.39
N LEU C 64 -18.87 -1.80 18.12
CA LEU C 64 -19.34 -0.55 18.73
C LEU C 64 -19.58 0.52 17.67
N VAL C 65 -20.66 1.28 17.84
CA VAL C 65 -21.03 2.36 16.93
C VAL C 65 -21.32 3.62 17.72
N VAL C 66 -20.75 4.75 17.29
CA VAL C 66 -20.95 6.05 17.93
C VAL C 66 -21.56 7.02 16.93
N THR C 67 -22.62 7.73 17.36
CA THR C 67 -23.32 8.68 16.51
C THR C 67 -23.74 9.90 17.33
N GLY C 68 -23.91 11.03 16.64
CA GLY C 68 -24.34 12.28 17.26
C GLY C 68 -25.83 12.52 17.20
N GLN C 69 -26.42 12.82 18.36
CA GLN C 69 -27.85 13.12 18.41
C GLN C 69 -28.19 14.23 17.44
N GLY C 70 -29.36 14.14 16.85
CA GLY C 70 -29.80 15.17 15.95
C GLY C 70 -29.05 15.07 14.65
N PRO C 71 -29.66 15.65 13.62
CA PRO C 71 -29.05 15.64 12.28
C PRO C 71 -27.82 16.51 12.14
N LYS C 72 -27.75 17.60 12.88
CA LYS C 72 -26.75 18.63 12.62
C LYS C 72 -25.38 18.37 13.24
N PHE C 73 -25.28 17.92 14.49
CA PHE C 73 -23.98 17.80 15.15
C PHE C 73 -23.69 16.36 15.54
N PHE C 74 -22.60 15.82 15.00
CA PHE C 74 -22.04 14.60 15.54
C PHE C 74 -21.47 14.83 16.94
N SER C 75 -20.60 15.83 17.11
CA SER C 75 -20.08 16.15 18.45
C SER C 75 -19.54 17.58 18.41
N ALA C 76 -20.19 18.45 19.20
CA ALA C 76 -19.83 19.87 19.22
C ALA C 76 -18.42 20.10 19.69
N GLY C 77 -17.78 19.08 20.19
CA GLY C 77 -16.50 19.27 20.79
C GLY C 77 -16.74 19.64 22.24
N ALA C 78 -15.70 20.21 22.83
CA ALA C 78 -15.70 20.57 24.24
C ALA C 78 -16.65 21.71 24.58
N ASP C 79 -17.37 21.54 25.69
CA ASP C 79 -18.28 22.56 26.16
C ASP C 79 -17.50 23.73 26.73
N LEU C 80 -18.01 24.94 26.50
CA LEU C 80 -17.38 26.13 27.07
C LEU C 80 -17.42 26.08 28.59
N ASN C 81 -18.46 25.45 29.14
CA ASN C 81 -18.63 25.37 30.59
C ASN C 81 -17.40 24.77 31.25
N MET C 82 -16.82 23.77 30.61
CA MET C 82 -15.65 23.07 31.10
C MET C 82 -14.42 23.98 31.13
N PHE C 83 -14.19 24.71 30.07
CA PHE C 83 -13.01 25.56 29.96
C PHE C 83 -13.29 26.97 30.40
N ALA C 84 -14.41 27.17 31.08
CA ALA C 84 -14.78 28.48 31.54
C ALA C 84 -13.68 29.03 32.43
N ASP C 85 -13.37 30.31 32.24
CA ASP C 85 -12.30 30.93 33.00
C ASP C 85 -12.72 31.03 34.45
N GLY C 86 -11.73 31.03 35.33
CA GLY C 86 -10.34 31.15 34.95
C GLY C 86 -9.55 30.15 35.75
N ASP C 87 -10.25 29.17 36.30
CA ASP C 87 -9.63 28.19 37.18
C ASP C 87 -8.67 27.30 36.40
N LYS C 88 -7.43 27.22 36.91
CA LYS C 88 -6.37 26.40 36.33
C LYS C 88 -6.56 24.92 36.66
N ALA C 89 -7.06 24.63 37.85
CA ALA C 89 -7.28 23.24 38.22
C ALA C 89 -8.27 22.59 37.26
N ARG C 90 -9.28 23.35 36.85
CA ARG C 90 -10.32 22.78 36.02
C ARG C 90 -9.72 22.24 34.74
N ALA C 91 -8.81 23.00 34.14
CA ALA C 91 -8.31 22.64 32.82
C ALA C 91 -7.45 21.37 32.86
N ARG C 92 -6.58 21.28 33.86
CA ARG C 92 -5.74 20.09 33.99
C ARG C 92 -6.61 18.86 34.19
N GLU C 93 -7.50 18.91 35.17
CA GLU C 93 -8.43 17.82 35.37
C GLU C 93 -9.20 17.47 34.10
N MET C 94 -9.74 18.44 33.41
CA MET C 94 -10.57 18.05 32.30
C MET C 94 -9.77 17.42 31.14
N ALA C 95 -8.57 17.91 30.87
CA ALA C 95 -7.78 17.25 29.85
C ALA C 95 -7.56 15.79 30.22
N ARG C 96 -7.44 15.49 31.51
CA ARG C 96 -7.18 14.12 31.93
C ARG C 96 -8.33 13.20 31.52
N ARG C 97 -9.57 13.66 31.69
CA ARG C 97 -10.73 12.85 31.33
C ARG C 97 -10.77 12.58 29.84
N PHE C 98 -10.42 13.58 29.02
CA PHE C 98 -10.46 13.29 27.60
C PHE C 98 -9.50 12.17 27.27
N GLY C 99 -8.27 12.25 27.79
CA GLY C 99 -7.32 11.19 27.53
C GLY C 99 -7.84 9.85 28.02
N GLU C 100 -8.32 9.83 29.26
CA GLU C 100 -8.86 8.58 29.78
C GLU C 100 -10.03 8.11 28.94
N ALA C 101 -10.94 9.03 28.63
CA ALA C 101 -12.16 8.68 27.89
C ALA C 101 -11.84 8.16 26.50
N PHE C 102 -11.06 8.92 25.73
CA PHE C 102 -10.74 8.52 24.37
C PHE C 102 -9.88 7.27 24.31
N GLU C 103 -8.89 7.19 25.20
CA GLU C 103 -8.03 6.02 25.20
C GLU C 103 -8.84 4.79 25.50
N ALA C 104 -9.76 4.89 26.46
CA ALA C 104 -10.62 3.75 26.72
C ALA C 104 -11.41 3.41 25.46
N LEU C 105 -11.94 4.44 24.80
CA LEU C 105 -12.68 4.23 23.56
C LEU C 105 -11.76 3.61 22.50
N ARG C 106 -10.55 4.15 22.41
CA ARG C 106 -9.53 3.66 21.48
C ARG C 106 -9.14 2.22 21.77
N ASP C 107 -9.16 1.84 23.04
CA ASP C 107 -8.79 0.52 23.50
C ASP C 107 -9.96 -0.45 23.62
N PHE C 108 -11.14 -0.11 23.13
CA PHE C 108 -12.23 -1.07 23.19
C PHE C 108 -11.80 -2.32 22.41
N ARG C 109 -12.05 -3.50 22.99
CA ARG C 109 -11.60 -4.73 22.34
C ARG C 109 -12.33 -4.97 21.02
N GLY C 110 -13.66 -4.79 21.01
CA GLY C 110 -14.43 -4.95 19.80
C GLY C 110 -14.28 -3.74 18.90
N VAL C 111 -14.68 -3.86 17.64
CA VAL C 111 -14.51 -2.75 16.70
C VAL C 111 -15.37 -1.54 17.07
N SER C 112 -14.79 -0.35 16.88
CA SER C 112 -15.47 0.92 17.11
C SER C 112 -15.69 1.64 15.78
N ILE C 113 -16.94 1.99 15.50
CA ILE C 113 -17.29 2.63 14.24
C ILE C 113 -17.85 4.00 14.57
N ALA C 114 -17.28 5.02 13.93
CA ALA C 114 -17.72 6.39 14.13
C ALA C 114 -18.55 6.80 12.93
N ALA C 115 -19.82 7.08 13.16
CA ALA C 115 -20.72 7.53 12.11
C ALA C 115 -20.89 9.03 12.27
N ILE C 116 -20.44 9.79 11.27
CA ILE C 116 -20.47 11.24 11.33
C ILE C 116 -21.79 11.68 10.70
N ASN C 117 -22.75 12.03 11.55
CA ASN C 117 -24.04 12.45 11.04
C ASN C 117 -24.20 13.95 11.03
N GLY C 118 -23.27 14.63 11.69
CA GLY C 118 -23.33 16.07 11.88
C GLY C 118 -21.96 16.71 11.95
N TYR C 119 -21.90 17.99 12.31
CA TYR C 119 -20.63 18.65 12.48
C TYR C 119 -19.79 17.94 13.55
N ALA C 120 -18.54 17.64 13.21
CA ALA C 120 -17.61 17.04 14.16
C ALA C 120 -16.40 17.95 14.28
N MET C 121 -16.28 18.63 15.41
CA MET C 121 -15.15 19.54 15.54
C MET C 121 -14.58 19.47 16.94
N GLY C 122 -13.31 19.84 17.03
CA GLY C 122 -12.61 19.83 18.31
C GLY C 122 -12.62 18.44 18.93
N GLY C 123 -13.19 18.37 20.13
CA GLY C 123 -13.25 17.09 20.81
C GLY C 123 -13.97 16.04 19.98
N GLY C 124 -14.99 16.44 19.25
CA GLY C 124 -15.73 15.50 18.44
C GLY C 124 -14.87 14.83 17.38
N LEU C 125 -14.05 15.60 16.70
CA LEU C 125 -13.15 14.99 15.71
C LEU C 125 -12.19 14.05 16.42
N GLU C 126 -11.69 14.46 17.58
CA GLU C 126 -10.80 13.65 18.40
C GLU C 126 -11.49 12.37 18.79
N CYS C 127 -12.77 12.45 19.12
CA CYS C 127 -13.49 11.24 19.46
C CYS C 127 -13.57 10.31 18.26
N ALA C 128 -13.92 10.86 17.11
CA ALA C 128 -14.04 10.02 15.93
C ALA C 128 -12.71 9.38 15.61
N LEU C 129 -11.63 10.13 15.79
CA LEU C 129 -10.30 9.56 15.59
C LEU C 129 -10.08 8.37 16.50
N ALA C 130 -10.60 8.45 17.73
CA ALA C 130 -10.47 7.32 18.62
C ALA C 130 -11.13 6.09 18.03
N CYS C 131 -12.21 6.28 17.26
CA CYS C 131 -12.90 5.16 16.61
C CYS C 131 -12.05 4.50 15.54
N ASP C 132 -12.20 3.19 15.44
CA ASP C 132 -11.36 2.46 14.51
C ASP C 132 -11.64 2.89 13.09
N ILE C 133 -12.92 2.99 12.75
CA ILE C 133 -13.35 3.29 11.40
C ILE C 133 -14.33 4.45 11.45
N ARG C 134 -14.27 5.30 10.43
CA ARG C 134 -15.14 6.46 10.33
C ARG C 134 -15.94 6.43 9.03
N ILE C 135 -17.25 6.61 9.17
CA ILE C 135 -18.20 6.74 8.07
C ILE C 135 -18.87 8.09 8.22
N ALA C 136 -18.87 8.89 7.16
CA ALA C 136 -19.39 10.24 7.26
C ALA C 136 -20.43 10.57 6.20
N GLU C 137 -21.42 11.36 6.61
CA GLU C 137 -22.41 11.90 5.70
C GLU C 137 -21.75 12.97 4.84
N ARG C 138 -22.22 13.10 3.60
CA ARG C 138 -21.50 13.96 2.64
C ARG C 138 -21.44 15.40 3.11
N GLN C 139 -22.38 15.82 3.94
CA GLN C 139 -22.47 17.23 4.25
C GLN C 139 -21.55 17.60 5.39
N ALA C 140 -21.36 16.68 6.33
CA ALA C 140 -20.62 16.98 7.55
C ALA C 140 -19.24 17.55 7.24
N GLN C 141 -18.84 18.48 8.09
CA GLN C 141 -17.55 19.16 8.06
C GLN C 141 -16.85 18.96 9.38
N MET C 142 -15.57 18.59 9.32
CA MET C 142 -14.78 18.32 10.52
C MET C 142 -13.47 19.07 10.52
N ALA C 143 -13.13 19.63 11.67
CA ALA C 143 -11.85 20.31 11.84
C ALA C 143 -11.50 20.46 13.31
N LEU C 144 -10.22 20.79 13.54
CA LEU C 144 -9.78 21.11 14.89
C LEU C 144 -9.59 22.60 15.02
N PRO C 145 -10.47 23.30 15.71
CA PRO C 145 -10.40 24.77 15.79
C PRO C 145 -9.81 25.27 17.10
N GLU C 146 -9.23 24.38 17.90
CA GLU C 146 -8.72 24.76 19.21
C GLU C 146 -7.59 25.78 19.10
N ALA C 147 -6.79 25.71 18.04
CA ALA C 147 -5.68 26.65 17.88
C ALA C 147 -6.17 28.08 17.75
N ALA C 148 -7.33 28.28 17.13
CA ALA C 148 -7.87 29.62 16.96
C ALA C 148 -8.15 30.25 18.32
N VAL C 149 -8.63 29.46 19.27
CA VAL C 149 -8.89 29.94 20.61
C VAL C 149 -7.66 29.77 21.52
N GLY C 150 -6.52 29.33 20.99
CA GLY C 150 -5.36 29.20 21.84
C GLY C 150 -5.22 27.93 22.65
N LEU C 151 -5.99 26.89 22.31
CA LEU C 151 -6.00 25.58 22.99
C LEU C 151 -5.51 24.49 22.05
N LEU C 152 -4.64 23.64 22.52
CA LEU C 152 -4.32 22.51 21.65
C LEU C 152 -5.30 21.34 21.84
N PRO C 153 -5.43 20.46 20.86
CA PRO C 153 -6.25 19.27 21.07
C PRO C 153 -5.58 18.46 22.16
N CYS C 154 -6.30 18.16 23.23
CA CYS C 154 -5.67 17.46 24.32
C CYS C 154 -6.17 16.03 24.41
N ALA C 155 -6.94 15.62 23.43
CA ALA C 155 -7.53 14.30 23.36
C ALA C 155 -6.74 13.37 22.49
N GLY C 156 -5.48 13.69 22.26
CA GLY C 156 -4.65 12.95 21.35
C GLY C 156 -4.75 13.41 19.93
N GLY C 157 -5.39 14.55 19.69
CA GLY C 157 -5.54 14.99 18.32
C GLY C 157 -4.22 15.17 17.62
N THR C 158 -3.24 15.72 18.35
CA THR C 158 -1.93 16.05 17.78
C THR C 158 -1.22 14.82 17.21
N GLN C 159 -1.42 13.65 17.83
CA GLN C 159 -0.88 12.39 17.34
C GLN C 159 -1.84 11.70 16.36
N ALA C 160 -3.14 11.64 16.71
CA ALA C 160 -4.09 10.86 15.91
C ALA C 160 -4.29 11.42 14.51
N LEU C 161 -4.53 12.71 14.40
CA LEU C 161 -4.78 13.26 13.08
C LEU C 161 -3.58 13.06 12.16
N PRO C 162 -2.35 13.31 12.59
CA PRO C 162 -1.20 13.11 11.72
C PRO C 162 -1.04 11.67 11.28
N TRP C 163 -1.34 10.74 12.19
CA TRP C 163 -1.19 9.34 11.87
C TRP C 163 -2.08 8.97 10.68
N LEU C 164 -3.36 9.35 10.74
CA LEU C 164 -4.23 8.96 9.64
C LEU C 164 -3.92 9.68 8.33
N VAL C 165 -3.80 11.01 8.37
CA VAL C 165 -3.83 11.77 7.13
C VAL C 165 -2.49 12.36 6.72
N GLY C 166 -1.46 12.19 7.52
CA GLY C 166 -0.16 12.78 7.19
C GLY C 166 0.05 14.14 7.85
N GLU C 167 1.33 14.52 7.91
CA GLU C 167 1.70 15.76 8.58
C GLU C 167 1.22 16.99 7.84
N GLY C 168 1.34 17.00 6.52
CA GLY C 168 0.94 18.20 5.77
C GLY C 168 -0.53 18.52 5.96
N TRP C 169 -1.39 17.54 5.78
CA TRP C 169 -2.81 17.80 5.93
C TRP C 169 -3.17 18.11 7.39
N ALA C 170 -2.65 17.33 8.32
CA ALA C 170 -2.99 17.53 9.73
C ALA C 170 -2.59 18.91 10.22
N LYS C 171 -1.39 19.37 9.84
CA LYS C 171 -0.96 20.69 10.28
C LYS C 171 -1.87 21.74 9.69
N ARG C 172 -2.29 21.56 8.45
CA ARG C 172 -3.15 22.54 7.82
C ARG C 172 -4.43 22.69 8.61
N MET C 173 -5.04 21.59 9.03
CA MET C 173 -6.27 21.72 9.78
C MET C 173 -6.03 22.37 11.12
N ILE C 174 -5.11 21.82 11.89
CA ILE C 174 -4.90 22.32 13.23
C ILE C 174 -4.16 23.66 13.24
N LEU C 175 -3.01 23.75 12.58
CA LEU C 175 -2.27 25.01 12.56
C LEU C 175 -2.96 26.07 11.73
N CYS C 176 -3.51 25.71 10.57
CA CYS C 176 -4.17 26.70 9.74
C CYS C 176 -5.68 26.82 10.00
N ASN C 177 -6.24 25.97 10.88
CA ASN C 177 -7.66 26.05 11.26
C ASN C 177 -8.58 25.88 10.05
N GLU C 178 -8.34 24.86 9.26
CA GLU C 178 -9.09 24.68 8.03
C GLU C 178 -9.97 23.45 8.13
N ARG C 179 -11.29 23.66 8.04
CA ARG C 179 -12.28 22.60 8.07
C ARG C 179 -12.32 21.88 6.73
N VAL C 180 -12.76 20.62 6.77
CA VAL C 180 -12.79 19.77 5.59
C VAL C 180 -14.18 19.16 5.41
N ASP C 181 -14.61 19.09 4.16
CA ASP C 181 -15.85 18.45 3.76
C ASP C 181 -15.64 16.93 3.70
N ALA C 182 -16.73 16.19 3.59
CA ALA C 182 -16.59 14.73 3.53
C ALA C 182 -15.71 14.30 2.36
N GLU C 183 -15.87 14.91 1.19
CA GLU C 183 -15.12 14.46 0.02
C GLU C 183 -13.62 14.64 0.22
N THR C 184 -13.21 15.78 0.75
CA THR C 184 -11.80 16.00 0.97
C THR C 184 -11.23 15.00 1.98
N ALA C 185 -11.97 14.76 3.07
CA ALA C 185 -11.48 13.85 4.10
C ALA C 185 -11.30 12.44 3.57
N LEU C 186 -12.24 11.98 2.75
CA LEU C 186 -12.11 10.66 2.17
C LEU C 186 -10.88 10.62 1.26
N ARG C 187 -10.64 11.69 0.51
CA ARG C 187 -9.49 11.72 -0.38
C ARG C 187 -8.19 11.59 0.39
N ILE C 188 -8.11 12.25 1.56
CA ILE C 188 -6.91 12.25 2.40
C ILE C 188 -6.82 11.08 3.38
N GLY C 189 -7.82 10.20 3.46
CA GLY C 189 -7.77 9.06 4.37
C GLY C 189 -8.31 9.33 5.75
N LEU C 190 -8.83 10.53 5.97
CA LEU C 190 -9.44 10.84 7.25
C LEU C 190 -10.67 9.97 7.49
N VAL C 191 -11.50 9.80 6.47
CA VAL C 191 -12.68 8.95 6.56
C VAL C 191 -12.58 7.85 5.52
N GLU C 192 -12.81 6.62 5.98
CA GLU C 192 -12.75 5.47 5.10
C GLU C 192 -13.92 5.47 4.11
N GLN C 193 -15.12 5.84 4.56
CA GLN C 193 -16.25 5.79 3.64
C GLN C 193 -17.07 7.05 3.71
N VAL C 194 -17.73 7.41 2.60
CA VAL C 194 -18.59 8.57 2.56
C VAL C 194 -19.98 8.08 2.21
N VAL C 195 -20.97 8.61 2.92
CA VAL C 195 -22.34 8.17 2.69
C VAL C 195 -23.23 9.40 2.54
N ASP C 196 -24.37 9.17 1.89
CA ASP C 196 -25.37 10.20 1.72
C ASP C 196 -25.95 10.54 3.10
N SER C 197 -26.49 11.75 3.21
CA SER C 197 -26.94 12.25 4.51
C SER C 197 -28.00 11.36 5.16
N GLY C 198 -27.81 11.08 6.45
CA GLY C 198 -28.71 10.27 7.24
C GLY C 198 -28.55 8.78 7.09
N GLU C 199 -27.67 8.34 6.19
CA GLU C 199 -27.43 6.93 5.96
C GLU C 199 -26.24 6.45 6.75
N ALA C 200 -25.59 7.37 7.47
CA ALA C 200 -24.41 7.00 8.24
C ALA C 200 -24.75 5.99 9.33
N ARG C 201 -25.83 6.24 10.06
CA ARG C 201 -26.17 5.34 11.16
C ARG C 201 -26.45 3.95 10.60
N GLY C 202 -27.27 3.87 9.56
CA GLY C 202 -27.58 2.58 9.00
C GLY C 202 -26.36 1.89 8.48
N ALA C 203 -25.52 2.62 7.76
CA ALA C 203 -24.29 2.04 7.21
C ALA C 203 -23.34 1.61 8.33
N ALA C 204 -23.22 2.42 9.39
CA ALA C 204 -22.37 2.03 10.52
C ALA C 204 -22.93 0.79 11.22
N LEU C 205 -24.23 0.76 11.46
CA LEU C 205 -24.82 -0.42 12.08
C LEU C 205 -24.66 -1.62 11.15
N LEU C 206 -24.93 -1.42 9.86
CA LEU C 206 -24.83 -2.52 8.92
C LEU C 206 -23.39 -3.00 8.82
N LEU C 207 -22.43 -2.06 8.79
CA LEU C 207 -21.03 -2.48 8.79
C LEU C 207 -20.71 -3.25 10.07
N ALA C 208 -21.30 -2.85 11.19
CA ALA C 208 -21.06 -3.54 12.47
C ALA C 208 -21.57 -4.97 12.46
N ALA C 209 -22.67 -5.25 11.75
CA ALA C 209 -23.16 -6.64 11.71
C ALA C 209 -22.13 -7.56 11.06
N LYS C 210 -21.37 -7.06 10.08
CA LYS C 210 -20.36 -7.84 9.39
C LYS C 210 -19.27 -8.30 10.33
N VAL C 211 -18.92 -7.44 11.29
CA VAL C 211 -17.86 -7.77 12.24
C VAL C 211 -18.25 -8.95 13.12
N ALA C 212 -19.54 -9.06 13.47
CA ALA C 212 -19.97 -10.19 14.29
C ALA C 212 -19.68 -11.51 13.60
N ARG C 213 -19.60 -11.49 12.26
CA ARG C 213 -19.33 -12.70 11.49
C ARG C 213 -17.92 -13.19 11.68
N GLN C 214 -17.01 -12.32 12.15
CA GLN C 214 -15.66 -12.73 12.44
C GLN C 214 -15.51 -13.19 13.88
N SER C 215 -14.54 -14.07 14.08
CA SER C 215 -14.37 -14.70 15.37
C SER C 215 -14.16 -13.67 16.47
N PRO C 216 -14.98 -13.65 17.52
CA PRO C 216 -14.78 -12.64 18.56
C PRO C 216 -13.39 -12.75 19.16
N VAL C 217 -12.92 -13.97 19.44
CA VAL C 217 -11.60 -14.11 20.01
C VAL C 217 -10.53 -13.61 19.06
N ALA C 218 -10.66 -13.91 17.76
CA ALA C 218 -9.66 -13.40 16.83
C ALA C 218 -9.68 -11.90 16.81
N ILE C 219 -10.88 -11.32 16.78
CA ILE C 219 -10.97 -9.88 16.64
C ILE C 219 -10.29 -9.16 17.80
N ARG C 220 -10.56 -9.59 19.04
CA ARG C 220 -10.02 -8.87 20.20
C ARG C 220 -8.50 -8.92 20.21
N THR C 221 -7.92 -10.07 19.86
CA THR C 221 -6.45 -10.18 19.82
C THR C 221 -5.79 -9.41 18.68
N ILE C 222 -6.39 -9.44 17.48
CA ILE C 222 -5.79 -8.83 16.30
C ILE C 222 -5.71 -7.31 16.39
N LYS C 223 -6.76 -6.68 16.95
CA LYS C 223 -6.79 -5.21 16.97
C LYS C 223 -5.58 -4.58 17.68
N PRO C 224 -5.13 -5.06 18.83
CA PRO C 224 -3.93 -4.48 19.41
C PRO C 224 -2.72 -4.57 18.49
N LEU C 225 -2.57 -5.68 17.76
CA LEU C 225 -1.42 -5.82 16.90
C LEU C 225 -1.40 -4.75 15.85
N ILE C 226 -2.56 -4.46 15.26
CA ILE C 226 -2.62 -3.42 14.25
C ILE C 226 -2.21 -2.10 14.87
N GLN C 227 -2.63 -1.90 16.11
CA GLN C 227 -2.35 -0.63 16.76
C GLN C 227 -1.00 -0.62 17.44
N GLY C 228 -0.21 -1.69 17.25
CA GLY C 228 1.09 -1.78 17.88
C GLY C 228 2.06 -0.70 17.43
N ALA C 229 1.97 -0.27 16.17
CA ALA C 229 2.93 0.68 15.62
C ALA C 229 3.00 1.98 16.41
N ARG C 230 1.87 2.42 16.97
CA ARG C 230 1.80 3.66 17.74
C ARG C 230 2.65 3.62 19.00
N GLU C 231 2.76 2.44 19.61
CA GLU C 231 3.59 2.23 20.80
C GLU C 231 5.03 1.93 20.43
N ARG C 232 5.24 1.22 19.33
CA ARG C 232 6.59 0.82 19.01
C ARG C 232 6.69 0.54 17.52
N ALA C 233 7.91 0.35 17.04
CA ALA C 233 8.17 0.12 15.62
C ALA C 233 7.44 -1.14 15.12
N PRO C 234 7.05 -1.18 13.84
CA PRO C 234 6.26 -2.33 13.36
C PRO C 234 7.01 -3.62 13.46
N ASN C 235 8.26 -3.61 13.05
CA ASN C 235 9.04 -4.83 13.04
C ASN C 235 9.12 -5.47 14.43
N THR C 236 9.10 -4.66 15.50
CA THR C 236 9.26 -5.18 16.85
C THR C 236 8.17 -6.16 17.25
N TRP C 237 6.94 -5.93 16.76
CA TRP C 237 5.78 -6.76 17.00
C TRP C 237 5.78 -8.06 16.21
N LEU C 238 6.66 -8.18 15.22
CA LEU C 238 6.60 -9.38 14.39
C LEU C 238 6.76 -10.65 15.19
N PRO C 239 7.70 -10.78 16.13
CA PRO C 239 7.76 -12.03 16.89
C PRO C 239 6.48 -12.30 17.63
N GLU C 240 5.93 -11.26 18.27
CA GLU C 240 4.72 -11.43 19.05
C GLU C 240 3.52 -11.80 18.17
N GLU C 241 3.49 -11.28 16.95
CA GLU C 241 2.39 -11.61 16.04
C GLU C 241 2.30 -13.10 15.85
N ARG C 242 3.45 -13.75 15.59
CA ARG C 242 3.42 -15.19 15.43
C ARG C 242 2.96 -15.85 16.73
N GLU C 243 3.41 -15.33 17.86
CA GLU C 243 3.04 -15.92 19.14
C GLU C 243 1.53 -15.84 19.38
N ARG C 244 0.93 -14.67 19.17
CA ARG C 244 -0.49 -14.56 19.39
C ARG C 244 -1.27 -15.45 18.43
N PHE C 245 -0.74 -15.62 17.21
CA PHE C 245 -1.37 -16.51 16.23
C PHE C 245 -1.45 -17.94 16.74
N VAL C 246 -0.36 -18.45 17.31
CA VAL C 246 -0.41 -19.77 17.90
C VAL C 246 -1.40 -19.79 19.06
N ASP C 247 -1.48 -18.69 19.82
CA ASP C 247 -2.43 -18.61 20.92
C ASP C 247 -3.86 -18.74 20.40
N LEU C 248 -4.10 -18.19 19.23
CA LEU C 248 -5.42 -18.36 18.68
C LEU C 248 -5.70 -19.82 18.40
N PHE C 249 -4.72 -20.51 17.81
CA PHE C 249 -4.92 -21.91 17.39
C PHE C 249 -5.28 -22.80 18.56
N ASP C 250 -4.72 -22.56 19.75
CA ASP C 250 -5.09 -23.38 20.90
C ASP C 250 -6.39 -22.84 21.51
N ALA C 251 -7.43 -22.89 20.67
CA ALA C 251 -8.75 -22.43 21.08
C ALA C 251 -9.79 -23.19 20.30
N GLN C 252 -10.89 -23.50 20.98
CA GLN C 252 -11.99 -24.20 20.33
C GLN C 252 -12.50 -23.41 19.13
N ASP C 253 -12.45 -22.08 19.23
CA ASP C 253 -13.04 -21.21 18.22
C ASP C 253 -12.23 -21.23 16.94
N THR C 254 -10.92 -21.28 17.07
CA THR C 254 -10.06 -21.29 15.89
C THR C 254 -10.31 -22.51 15.03
N ARG C 255 -10.38 -23.70 15.65
CA ARG C 255 -10.60 -24.92 14.88
C ARG C 255 -11.89 -24.83 14.06
N GLU C 256 -12.91 -24.12 14.58
CA GLU C 256 -14.18 -24.03 13.86
C GLU C 256 -14.09 -23.09 12.66
N GLY C 257 -13.46 -21.94 12.86
CA GLY C 257 -13.27 -21.06 11.73
C GLY C 257 -12.45 -21.73 10.65
N VAL C 258 -11.35 -22.38 11.02
CA VAL C 258 -10.51 -23.03 10.02
C VAL C 258 -11.30 -24.13 9.33
N ASN C 259 -12.07 -24.88 10.11
CA ASN C 259 -12.94 -25.92 9.58
C ASN C 259 -14.04 -25.40 8.68
N ALA C 260 -14.63 -24.26 9.04
CA ALA C 260 -15.79 -23.74 8.34
C ALA C 260 -15.52 -23.38 6.88
N PHE C 261 -14.38 -22.77 6.61
CA PHE C 261 -14.02 -22.42 5.24
C PHE C 261 -13.86 -23.66 4.38
N LEU C 262 -13.28 -24.70 4.95
CA LEU C 262 -13.02 -25.93 4.22
C LEU C 262 -14.33 -26.58 3.76
N GLU C 263 -15.34 -26.55 4.61
CA GLU C 263 -16.63 -27.14 4.26
C GLU C 263 -17.36 -26.24 3.28
N LYS C 264 -16.86 -25.02 3.13
CA LYS C 264 -17.52 -23.96 2.42
C LYS C 264 -18.82 -23.51 3.11
N ARG C 265 -18.98 -23.70 4.42
CA ARG C 265 -20.15 -23.22 5.14
C ARG C 265 -19.75 -22.14 6.14
N ASP C 266 -20.74 -21.33 6.51
CA ASP C 266 -20.50 -20.23 7.44
C ASP C 266 -19.98 -20.76 8.78
N PRO C 267 -18.95 -20.15 9.35
CA PRO C 267 -18.44 -20.58 10.65
C PRO C 267 -19.45 -20.33 11.78
N LYS C 268 -19.46 -21.24 12.76
CA LYS C 268 -20.36 -21.10 13.90
C LYS C 268 -19.52 -21.11 15.19
N TRP C 269 -19.47 -19.98 15.87
CA TRP C 269 -18.73 -19.91 17.13
C TRP C 269 -19.58 -19.21 18.18
N ARG C 270 -19.07 -19.26 19.40
CA ARG C 270 -19.68 -18.66 20.56
C ARG C 270 -18.91 -17.39 20.94
N LYS D 9 42.66 -21.14 12.85
CA LYS D 9 41.75 -20.10 12.40
C LYS D 9 42.47 -19.01 11.61
N ALA D 10 41.86 -18.60 10.48
CA ALA D 10 42.40 -17.53 9.62
C ALA D 10 43.79 -17.87 9.08
N SER D 11 44.03 -19.17 8.84
CA SER D 11 45.29 -19.69 8.31
C SER D 11 45.51 -19.37 6.82
N SER D 12 44.42 -19.11 6.06
CA SER D 12 44.53 -18.79 4.62
C SER D 12 43.77 -17.50 4.30
N PHE D 13 44.43 -16.34 4.51
CA PHE D 13 43.97 -15.10 3.87
C PHE D 13 44.92 -13.92 4.12
N ASP D 14 44.71 -12.82 3.41
CA ASP D 14 45.58 -11.66 3.55
C ASP D 14 45.25 -10.96 4.86
N ASP D 15 46.07 -11.21 5.89
CA ASP D 15 45.87 -10.60 7.20
C ASP D 15 47.17 -9.93 7.57
N THR D 16 47.06 -8.75 8.16
CA THR D 16 48.24 -8.03 8.58
C THR D 16 49.05 -8.86 9.57
N HIS D 17 50.36 -8.86 9.40
CA HIS D 17 51.25 -9.53 10.35
C HIS D 17 51.19 -8.89 11.72
N LYS D 18 50.70 -7.64 11.77
CA LYS D 18 50.49 -6.94 13.04
C LYS D 18 49.52 -7.69 13.93
N LEU D 19 48.54 -8.36 13.37
CA LEU D 19 47.65 -9.21 14.15
C LEU D 19 48.04 -10.67 13.90
N THR D 20 48.29 -11.40 14.98
CA THR D 20 48.65 -12.81 14.91
C THR D 20 47.55 -13.62 15.54
N VAL D 21 47.15 -14.66 14.85
CA VAL D 21 46.06 -15.50 15.28
C VAL D 21 46.60 -16.90 15.49
N GLU D 22 46.37 -17.42 16.68
CA GLU D 22 46.76 -18.76 17.03
C GLU D 22 45.50 -19.47 17.48
N LYS D 23 45.27 -20.65 16.98
CA LYS D 23 44.05 -21.36 17.30
C LYS D 23 44.35 -22.35 18.40
N HIS D 24 43.64 -22.24 19.50
CA HIS D 24 43.78 -23.21 20.58
C HIS D 24 42.45 -23.93 20.74
N GLY D 25 42.45 -25.24 20.45
CA GLY D 25 41.20 -25.99 20.50
C GLY D 25 40.17 -25.32 19.62
N HIS D 26 39.03 -24.98 20.22
CA HIS D 26 37.95 -24.26 19.61
C HIS D 26 38.05 -22.77 19.86
N THR D 27 39.14 -22.32 20.45
CA THR D 27 39.34 -20.92 20.76
C THR D 27 40.40 -20.33 19.85
N ALA D 28 40.08 -19.20 19.27
CA ALA D 28 40.97 -18.50 18.38
C ALA D 28 41.59 -17.36 19.16
N LEU D 29 42.92 -17.31 19.16
CA LEU D 29 43.67 -16.33 19.94
C LEU D 29 44.15 -15.22 19.01
N ILE D 30 43.72 -14.00 19.27
CA ILE D 30 44.06 -12.85 18.44
C ILE D 30 44.89 -11.90 19.25
N THR D 31 46.07 -11.57 18.77
CA THR D 31 46.95 -10.68 19.50
C THR D 31 47.33 -9.48 18.65
N ILE D 32 47.12 -8.30 19.20
CA ILE D 32 47.60 -7.09 18.54
C ILE D 32 49.10 -7.09 18.67
N ASN D 33 49.79 -6.88 17.57
CA ASN D 33 51.23 -6.91 17.59
C ASN D 33 51.73 -5.65 16.92
N HIS D 34 51.57 -4.53 17.59
CA HIS D 34 52.07 -3.28 17.05
C HIS D 34 53.04 -2.68 18.06
N PRO D 35 54.29 -2.40 17.69
CA PRO D 35 55.23 -1.85 18.66
C PRO D 35 55.24 -0.33 18.70
N PRO D 36 55.50 0.24 19.88
CA PRO D 36 55.72 -0.55 21.10
C PRO D 36 54.49 -0.56 21.97
N ALA D 37 53.50 0.24 21.56
CA ALA D 37 52.27 0.44 22.32
C ALA D 37 51.04 -0.32 21.80
N ASN D 38 51.16 -1.14 20.75
CA ASN D 38 50.03 -1.89 20.18
C ASN D 38 48.90 -0.96 19.73
N THR D 39 49.29 0.23 19.28
CA THR D 39 48.31 1.20 18.83
C THR D 39 47.58 0.69 17.60
N TRP D 40 46.29 0.97 17.54
CA TRP D 40 45.45 0.57 16.42
C TRP D 40 45.81 1.37 15.19
N ASP D 41 45.71 0.74 14.02
CA ASP D 41 45.96 1.43 12.75
C ASP D 41 44.96 0.98 11.71
N ARG D 42 44.90 1.68 10.58
CA ARG D 42 43.96 1.28 9.52
C ARG D 42 44.18 -0.14 9.05
N ASP D 43 45.44 -0.59 8.95
CA ASP D 43 45.68 -1.96 8.48
C ASP D 43 45.13 -2.99 9.47
N SER D 44 45.36 -2.79 10.78
CA SER D 44 44.82 -3.72 11.78
C SER D 44 43.31 -3.68 11.81
N LEU D 45 42.72 -2.49 11.75
CA LEU D 45 41.28 -2.36 11.79
C LEU D 45 40.63 -3.14 10.64
N ILE D 46 41.21 -3.02 9.44
CA ILE D 46 40.69 -3.77 8.29
C ILE D 46 40.82 -5.27 8.54
N GLY D 47 41.99 -5.69 9.05
CA GLY D 47 42.20 -7.10 9.32
C GLY D 47 41.24 -7.65 10.35
N LEU D 48 41.00 -6.88 11.42
CA LEU D 48 40.07 -7.33 12.44
C LEU D 48 38.69 -7.54 11.85
N ARG D 49 38.14 -6.56 11.14
CA ARG D 49 36.80 -6.78 10.60
C ARG D 49 36.80 -7.99 9.70
N GLN D 50 37.81 -8.12 8.85
CA GLN D 50 37.87 -9.30 8.00
C GLN D 50 38.02 -10.55 8.85
N LEU D 51 38.89 -10.51 9.86
CA LEU D 51 39.11 -11.69 10.67
C LEU D 51 37.83 -12.18 11.30
N ILE D 52 37.05 -11.26 11.86
CA ILE D 52 35.80 -11.62 12.53
C ILE D 52 34.87 -12.29 11.55
N GLU D 53 34.83 -11.78 10.34
CA GLU D 53 34.00 -12.39 9.31
C GLU D 53 34.49 -13.81 9.03
N HIS D 54 35.79 -13.98 8.86
CA HIS D 54 36.31 -15.31 8.57
C HIS D 54 36.05 -16.26 9.73
N LEU D 55 36.32 -15.81 10.96
CA LEU D 55 36.14 -16.65 12.13
C LEU D 55 34.68 -17.05 12.28
N ASN D 56 33.76 -16.12 12.02
CA ASN D 56 32.33 -16.46 12.10
C ASN D 56 31.97 -17.59 11.16
N ARG D 57 32.49 -17.57 9.94
CA ARG D 57 32.16 -18.64 9.02
C ARG D 57 32.68 -19.98 9.51
N ASP D 58 33.82 -19.98 10.19
CA ASP D 58 34.40 -21.21 10.72
C ASP D 58 33.50 -21.77 11.83
N ASP D 59 33.17 -23.05 11.73
CA ASP D 59 32.33 -23.67 12.75
C ASP D 59 33.13 -24.39 13.81
N ASP D 60 34.45 -24.46 13.68
CA ASP D 60 35.31 -25.13 14.65
C ASP D 60 35.67 -24.25 15.83
N ILE D 61 35.33 -22.97 15.79
CA ILE D 61 35.72 -22.02 16.82
C ILE D 61 34.46 -21.60 17.60
N TYR D 62 34.49 -21.75 18.93
CA TYR D 62 33.37 -21.31 19.74
C TYR D 62 33.70 -20.10 20.62
N ALA D 63 34.98 -19.77 20.80
CA ALA D 63 35.40 -18.65 21.63
C ALA D 63 36.61 -17.96 21.02
N LEU D 64 36.76 -16.67 21.35
CA LEU D 64 37.88 -15.87 20.92
C LEU D 64 38.44 -15.09 22.11
N VAL D 65 39.76 -14.93 22.12
CA VAL D 65 40.46 -14.17 23.16
C VAL D 65 41.36 -13.14 22.46
N VAL D 66 41.36 -11.89 22.95
CA VAL D 66 42.21 -10.83 22.41
C VAL D 66 43.15 -10.35 23.51
N THR D 67 44.44 -10.26 23.20
CA THR D 67 45.42 -9.79 24.19
C THR D 67 46.47 -8.94 23.46
N GLY D 68 47.16 -8.09 24.21
CA GLY D 68 48.20 -7.25 23.64
C GLY D 68 49.56 -7.94 23.69
N GLN D 69 50.28 -7.86 22.57
CA GLN D 69 51.66 -8.32 22.56
C GLN D 69 52.49 -7.49 23.55
N GLY D 70 53.31 -8.17 24.32
CA GLY D 70 54.15 -7.50 25.26
C GLY D 70 53.45 -7.39 26.59
N PRO D 71 54.24 -7.22 27.66
CA PRO D 71 53.67 -7.13 29.01
C PRO D 71 53.01 -5.81 29.33
N LYS D 72 53.48 -4.70 28.76
CA LYS D 72 53.16 -3.41 29.37
C LYS D 72 51.71 -2.98 29.12
N PHE D 73 51.21 -3.13 27.88
CA PHE D 73 49.97 -2.50 27.40
C PHE D 73 49.19 -3.49 26.52
N PHE D 74 47.90 -3.70 26.86
CA PHE D 74 46.98 -4.40 25.97
C PHE D 74 46.77 -3.57 24.70
N SER D 75 46.42 -2.30 24.85
CA SER D 75 46.30 -1.40 23.70
C SER D 75 46.38 0.04 24.18
N ALA D 76 47.13 0.84 23.43
CA ALA D 76 47.33 2.24 23.69
C ALA D 76 46.28 3.09 23.01
N GLY D 77 45.34 2.46 22.35
CA GLY D 77 44.38 3.23 21.63
C GLY D 77 44.87 3.45 20.22
N ALA D 78 44.27 4.44 19.58
CA ALA D 78 44.56 4.76 18.19
C ALA D 78 45.93 5.38 17.98
N ASP D 79 46.56 4.99 16.87
CA ASP D 79 47.86 5.54 16.53
C ASP D 79 47.72 7.01 16.14
N LEU D 80 48.75 7.78 16.50
CA LEU D 80 48.81 9.21 16.28
C LEU D 80 48.77 9.57 14.79
N ASN D 81 49.41 8.75 13.94
CA ASN D 81 49.53 9.00 12.50
C ASN D 81 48.17 9.13 11.82
N MET D 82 47.21 8.30 12.24
CA MET D 82 45.86 8.27 11.72
C MET D 82 45.17 9.63 11.86
N PHE D 83 45.43 10.29 12.99
CA PHE D 83 44.84 11.59 13.29
C PHE D 83 45.80 12.72 12.98
N ALA D 84 46.81 12.47 12.17
CA ALA D 84 47.75 13.52 11.80
C ALA D 84 47.00 14.66 11.13
N ASP D 85 47.40 15.87 11.47
CA ASP D 85 46.71 17.06 11.06
C ASP D 85 46.76 17.28 9.56
N GLY D 86 45.83 18.12 9.12
CA GLY D 86 45.76 18.66 7.79
C GLY D 86 44.86 17.89 6.87
N ASP D 87 44.17 16.86 7.36
CA ASP D 87 43.27 16.12 6.51
C ASP D 87 42.02 15.88 7.33
N LYS D 88 40.92 16.45 6.88
CA LYS D 88 39.64 16.23 7.53
C LYS D 88 39.09 14.90 7.11
N ALA D 89 39.34 14.54 5.85
CA ALA D 89 38.77 13.30 5.34
C ALA D 89 39.28 12.14 6.14
N ARG D 90 40.56 12.16 6.48
CA ARG D 90 41.12 11.03 7.20
C ARG D 90 40.38 10.77 8.50
N ALA D 91 40.14 11.80 9.29
CA ALA D 91 39.45 11.58 10.57
C ALA D 91 38.12 10.88 10.36
N ARG D 92 37.37 11.31 9.35
CA ARG D 92 36.06 10.72 9.07
C ARG D 92 36.20 9.25 8.72
N GLU D 93 36.85 8.95 7.59
CA GLU D 93 37.11 7.56 7.29
C GLU D 93 37.65 6.76 8.48
N MET D 94 38.49 7.30 9.32
CA MET D 94 38.98 6.34 10.30
C MET D 94 37.94 6.13 11.43
N ALA D 95 37.12 7.13 11.72
CA ALA D 95 36.08 6.84 12.70
C ALA D 95 35.28 5.66 12.19
N ARG D 96 35.05 5.60 10.87
CA ARG D 96 34.26 4.52 10.31
C ARG D 96 34.89 3.17 10.59
N ARG D 97 36.22 3.08 10.44
CA ARG D 97 36.89 1.81 10.57
C ARG D 97 36.84 1.26 11.98
N PHE D 98 36.99 2.12 12.97
CA PHE D 98 36.87 1.65 14.34
C PHE D 98 35.48 1.08 14.57
N GLY D 99 34.46 1.81 14.12
CA GLY D 99 33.12 1.33 14.36
C GLY D 99 32.88 0.01 13.70
N GLU D 100 33.26 -0.09 12.42
CA GLU D 100 33.05 -1.35 11.70
C GLU D 100 33.81 -2.48 12.36
N ALA D 101 35.09 -2.26 12.66
CA ALA D 101 35.85 -3.33 13.30
C ALA D 101 35.29 -3.69 14.66
N PHE D 102 35.11 -2.70 15.53
CA PHE D 102 34.66 -3.03 16.88
C PHE D 102 33.27 -3.60 16.89
N GLU D 103 32.38 -3.08 16.06
CA GLU D 103 31.03 -3.64 16.03
C GLU D 103 31.07 -5.07 15.51
N ALA D 104 31.92 -5.35 14.53
CA ALA D 104 32.04 -6.73 14.06
C ALA D 104 32.46 -7.64 15.20
N LEU D 105 33.44 -7.22 15.97
CA LEU D 105 33.90 -7.99 17.12
C LEU D 105 32.78 -8.13 18.13
N ARG D 106 32.05 -7.04 18.36
CA ARG D 106 30.92 -7.06 19.24
C ARG D 106 29.91 -8.06 18.73
N ASP D 107 29.83 -8.22 17.41
CA ASP D 107 28.88 -9.11 16.79
C ASP D 107 29.43 -10.53 16.57
N PHE D 108 30.61 -10.84 17.11
CA PHE D 108 31.13 -12.20 16.94
C PHE D 108 30.12 -13.17 17.52
N ARG D 109 29.80 -14.23 16.75
CA ARG D 109 28.77 -15.18 17.20
C ARG D 109 29.21 -15.93 18.47
N GLY D 110 30.46 -16.31 18.54
CA GLY D 110 31.02 -16.95 19.71
C GLY D 110 31.32 -15.96 20.80
N VAL D 111 31.64 -16.49 21.97
CA VAL D 111 32.00 -15.69 23.13
C VAL D 111 33.37 -15.06 22.91
N SER D 112 33.48 -13.77 23.25
CA SER D 112 34.71 -13.00 23.14
C SER D 112 35.15 -12.59 24.52
N ILE D 113 36.41 -12.87 24.86
CA ILE D 113 37.02 -12.47 26.12
C ILE D 113 38.25 -11.67 25.82
N ALA D 114 38.40 -10.53 26.48
CA ALA D 114 39.57 -9.69 26.31
C ALA D 114 40.48 -9.90 27.51
N ALA D 115 41.73 -10.26 27.25
CA ALA D 115 42.70 -10.36 28.32
C ALA D 115 43.52 -9.09 28.28
N ILE D 116 43.38 -8.28 29.32
CA ILE D 116 44.04 -6.98 29.44
C ILE D 116 45.34 -7.27 30.18
N ASN D 117 46.43 -7.37 29.42
CA ASN D 117 47.73 -7.68 29.98
C ASN D 117 48.52 -6.42 30.23
N GLY D 118 48.01 -5.30 29.71
CA GLY D 118 48.49 -4.00 30.09
C GLY D 118 47.33 -3.04 30.06
N TYR D 119 47.64 -1.82 30.48
CA TYR D 119 46.74 -0.68 30.51
C TYR D 119 46.03 -0.51 29.16
N ALA D 120 44.71 -0.28 29.17
CA ALA D 120 43.91 -0.08 27.96
C ALA D 120 43.30 1.31 27.95
N MET D 121 43.69 2.11 26.97
CA MET D 121 43.17 3.46 26.98
C MET D 121 42.73 3.83 25.58
N GLY D 122 41.80 4.79 25.51
CA GLY D 122 41.26 5.26 24.25
C GLY D 122 40.67 4.12 23.45
N GLY D 123 41.17 3.96 22.23
CA GLY D 123 40.69 2.89 21.39
C GLY D 123 40.90 1.54 22.06
N GLY D 124 41.99 1.43 22.83
CA GLY D 124 42.28 0.15 23.46
C GLY D 124 41.19 -0.32 24.39
N LEU D 125 40.68 0.60 25.22
CA LEU D 125 39.58 0.33 26.12
C LEU D 125 38.29 0.07 25.35
N GLU D 126 38.09 0.82 24.27
CA GLU D 126 36.90 0.65 23.43
C GLU D 126 36.88 -0.75 22.85
N CYS D 127 38.05 -1.24 22.42
CA CYS D 127 38.17 -2.62 21.93
C CYS D 127 37.79 -3.64 22.98
N ALA D 128 38.29 -3.44 24.19
CA ALA D 128 37.99 -4.37 25.28
C ALA D 128 36.51 -4.37 25.60
N LEU D 129 35.89 -3.18 25.53
CA LEU D 129 34.47 -3.07 25.78
C LEU D 129 33.70 -3.88 24.76
N ALA D 130 34.23 -3.98 23.53
CA ALA D 130 33.53 -4.76 22.51
C ALA D 130 33.41 -6.21 22.91
N CYS D 131 34.45 -6.75 23.55
CA CYS D 131 34.43 -8.15 23.97
C CYS D 131 33.38 -8.38 25.04
N ASP D 132 32.82 -9.59 25.03
CA ASP D 132 31.78 -9.93 25.96
C ASP D 132 32.25 -9.86 27.39
N ILE D 133 33.42 -10.39 27.64
CA ILE D 133 33.93 -10.47 29.00
C ILE D 133 35.33 -9.88 28.99
N ARG D 134 35.67 -9.26 30.09
CA ARG D 134 36.97 -8.64 30.27
C ARG D 134 37.64 -9.23 31.49
N ILE D 135 38.90 -9.60 31.32
CA ILE D 135 39.76 -10.11 32.39
C ILE D 135 41.02 -9.26 32.35
N ALA D 136 41.40 -8.68 33.50
CA ALA D 136 42.57 -7.80 33.51
C ALA D 136 43.56 -8.08 34.64
N GLU D 137 44.86 -7.90 34.29
CA GLU D 137 45.95 -8.01 35.24
C GLU D 137 45.88 -6.82 36.20
N ARG D 138 46.37 -7.00 37.42
CA ARG D 138 46.15 -5.95 38.43
C ARG D 138 46.82 -4.62 38.06
N GLN D 139 47.92 -4.66 37.32
CA GLN D 139 48.70 -3.45 37.08
C GLN D 139 48.14 -2.58 35.95
N ALA D 140 47.37 -3.16 35.03
CA ALA D 140 46.80 -2.38 33.94
C ALA D 140 45.91 -1.27 34.48
N GLN D 141 45.96 -0.10 33.81
CA GLN D 141 45.13 1.06 34.11
C GLN D 141 44.31 1.39 32.87
N MET D 142 43.01 1.62 33.02
CA MET D 142 42.14 1.84 31.85
C MET D 142 41.44 3.18 31.90
N ALA D 143 41.54 3.95 30.81
CA ALA D 143 40.91 5.26 30.78
C ALA D 143 40.65 5.71 29.35
N LEU D 144 39.72 6.64 29.24
CA LEU D 144 39.45 7.31 27.98
C LEU D 144 40.01 8.72 28.06
N PRO D 145 41.08 9.00 27.32
CA PRO D 145 41.73 10.30 27.39
C PRO D 145 41.45 11.17 26.19
N GLU D 146 40.52 10.77 25.34
CA GLU D 146 40.27 11.54 24.14
C GLU D 146 39.80 12.95 24.47
N ALA D 147 39.01 13.10 25.54
CA ALA D 147 38.49 14.42 25.89
C ALA D 147 39.62 15.41 26.14
N ALA D 148 40.76 14.93 26.65
CA ALA D 148 41.89 15.80 26.92
C ALA D 148 42.41 16.44 25.64
N VAL D 149 42.40 15.69 24.53
CA VAL D 149 42.85 16.25 23.25
C VAL D 149 41.71 16.84 22.44
N GLY D 150 40.50 16.89 22.98
CA GLY D 150 39.41 17.48 22.22
C GLY D 150 38.68 16.56 21.28
N LEU D 151 38.94 15.26 21.35
CA LEU D 151 38.29 14.25 20.53
C LEU D 151 37.45 13.36 21.43
N LEU D 152 36.26 12.99 20.97
CA LEU D 152 35.45 12.03 21.72
C LEU D 152 35.86 10.58 21.37
N PRO D 153 35.48 9.61 22.19
CA PRO D 153 35.70 8.21 21.80
C PRO D 153 34.83 7.95 20.59
N CYS D 154 35.42 7.51 19.50
CA CYS D 154 34.60 7.33 18.32
C CYS D 154 34.39 5.88 17.96
N ALA D 155 34.82 4.97 18.82
CA ALA D 155 34.69 3.54 18.62
C ALA D 155 33.51 2.96 19.36
N GLY D 156 32.56 3.80 19.74
CA GLY D 156 31.45 3.38 20.58
C GLY D 156 31.70 3.55 22.04
N GLY D 157 32.75 4.28 22.41
CA GLY D 157 33.08 4.44 23.82
C GLY D 157 31.98 5.10 24.63
N THR D 158 31.32 6.11 24.05
CA THR D 158 30.27 6.87 24.74
C THR D 158 29.11 5.99 25.12
N GLN D 159 28.69 5.11 24.23
CA GLN D 159 27.61 4.20 24.54
C GLN D 159 28.06 3.05 25.44
N ALA D 160 29.20 2.43 25.12
CA ALA D 160 29.59 1.19 25.80
C ALA D 160 29.92 1.39 27.26
N LEU D 161 30.74 2.39 27.59
CA LEU D 161 31.16 2.55 28.99
C LEU D 161 30.01 2.79 29.97
N PRO D 162 29.03 3.67 29.72
CA PRO D 162 27.94 3.81 30.69
C PRO D 162 27.17 2.54 30.84
N TRP D 163 27.04 1.79 29.76
CA TRP D 163 26.23 0.59 29.81
C TRP D 163 26.72 -0.35 30.90
N LEU D 164 28.00 -0.66 30.94
CA LEU D 164 28.51 -1.58 31.95
C LEU D 164 28.50 -0.97 33.34
N VAL D 165 29.05 0.23 33.49
CA VAL D 165 29.34 0.73 34.83
C VAL D 165 28.39 1.80 35.30
N GLY D 166 27.49 2.26 34.44
CA GLY D 166 26.63 3.37 34.76
C GLY D 166 27.21 4.70 34.28
N GLU D 167 26.33 5.68 34.16
CA GLU D 167 26.72 6.97 33.60
C GLU D 167 27.73 7.71 34.48
N GLY D 168 27.49 7.72 35.80
CA GLY D 168 28.34 8.50 36.69
C GLY D 168 29.79 8.07 36.64
N TRP D 169 30.02 6.77 36.77
CA TRP D 169 31.40 6.29 36.67
C TRP D 169 31.94 6.49 35.26
N ALA D 170 31.11 6.25 34.25
CA ALA D 170 31.55 6.52 32.89
C ALA D 170 31.93 7.99 32.72
N LYS D 171 31.14 8.91 33.30
CA LYS D 171 31.45 10.32 33.12
C LYS D 171 32.79 10.73 33.72
N ARG D 172 33.11 10.21 34.89
CA ARG D 172 34.36 10.63 35.50
C ARG D 172 35.57 10.29 34.63
N MET D 173 35.57 9.09 34.01
CA MET D 173 36.70 8.70 33.16
C MET D 173 36.78 9.52 31.89
N ILE D 174 35.69 9.60 31.15
CA ILE D 174 35.76 10.37 29.93
C ILE D 174 35.70 11.86 30.23
N LEU D 175 34.69 12.31 31.01
CA LEU D 175 34.59 13.75 31.25
C LEU D 175 35.75 14.25 32.08
N CYS D 176 36.07 13.57 33.17
CA CYS D 176 37.12 14.12 34.00
C CYS D 176 38.48 13.61 33.61
N ASN D 177 38.55 12.70 32.66
CA ASN D 177 39.80 12.17 32.15
C ASN D 177 40.61 11.53 33.26
N GLU D 178 39.97 10.60 33.98
CA GLU D 178 40.56 9.92 35.13
C GLU D 178 40.69 8.43 34.85
N ARG D 179 41.91 7.92 34.99
CA ARG D 179 42.17 6.50 34.76
C ARG D 179 41.84 5.69 36.01
N VAL D 180 41.50 4.42 35.79
CA VAL D 180 41.11 3.51 36.87
C VAL D 180 41.97 2.27 36.86
N ASP D 181 42.35 1.81 38.07
CA ASP D 181 43.11 0.60 38.30
C ASP D 181 42.18 -0.60 38.21
N ALA D 182 42.79 -1.79 38.14
CA ALA D 182 42.01 -3.02 37.99
C ALA D 182 41.06 -3.22 39.15
N GLU D 183 41.49 -2.89 40.36
CA GLU D 183 40.63 -3.05 41.52
C GLU D 183 39.38 -2.16 41.39
N THR D 184 39.57 -0.94 40.92
CA THR D 184 38.44 -0.04 40.75
C THR D 184 37.50 -0.56 39.67
N ALA D 185 38.06 -0.99 38.53
CA ALA D 185 37.24 -1.44 37.41
C ALA D 185 36.41 -2.66 37.77
N LEU D 186 36.99 -3.60 38.49
CA LEU D 186 36.23 -4.74 38.96
C LEU D 186 35.13 -4.29 39.89
N ARG D 187 35.42 -3.30 40.75
CA ARG D 187 34.43 -2.87 41.72
C ARG D 187 33.23 -2.22 41.02
N ILE D 188 33.49 -1.40 40.00
CA ILE D 188 32.40 -0.75 39.27
C ILE D 188 31.76 -1.66 38.24
N GLY D 189 32.28 -2.84 38.02
CA GLY D 189 31.74 -3.75 37.03
C GLY D 189 32.33 -3.61 35.65
N LEU D 190 33.36 -2.77 35.48
CA LEU D 190 33.98 -2.61 34.17
C LEU D 190 34.62 -3.93 33.72
N VAL D 191 35.29 -4.63 34.64
CA VAL D 191 35.94 -5.90 34.36
C VAL D 191 35.32 -6.96 35.26
N GLU D 192 34.94 -8.08 34.66
CA GLU D 192 34.31 -9.16 35.42
C GLU D 192 35.26 -9.83 36.41
N GLN D 193 36.55 -9.99 36.08
CA GLN D 193 37.46 -10.68 36.98
C GLN D 193 38.82 -10.01 37.04
N VAL D 194 39.52 -10.20 38.16
CA VAL D 194 40.85 -9.66 38.37
C VAL D 194 41.83 -10.82 38.47
N VAL D 195 42.98 -10.67 37.83
CA VAL D 195 43.98 -11.72 37.76
C VAL D 195 45.37 -11.18 38.09
N ASP D 196 46.24 -12.09 38.51
CA ASP D 196 47.63 -11.78 38.81
C ASP D 196 48.37 -11.44 37.52
N SER D 197 49.40 -10.63 37.63
CA SER D 197 50.09 -10.13 36.45
C SER D 197 50.58 -11.28 35.57
N GLY D 198 50.33 -11.15 34.28
CA GLY D 198 50.72 -12.17 33.35
C GLY D 198 49.77 -13.34 33.26
N GLU D 199 48.76 -13.41 34.10
CA GLU D 199 47.87 -14.56 34.04
C GLU D 199 46.61 -14.30 33.21
N ALA D 200 46.43 -13.09 32.67
CA ALA D 200 45.23 -12.80 31.92
C ALA D 200 45.09 -13.71 30.70
N ARG D 201 46.19 -13.92 29.99
CA ARG D 201 46.15 -14.75 28.79
C ARG D 201 45.71 -16.18 29.10
N GLY D 202 46.33 -16.79 30.11
CA GLY D 202 45.96 -18.17 30.44
C GLY D 202 44.54 -18.29 30.96
N ALA D 203 44.16 -17.38 31.86
CA ALA D 203 42.81 -17.38 32.41
C ALA D 203 41.77 -17.18 31.31
N ALA D 204 42.06 -16.29 30.36
CA ALA D 204 41.12 -16.08 29.27
C ALA D 204 40.95 -17.35 28.45
N LEU D 205 42.07 -17.98 28.09
CA LEU D 205 42.05 -19.24 27.33
C LEU D 205 41.41 -20.33 28.16
N LEU D 206 41.73 -20.36 29.44
CA LEU D 206 41.11 -21.35 30.29
C LEU D 206 39.60 -21.17 30.24
N LEU D 207 39.13 -19.93 30.42
CA LEU D 207 37.69 -19.65 30.34
C LEU D 207 37.15 -19.91 28.94
N ALA D 208 37.89 -19.51 27.91
CA ALA D 208 37.40 -19.74 26.56
C ALA D 208 37.21 -21.23 26.32
N ALA D 209 38.05 -22.07 26.92
CA ALA D 209 37.86 -23.51 26.81
C ALA D 209 36.54 -23.94 27.44
N LYS D 210 36.11 -23.29 28.52
CA LYS D 210 34.83 -23.64 29.14
C LYS D 210 33.68 -23.34 28.20
N VAL D 211 33.82 -22.28 27.42
CA VAL D 211 32.81 -21.89 26.47
C VAL D 211 32.64 -22.96 25.41
N ALA D 212 33.74 -23.61 25.03
CA ALA D 212 33.63 -24.68 24.06
C ALA D 212 32.71 -25.77 24.58
N ARG D 213 32.49 -25.80 25.90
CA ARG D 213 31.76 -26.91 26.51
C ARG D 213 30.26 -26.72 26.38
N GLN D 214 29.81 -25.51 26.10
CA GLN D 214 28.40 -25.29 25.84
C GLN D 214 28.10 -25.45 24.36
N SER D 215 26.85 -25.74 24.07
CA SER D 215 26.45 -26.03 22.71
C SER D 215 26.78 -24.88 21.77
N PRO D 216 27.46 -25.15 20.64
CA PRO D 216 27.80 -24.05 19.72
C PRO D 216 26.56 -23.40 19.16
N VAL D 217 25.60 -24.20 18.70
CA VAL D 217 24.42 -23.61 18.11
C VAL D 217 23.71 -22.75 19.14
N ALA D 218 23.66 -23.22 20.41
CA ALA D 218 23.00 -22.43 21.45
C ALA D 218 23.72 -21.14 21.74
N ILE D 219 25.04 -21.18 21.90
CA ILE D 219 25.73 -19.94 22.26
C ILE D 219 25.45 -18.87 21.20
N ARG D 220 25.55 -19.26 19.92
CA ARG D 220 25.41 -18.31 18.84
C ARG D 220 24.06 -17.62 18.88
N THR D 221 23.00 -18.38 19.14
CA THR D 221 21.69 -17.74 19.18
C THR D 221 21.45 -16.95 20.48
N ILE D 222 21.95 -17.43 21.62
CA ILE D 222 21.65 -16.72 22.87
C ILE D 222 22.29 -15.32 22.91
N LYS D 223 23.52 -15.19 22.41
CA LYS D 223 24.22 -13.92 22.56
C LYS D 223 23.45 -12.74 22.00
N PRO D 224 22.74 -12.84 20.87
CA PRO D 224 21.97 -11.68 20.41
C PRO D 224 20.90 -11.27 21.39
N LEU D 225 20.23 -12.25 22.02
CA LEU D 225 19.18 -11.92 22.97
C LEU D 225 19.69 -11.07 24.11
N ILE D 226 20.86 -11.43 24.63
CA ILE D 226 21.46 -10.67 25.72
C ILE D 226 21.75 -9.25 25.27
N GLN D 227 22.24 -9.11 24.04
CA GLN D 227 22.57 -7.78 23.58
C GLN D 227 21.42 -7.09 22.90
N GLY D 228 20.23 -7.69 22.89
CA GLY D 228 19.09 -7.04 22.27
C GLY D 228 18.71 -5.74 22.93
N ALA D 229 18.90 -5.66 24.25
CA ALA D 229 18.48 -4.47 24.99
C ALA D 229 19.12 -3.21 24.42
N ARG D 230 20.30 -3.34 23.84
CA ARG D 230 20.97 -2.17 23.25
C ARG D 230 20.17 -1.58 22.10
N GLU D 231 19.67 -2.44 21.23
CA GLU D 231 18.84 -1.98 20.12
C GLU D 231 17.47 -1.51 20.59
N ARG D 232 16.90 -2.21 21.55
CA ARG D 232 15.52 -2.05 21.92
C ARG D 232 15.27 -2.40 23.37
N ALA D 233 14.08 -2.05 23.80
CA ALA D 233 13.62 -2.28 25.14
C ALA D 233 13.63 -3.77 25.45
N PRO D 234 13.93 -4.14 26.70
CA PRO D 234 13.97 -5.57 27.05
C PRO D 234 12.65 -6.30 26.95
N ASN D 235 11.56 -5.67 27.37
CA ASN D 235 10.26 -6.34 27.35
C ASN D 235 9.84 -6.73 25.94
N THR D 236 10.28 -5.97 24.94
CA THR D 236 9.96 -6.26 23.54
C THR D 236 10.53 -7.59 23.08
N TRP D 237 11.71 -7.95 23.57
CA TRP D 237 12.34 -9.18 23.13
C TRP D 237 11.69 -10.43 23.69
N LEU D 238 10.80 -10.28 24.68
CA LEU D 238 10.24 -11.45 25.35
C LEU D 238 9.52 -12.40 24.41
N PRO D 239 8.68 -11.95 23.47
CA PRO D 239 8.09 -12.90 22.52
C PRO D 239 9.15 -13.59 21.68
N GLU D 240 10.15 -12.82 21.25
CA GLU D 240 11.18 -13.43 20.45
C GLU D 240 11.91 -14.47 21.26
N GLU D 241 12.08 -14.21 22.56
CA GLU D 241 12.86 -15.14 23.37
C GLU D 241 12.25 -16.53 23.36
N ARG D 242 10.93 -16.61 23.50
CA ARG D 242 10.27 -17.90 23.45
C ARG D 242 10.42 -18.51 22.06
N GLU D 243 10.31 -17.67 21.03
CA GLU D 243 10.41 -18.14 19.66
C GLU D 243 11.81 -18.68 19.36
N ARG D 244 12.85 -17.91 19.64
CA ARG D 244 14.20 -18.45 19.53
C ARG D 244 14.31 -19.75 20.27
N PHE D 245 13.70 -19.80 21.45
CA PHE D 245 13.75 -21.02 22.24
C PHE D 245 13.16 -22.18 21.46
N VAL D 246 12.03 -21.96 20.80
CA VAL D 246 11.43 -23.01 20.00
C VAL D 246 12.35 -23.43 18.83
N ASP D 247 13.06 -22.48 18.22
CA ASP D 247 13.95 -22.81 17.10
C ASP D 247 15.06 -23.74 17.51
N LEU D 248 15.59 -23.52 18.72
CA LEU D 248 16.66 -24.37 19.22
C LEU D 248 16.17 -25.79 19.32
N PHE D 249 14.95 -25.97 19.81
CA PHE D 249 14.43 -27.30 20.04
C PHE D 249 14.44 -28.08 18.73
N ASP D 250 14.25 -27.39 17.62
CA ASP D 250 14.26 -28.00 16.30
C ASP D 250 15.70 -28.19 15.85
N ALA D 251 16.46 -28.90 16.66
CA ALA D 251 17.84 -29.17 16.31
C ALA D 251 18.25 -30.46 16.98
N GLN D 252 19.04 -31.21 16.23
CA GLN D 252 19.73 -32.38 16.73
C GLN D 252 20.53 -32.08 18.00
N ASP D 253 21.23 -30.94 18.01
CA ASP D 253 22.17 -30.62 19.09
C ASP D 253 21.43 -30.34 20.37
N THR D 254 20.26 -29.77 20.25
CA THR D 254 19.43 -29.45 21.39
C THR D 254 19.06 -30.70 22.19
N ARG D 255 18.61 -31.77 21.51
CA ARG D 255 18.21 -32.97 22.23
C ARG D 255 19.38 -33.58 22.99
N GLU D 256 20.60 -33.39 22.50
CA GLU D 256 21.77 -33.95 23.17
C GLU D 256 22.01 -33.32 24.53
N GLY D 257 21.87 -32.00 24.64
CA GLY D 257 22.14 -31.35 25.91
C GLY D 257 21.23 -31.80 27.04
N VAL D 258 19.93 -31.89 26.76
CA VAL D 258 18.95 -32.31 27.78
C VAL D 258 19.14 -33.77 28.17
N ASN D 259 19.40 -34.64 27.17
CA ASN D 259 19.62 -36.05 27.47
C ASN D 259 20.84 -36.24 28.36
N ALA D 260 21.92 -35.50 28.07
CA ALA D 260 23.15 -35.65 28.84
C ALA D 260 22.93 -35.33 30.31
N PHE D 261 22.21 -34.25 30.59
CA PHE D 261 21.89 -33.93 31.98
C PHE D 261 21.04 -35.00 32.61
N LEU D 262 20.10 -35.53 31.86
CA LEU D 262 19.23 -36.53 32.44
C LEU D 262 20.04 -37.75 32.86
N GLU D 263 20.99 -38.19 32.01
CA GLU D 263 21.85 -39.35 32.27
C GLU D 263 23.17 -39.02 32.99
N LYS D 264 23.32 -37.83 33.54
CA LYS D 264 24.49 -37.46 34.33
C LYS D 264 25.80 -37.57 33.51
N ARG D 265 25.71 -37.34 32.21
CA ARG D 265 26.94 -37.47 31.45
C ARG D 265 27.22 -36.19 30.67
N ASP D 266 28.47 -36.05 30.29
CA ASP D 266 28.90 -34.90 29.53
C ASP D 266 28.18 -34.87 28.19
N PRO D 267 27.65 -33.72 27.80
CA PRO D 267 27.02 -33.60 26.48
C PRO D 267 28.08 -33.59 25.38
N LYS D 268 27.73 -34.22 24.27
CA LYS D 268 28.60 -34.30 23.09
C LYS D 268 27.85 -33.81 21.83
N TRP D 269 28.35 -32.75 21.19
CA TRP D 269 27.71 -32.21 19.98
C TRP D 269 28.70 -31.96 18.85
N ARG D 270 28.12 -31.67 17.69
CA ARG D 270 28.85 -31.53 16.45
C ARG D 270 29.10 -30.09 16.00
N LYS E 9 -38.51 8.38 -2.59
CA LYS E 9 -39.39 9.16 -3.44
C LYS E 9 -40.72 9.46 -2.76
N ALA E 10 -41.68 9.94 -3.57
CA ALA E 10 -43.06 10.22 -3.16
C ALA E 10 -43.19 11.29 -2.07
N SER E 11 -42.38 12.36 -2.15
CA SER E 11 -42.43 13.46 -1.19
C SER E 11 -43.22 14.69 -1.69
N SER E 12 -43.78 14.66 -2.92
CA SER E 12 -44.52 15.79 -3.53
C SER E 12 -45.90 15.31 -4.03
N PHE E 13 -46.80 14.98 -3.09
CA PHE E 13 -48.22 14.73 -3.35
C PHE E 13 -48.92 14.54 -2.01
N ASP E 14 -50.20 14.25 -2.02
CA ASP E 14 -50.93 14.01 -0.78
C ASP E 14 -50.82 12.52 -0.47
N ASP E 15 -50.01 12.19 0.54
CA ASP E 15 -49.84 10.82 1.01
C ASP E 15 -50.15 10.81 2.50
N THR E 16 -50.90 9.81 2.96
CA THR E 16 -51.30 9.74 4.36
C THR E 16 -50.09 9.65 5.28
N HIS E 17 -50.13 10.42 6.37
CA HIS E 17 -49.04 10.37 7.32
C HIS E 17 -48.93 9.00 7.98
N LYS E 18 -50.00 8.22 7.92
CA LYS E 18 -49.95 6.85 8.41
C LYS E 18 -48.88 6.04 7.68
N LEU E 19 -48.71 6.28 6.39
CA LEU E 19 -47.68 5.59 5.62
C LEU E 19 -46.53 6.57 5.39
N THR E 20 -45.35 6.17 5.82
CA THR E 20 -44.15 6.99 5.69
C THR E 20 -43.19 6.30 4.76
N VAL E 21 -42.67 7.05 3.79
CA VAL E 21 -41.73 6.52 2.82
C VAL E 21 -40.41 7.24 2.99
N GLU E 22 -39.34 6.48 3.10
CA GLU E 22 -38.00 7.02 3.17
C GLU E 22 -37.23 6.45 1.98
N LYS E 23 -36.52 7.32 1.29
CA LYS E 23 -35.76 6.92 0.12
C LYS E 23 -34.30 6.75 0.53
N HIS E 24 -33.80 5.53 0.39
CA HIS E 24 -32.40 5.25 0.67
C HIS E 24 -31.76 4.70 -0.60
N GLY E 25 -30.87 5.47 -1.21
CA GLY E 25 -30.28 5.05 -2.48
C GLY E 25 -31.33 4.79 -3.52
N HIS E 26 -31.26 3.61 -4.11
CA HIS E 26 -32.21 3.14 -5.11
C HIS E 26 -33.32 2.31 -4.48
N THR E 27 -33.39 2.29 -3.15
CA THR E 27 -34.45 1.60 -2.41
C THR E 27 -35.38 2.60 -1.74
N ALA E 28 -36.70 2.38 -1.91
CA ALA E 28 -37.73 3.18 -1.27
C ALA E 28 -38.30 2.39 -0.11
N LEU E 29 -38.32 2.99 1.07
CA LEU E 29 -38.77 2.30 2.27
C LEU E 29 -40.17 2.76 2.62
N ILE E 30 -41.09 1.79 2.72
CA ILE E 30 -42.48 2.05 3.04
C ILE E 30 -42.74 1.47 4.42
N THR E 31 -43.26 2.29 5.33
CA THR E 31 -43.60 1.81 6.67
C THR E 31 -45.06 2.07 6.97
N ILE E 32 -45.76 1.03 7.40
CA ILE E 32 -47.11 1.20 7.93
C ILE E 32 -46.96 1.82 9.31
N ASN E 33 -47.63 2.93 9.54
CA ASN E 33 -47.56 3.60 10.83
C ASN E 33 -48.98 3.92 11.28
N HIS E 34 -49.71 2.89 11.67
CA HIS E 34 -51.03 3.09 12.24
C HIS E 34 -51.04 2.36 13.56
N PRO E 35 -51.15 3.06 14.69
CA PRO E 35 -51.13 2.36 15.97
C PRO E 35 -52.48 1.79 16.33
N PRO E 36 -52.49 0.73 17.15
CA PRO E 36 -51.22 0.20 17.69
C PRO E 36 -50.70 -1.05 17.00
N ALA E 37 -51.54 -1.65 16.16
CA ALA E 37 -51.26 -2.90 15.48
C ALA E 37 -50.93 -2.74 13.98
N ASN E 38 -50.80 -1.52 13.48
CA ASN E 38 -50.50 -1.23 12.07
C ASN E 38 -51.55 -1.78 11.11
N THR E 39 -52.80 -1.78 11.59
CA THR E 39 -53.93 -2.27 10.82
C THR E 39 -54.24 -1.36 9.61
N TRP E 40 -54.58 -2.00 8.49
CA TRP E 40 -54.87 -1.31 7.24
C TRP E 40 -56.18 -0.55 7.30
N ASP E 41 -56.20 0.59 6.62
CA ASP E 41 -57.41 1.39 6.55
C ASP E 41 -57.58 1.87 5.13
N ARG E 42 -58.76 2.41 4.88
CA ARG E 42 -59.04 2.96 3.56
C ARG E 42 -58.03 4.01 3.14
N ASP E 43 -57.61 4.86 4.07
CA ASP E 43 -56.67 5.91 3.72
C ASP E 43 -55.34 5.29 3.30
N SER E 44 -54.89 4.28 4.03
CA SER E 44 -53.64 3.60 3.68
C SER E 44 -53.75 2.89 2.34
N LEU E 45 -54.85 2.18 2.08
CA LEU E 45 -54.96 1.45 0.84
C LEU E 45 -54.89 2.39 -0.35
N ILE E 46 -55.59 3.53 -0.28
CA ILE E 46 -55.53 4.46 -1.40
C ILE E 46 -54.11 4.95 -1.60
N GLY E 47 -53.43 5.30 -0.51
CA GLY E 47 -52.06 5.77 -0.60
C GLY E 47 -51.15 4.72 -1.18
N LEU E 48 -51.34 3.46 -0.77
CA LEU E 48 -50.47 2.42 -1.29
C LEU E 48 -50.58 2.36 -2.81
N ARG E 49 -51.81 2.26 -3.32
CA ARG E 49 -51.98 2.17 -4.76
C ARG E 49 -51.41 3.39 -5.45
N GLN E 50 -51.70 4.59 -4.93
CA GLN E 50 -51.13 5.78 -5.54
C GLN E 50 -49.61 5.76 -5.42
N LEU E 51 -49.12 5.35 -4.25
CA LEU E 51 -47.68 5.34 -4.01
C LEU E 51 -46.97 4.45 -5.02
N ILE E 52 -47.50 3.26 -5.24
CA ILE E 52 -46.89 2.31 -6.16
C ILE E 52 -46.80 2.90 -7.55
N GLU E 53 -47.87 3.58 -7.97
CA GLU E 53 -47.90 4.22 -9.28
C GLU E 53 -46.83 5.31 -9.39
N HIS E 54 -46.66 6.13 -8.34
CA HIS E 54 -45.61 7.13 -8.40
C HIS E 54 -44.24 6.47 -8.43
N LEU E 55 -44.07 5.42 -7.61
CA LEU E 55 -42.79 4.74 -7.54
C LEU E 55 -42.42 4.11 -8.87
N ASN E 56 -43.40 3.48 -9.54
CA ASN E 56 -43.13 2.94 -10.85
C ASN E 56 -42.66 4.00 -11.81
N ARG E 57 -43.27 5.18 -11.74
CA ARG E 57 -42.86 6.23 -12.66
C ARG E 57 -41.43 6.66 -12.39
N ASP E 58 -40.99 6.64 -11.13
CA ASP E 58 -39.64 7.09 -10.84
C ASP E 58 -38.60 6.09 -11.35
N ASP E 59 -37.59 6.61 -12.06
CA ASP E 59 -36.53 5.76 -12.58
C ASP E 59 -35.33 5.61 -11.64
N ASP E 60 -35.31 6.31 -10.51
CA ASP E 60 -34.21 6.20 -9.56
C ASP E 60 -34.39 5.03 -8.58
N ILE E 61 -35.55 4.41 -8.55
CA ILE E 61 -35.86 3.42 -7.54
C ILE E 61 -35.89 2.03 -8.15
N TYR E 62 -35.05 1.14 -7.62
CA TYR E 62 -35.00 -0.22 -8.13
C TYR E 62 -35.56 -1.25 -7.18
N ALA E 63 -35.72 -0.94 -5.91
CA ALA E 63 -36.23 -1.89 -4.95
C ALA E 63 -37.18 -1.21 -3.98
N LEU E 64 -38.10 -2.01 -3.45
CA LEU E 64 -39.11 -1.55 -2.52
C LEU E 64 -39.09 -2.38 -1.27
N VAL E 65 -39.21 -1.74 -0.12
CA VAL E 65 -39.24 -2.41 1.16
C VAL E 65 -40.43 -1.91 1.96
N VAL E 66 -41.18 -2.83 2.55
CA VAL E 66 -42.34 -2.53 3.40
C VAL E 66 -42.10 -3.14 4.79
N THR E 67 -42.33 -2.36 5.85
CA THR E 67 -42.19 -2.81 7.24
C THR E 67 -43.28 -2.20 8.14
N GLY E 68 -43.58 -2.89 9.22
CA GLY E 68 -44.58 -2.43 10.18
C GLY E 68 -43.95 -1.61 11.29
N GLN E 69 -44.50 -0.42 11.52
CA GLN E 69 -43.97 0.42 12.59
C GLN E 69 -44.12 -0.28 13.93
N GLY E 70 -43.10 -0.16 14.76
CA GLY E 70 -43.10 -0.78 16.06
C GLY E 70 -42.53 -2.18 15.98
N PRO E 71 -42.03 -2.68 17.10
CA PRO E 71 -41.44 -4.02 17.12
C PRO E 71 -42.45 -5.15 17.07
N LYS E 72 -43.65 -4.94 17.57
CA LYS E 72 -44.50 -6.09 17.84
C LYS E 72 -45.32 -6.57 16.63
N PHE E 73 -45.75 -5.67 15.76
CA PHE E 73 -46.56 -6.11 14.61
C PHE E 73 -46.09 -5.46 13.34
N PHE E 74 -45.80 -6.28 12.33
CA PHE E 74 -45.68 -5.78 10.97
C PHE E 74 -47.00 -5.18 10.49
N SER E 75 -48.09 -5.95 10.62
CA SER E 75 -49.43 -5.52 10.24
C SER E 75 -50.49 -6.37 10.90
N ALA E 76 -51.54 -5.70 11.37
CA ALA E 76 -52.65 -6.34 12.06
C ALA E 76 -53.72 -6.82 11.12
N GLY E 77 -53.58 -6.57 9.84
CA GLY E 77 -54.64 -6.87 8.94
C GLY E 77 -55.52 -5.64 8.84
N ALA E 78 -56.71 -5.84 8.33
CA ALA E 78 -57.67 -4.77 8.12
C ALA E 78 -58.21 -4.19 9.41
N ASP E 79 -58.41 -2.87 9.42
CA ASP E 79 -58.94 -2.20 10.60
C ASP E 79 -60.37 -2.65 10.86
N LEU E 80 -60.68 -2.77 12.14
CA LEU E 80 -62.00 -3.22 12.58
C LEU E 80 -63.07 -2.22 12.19
N ASN E 81 -62.72 -0.92 12.29
CA ASN E 81 -63.63 0.12 11.83
C ASN E 81 -63.99 -0.11 10.36
N MET E 82 -63.03 -0.65 9.62
CA MET E 82 -63.21 -0.92 8.20
C MET E 82 -64.31 -2.00 7.91
N PHE E 83 -64.59 -2.95 8.83
CA PHE E 83 -65.61 -3.99 8.61
C PHE E 83 -66.80 -4.01 9.62
N ALA E 84 -67.06 -2.87 10.28
CA ALA E 84 -68.17 -2.76 11.23
C ALA E 84 -69.52 -3.07 10.60
N ASP E 85 -70.33 -3.84 11.32
CA ASP E 85 -71.63 -4.25 10.87
C ASP E 85 -72.53 -3.04 10.85
N GLY E 86 -73.57 -3.07 10.03
CA GLY E 86 -73.89 -4.21 9.21
C GLY E 86 -73.87 -3.88 7.73
N ASP E 87 -73.28 -2.73 7.39
CA ASP E 87 -73.31 -2.23 6.02
C ASP E 87 -72.53 -3.09 5.03
N LYS E 88 -73.24 -3.54 3.99
CA LYS E 88 -72.69 -4.27 2.85
C LYS E 88 -72.05 -3.40 1.79
N ALA E 89 -72.56 -2.20 1.55
CA ALA E 89 -71.99 -1.39 0.49
C ALA E 89 -70.53 -1.14 0.76
N ARG E 90 -70.21 -0.80 2.00
CA ARG E 90 -68.82 -0.52 2.26
C ARG E 90 -67.99 -1.79 2.11
N ALA E 91 -68.38 -2.87 2.80
CA ALA E 91 -67.66 -4.12 2.71
C ALA E 91 -67.25 -4.43 1.27
N ARG E 92 -68.17 -4.23 0.32
CA ARG E 92 -67.82 -4.46 -1.08
C ARG E 92 -66.69 -3.51 -1.48
N GLU E 93 -66.75 -2.28 -1.00
CA GLU E 93 -65.82 -1.25 -1.46
C GLU E 93 -64.45 -1.44 -0.85
N MET E 94 -64.41 -1.75 0.45
CA MET E 94 -63.13 -2.04 1.09
C MET E 94 -62.45 -3.23 0.45
N ALA E 95 -63.20 -4.30 0.19
CA ALA E 95 -62.60 -5.46 -0.45
C ALA E 95 -62.01 -5.07 -1.80
N ARG E 96 -62.68 -4.19 -2.52
CA ARG E 96 -62.17 -3.74 -3.81
C ARG E 96 -60.84 -3.01 -3.62
N ARG E 97 -60.76 -2.19 -2.57
CA ARG E 97 -59.58 -1.36 -2.29
C ARG E 97 -58.37 -2.22 -1.97
N PHE E 98 -58.59 -3.32 -1.24
CA PHE E 98 -57.49 -4.22 -0.95
C PHE E 98 -56.94 -4.82 -2.24
N GLY E 99 -57.84 -5.34 -3.07
CA GLY E 99 -57.36 -5.98 -4.29
C GLY E 99 -56.59 -5.00 -5.15
N GLU E 100 -57.15 -3.81 -5.34
CA GLU E 100 -56.48 -2.80 -6.15
C GLU E 100 -55.13 -2.45 -5.55
N ALA E 101 -55.10 -2.19 -4.25
CA ALA E 101 -53.84 -1.82 -3.64
C ALA E 101 -52.85 -2.98 -3.72
N PHE E 102 -53.27 -4.18 -3.30
CA PHE E 102 -52.34 -5.29 -3.30
C PHE E 102 -51.85 -5.66 -4.70
N GLU E 103 -52.73 -5.64 -5.69
CA GLU E 103 -52.24 -5.98 -7.01
C GLU E 103 -51.23 -4.95 -7.49
N ALA E 104 -51.44 -3.67 -7.16
CA ALA E 104 -50.48 -2.65 -7.62
C ALA E 104 -49.07 -2.91 -7.07
N LEU E 105 -48.98 -3.26 -5.79
CA LEU E 105 -47.71 -3.62 -5.22
C LEU E 105 -47.15 -4.87 -5.88
N ARG E 106 -48.01 -5.87 -6.07
CA ARG E 106 -47.59 -7.12 -6.68
C ARG E 106 -47.04 -6.89 -8.06
N ASP E 107 -47.60 -5.94 -8.78
CA ASP E 107 -47.13 -5.64 -10.12
C ASP E 107 -46.08 -4.53 -10.14
N PHE E 108 -45.55 -4.12 -8.98
CA PHE E 108 -44.52 -3.08 -8.96
C PHE E 108 -43.37 -3.52 -9.84
N ARG E 109 -42.88 -2.63 -10.72
CA ARG E 109 -41.83 -3.06 -11.64
C ARG E 109 -40.55 -3.46 -10.88
N GLY E 110 -40.17 -2.70 -9.87
CA GLY E 110 -39.01 -3.05 -9.08
C GLY E 110 -39.28 -4.20 -8.13
N VAL E 111 -38.21 -4.73 -7.54
CA VAL E 111 -38.38 -5.79 -6.56
C VAL E 111 -38.95 -5.22 -5.27
N SER E 112 -39.89 -5.94 -4.68
CA SER E 112 -40.55 -5.56 -3.44
C SER E 112 -40.16 -6.59 -2.40
N ILE E 113 -39.66 -6.12 -1.27
CA ILE E 113 -39.25 -6.97 -0.18
C ILE E 113 -40.06 -6.55 1.03
N ALA E 114 -40.69 -7.53 1.70
CA ALA E 114 -41.47 -7.29 2.89
C ALA E 114 -40.66 -7.74 4.08
N ALA E 115 -40.40 -6.81 5.01
CA ALA E 115 -39.67 -7.13 6.22
C ALA E 115 -40.67 -7.31 7.36
N ILE E 116 -40.80 -8.55 7.84
CA ILE E 116 -41.78 -8.91 8.85
C ILE E 116 -41.12 -8.80 10.21
N ASN E 117 -41.35 -7.67 10.88
CA ASN E 117 -40.80 -7.45 12.21
C ASN E 117 -41.82 -7.76 13.30
N GLY E 118 -43.07 -8.03 12.93
CA GLY E 118 -44.09 -8.39 13.90
C GLY E 118 -45.11 -9.34 13.33
N TYR E 119 -46.07 -9.72 14.16
CA TYR E 119 -47.14 -10.62 13.74
C TYR E 119 -47.86 -10.07 12.53
N ALA E 120 -47.97 -10.89 11.48
CA ALA E 120 -48.65 -10.49 10.26
C ALA E 120 -49.71 -11.49 9.87
N MET E 121 -50.97 -11.13 10.07
CA MET E 121 -52.09 -12.00 9.74
C MET E 121 -53.14 -11.25 8.93
N GLY E 122 -54.15 -11.99 8.47
CA GLY E 122 -55.22 -11.40 7.70
C GLY E 122 -54.70 -10.54 6.56
N GLY E 123 -55.11 -9.27 6.55
CA GLY E 123 -54.71 -8.36 5.51
C GLY E 123 -53.22 -8.17 5.50
N GLY E 124 -52.61 -8.10 6.69
CA GLY E 124 -51.17 -7.92 6.75
C GLY E 124 -50.42 -9.04 6.09
N LEU E 125 -50.86 -10.28 6.33
CA LEU E 125 -50.23 -11.41 5.65
C LEU E 125 -50.43 -11.27 4.15
N GLU E 126 -51.65 -10.89 3.75
CA GLU E 126 -51.95 -10.74 2.35
C GLU E 126 -51.03 -9.71 1.74
N CYS E 127 -50.74 -8.67 2.48
CA CYS E 127 -49.79 -7.69 1.99
C CYS E 127 -48.42 -8.29 1.77
N ALA E 128 -47.94 -9.09 2.71
CA ALA E 128 -46.61 -9.66 2.52
C ALA E 128 -46.60 -10.58 1.31
N LEU E 129 -47.67 -11.34 1.11
CA LEU E 129 -47.72 -12.25 -0.03
C LEU E 129 -47.59 -11.49 -1.34
N ALA E 130 -48.17 -10.29 -1.41
CA ALA E 130 -48.04 -9.49 -2.62
C ALA E 130 -46.58 -9.14 -2.90
N CYS E 131 -45.79 -8.94 -1.84
CA CYS E 131 -44.39 -8.60 -1.97
C CYS E 131 -43.61 -9.75 -2.58
N ASP E 132 -42.57 -9.40 -3.34
CA ASP E 132 -41.79 -10.41 -4.04
C ASP E 132 -41.06 -11.33 -3.07
N ILE E 133 -40.41 -10.76 -2.07
CA ILE E 133 -39.60 -11.54 -1.15
C ILE E 133 -39.99 -11.17 0.28
N ARG E 134 -39.99 -12.16 1.15
CA ARG E 134 -40.36 -11.93 2.53
C ARG E 134 -39.23 -12.36 3.45
N ILE E 135 -38.88 -11.48 4.37
CA ILE E 135 -37.88 -11.72 5.41
C ILE E 135 -38.59 -11.52 6.74
N ALA E 136 -38.47 -12.49 7.65
CA ALA E 136 -39.22 -12.42 8.90
C ALA E 136 -38.33 -12.63 10.12
N GLU E 137 -38.68 -11.95 11.22
CA GLU E 137 -38.03 -12.17 12.50
C GLU E 137 -38.46 -13.51 13.04
N ARG E 138 -37.69 -14.05 13.98
CA ARG E 138 -38.00 -15.39 14.45
C ARG E 138 -39.33 -15.45 15.18
N GLN E 139 -39.72 -14.35 15.83
CA GLN E 139 -40.88 -14.36 16.72
C GLN E 139 -42.19 -14.15 15.97
N ALA E 140 -42.14 -13.53 14.80
CA ALA E 140 -43.35 -13.20 14.06
C ALA E 140 -44.19 -14.44 13.78
N GLN E 141 -45.52 -14.26 13.90
CA GLN E 141 -46.52 -15.29 13.67
C GLN E 141 -47.47 -14.85 12.57
N MET E 142 -47.73 -15.71 11.61
CA MET E 142 -48.55 -15.37 10.46
C MET E 142 -49.70 -16.35 10.27
N ALA E 143 -50.93 -15.81 10.15
CA ALA E 143 -52.07 -16.67 9.89
C ALA E 143 -53.21 -15.87 9.29
N LEU E 144 -54.13 -16.59 8.68
CA LEU E 144 -55.34 -15.95 8.19
C LEU E 144 -56.48 -16.32 9.10
N PRO E 145 -56.95 -15.38 9.92
CA PRO E 145 -57.99 -15.68 10.92
C PRO E 145 -59.38 -15.25 10.46
N GLU E 146 -59.53 -14.80 9.22
CA GLU E 146 -60.81 -14.33 8.76
C GLU E 146 -61.84 -15.45 8.79
N ALA E 147 -61.43 -16.68 8.48
CA ALA E 147 -62.44 -17.75 8.44
C ALA E 147 -63.12 -17.92 9.79
N ALA E 148 -62.39 -17.71 10.90
CA ALA E 148 -62.99 -17.91 12.21
C ALA E 148 -64.18 -17.00 12.42
N VAL E 149 -64.12 -15.78 11.87
CA VAL E 149 -65.20 -14.81 11.96
C VAL E 149 -66.13 -14.90 10.74
N GLY E 150 -65.92 -15.87 9.86
CA GLY E 150 -66.83 -16.04 8.74
C GLY E 150 -66.56 -15.21 7.51
N LEU E 151 -65.38 -14.61 7.42
CA LEU E 151 -64.94 -13.77 6.32
C LEU E 151 -63.82 -14.49 5.62
N LEU E 152 -63.89 -14.61 4.33
CA LEU E 152 -62.74 -15.14 3.61
C LEU E 152 -61.70 -14.02 3.40
N PRO E 153 -60.44 -14.39 3.15
CA PRO E 153 -59.44 -13.38 2.80
C PRO E 153 -59.87 -12.74 1.49
N CYS E 154 -59.88 -11.41 1.44
CA CYS E 154 -60.33 -10.73 0.24
C CYS E 154 -59.21 -10.05 -0.50
N ALA E 155 -57.97 -10.24 -0.06
CA ALA E 155 -56.83 -9.56 -0.65
C ALA E 155 -56.10 -10.43 -1.64
N GLY E 156 -56.73 -11.47 -2.12
CA GLY E 156 -56.06 -12.44 -2.94
C GLY E 156 -55.43 -13.53 -2.13
N GLY E 157 -55.77 -13.61 -0.85
CA GLY E 157 -55.13 -14.60 0.00
C GLY E 157 -55.38 -16.03 -0.42
N THR E 158 -56.59 -16.33 -0.90
CA THR E 158 -56.95 -17.70 -1.28
C THR E 158 -56.08 -18.19 -2.40
N GLN E 159 -55.63 -17.29 -3.27
CA GLN E 159 -54.75 -17.65 -4.36
C GLN E 159 -53.28 -17.59 -3.95
N ALA E 160 -52.87 -16.51 -3.26
CA ALA E 160 -51.46 -16.27 -2.98
C ALA E 160 -50.86 -17.32 -2.04
N LEU E 161 -51.53 -17.61 -0.93
CA LEU E 161 -50.96 -18.56 0.01
C LEU E 161 -50.77 -19.98 -0.53
N PRO E 162 -51.72 -20.62 -1.22
CA PRO E 162 -51.42 -21.97 -1.73
C PRO E 162 -50.30 -21.93 -2.75
N TRP E 163 -50.22 -20.84 -3.51
CA TRP E 163 -49.20 -20.75 -4.55
C TRP E 163 -47.82 -20.90 -3.94
N LEU E 164 -47.53 -20.13 -2.89
CA LEU E 164 -46.24 -20.21 -2.23
C LEU E 164 -46.06 -21.51 -1.45
N VAL E 165 -47.03 -21.88 -0.61
CA VAL E 165 -46.84 -23.00 0.29
C VAL E 165 -47.60 -24.26 -0.10
N GLY E 166 -48.40 -24.24 -1.15
CA GLY E 166 -49.13 -25.44 -1.51
C GLY E 166 -50.46 -25.49 -0.79
N GLU E 167 -51.39 -26.25 -1.36
CA GLU E 167 -52.75 -26.24 -0.84
C GLU E 167 -52.82 -26.79 0.58
N GLY E 168 -52.14 -27.90 0.86
CA GLY E 168 -52.30 -28.53 2.16
C GLY E 168 -51.92 -27.61 3.31
N TRP E 169 -50.76 -26.97 3.22
CA TRP E 169 -50.42 -26.03 4.27
C TRP E 169 -51.35 -24.84 4.24
N ALA E 170 -51.63 -24.31 3.04
CA ALA E 170 -52.49 -23.14 2.93
C ALA E 170 -53.87 -23.40 3.51
N LYS E 171 -54.44 -24.56 3.22
CA LYS E 171 -55.76 -24.86 3.75
C LYS E 171 -55.72 -24.83 5.26
N ARG E 172 -54.65 -25.34 5.85
CA ARG E 172 -54.54 -25.43 7.30
C ARG E 172 -54.67 -24.08 7.99
N MET E 173 -53.93 -23.09 7.50
CA MET E 173 -53.96 -21.76 8.11
C MET E 173 -55.31 -21.09 7.97
N ILE E 174 -55.86 -21.07 6.77
CA ILE E 174 -57.15 -20.42 6.58
C ILE E 174 -58.29 -21.28 7.13
N LEU E 175 -58.39 -22.52 6.66
CA LEU E 175 -59.53 -23.35 7.08
C LEU E 175 -59.44 -23.71 8.55
N CYS E 176 -58.26 -24.11 9.01
CA CYS E 176 -58.12 -24.51 10.40
C CYS E 176 -57.73 -23.36 11.32
N ASN E 177 -57.48 -22.17 10.76
CA ASN E 177 -57.17 -20.98 11.56
C ASN E 177 -55.95 -21.18 12.44
N GLU E 178 -54.88 -21.74 11.86
CA GLU E 178 -53.67 -22.07 12.62
C GLU E 178 -52.54 -21.14 12.22
N ARG E 179 -51.90 -20.54 13.23
CA ARG E 179 -50.80 -19.61 13.03
C ARG E 179 -49.47 -20.36 12.90
N VAL E 180 -48.51 -19.76 12.22
CA VAL E 180 -47.20 -20.39 11.98
C VAL E 180 -46.07 -19.48 12.42
N ASP E 181 -45.07 -20.05 13.10
CA ASP E 181 -43.88 -19.29 13.46
C ASP E 181 -43.01 -19.09 12.24
N ALA E 182 -41.99 -18.24 12.39
CA ALA E 182 -41.06 -18.03 11.29
C ALA E 182 -40.42 -19.35 10.84
N GLU E 183 -40.07 -20.22 11.79
CA GLU E 183 -39.39 -21.47 11.42
C GLU E 183 -40.27 -22.36 10.55
N THR E 184 -41.53 -22.56 10.91
CA THR E 184 -42.40 -23.38 10.08
C THR E 184 -42.54 -22.75 8.72
N ALA E 185 -42.70 -21.43 8.70
CA ALA E 185 -42.89 -20.69 7.46
C ALA E 185 -41.70 -20.86 6.55
N LEU E 186 -40.49 -20.84 7.11
CA LEU E 186 -39.34 -21.04 6.26
C LEU E 186 -39.37 -22.45 5.69
N ARG E 187 -39.72 -23.43 6.52
CA ARG E 187 -39.79 -24.81 6.05
C ARG E 187 -40.85 -24.98 4.99
N ILE E 188 -42.01 -24.36 5.18
CA ILE E 188 -43.06 -24.53 4.20
C ILE E 188 -42.83 -23.68 2.99
N GLY E 189 -41.83 -22.81 3.03
CA GLY E 189 -41.54 -21.94 1.91
C GLY E 189 -42.31 -20.63 1.92
N LEU E 190 -43.07 -20.37 2.98
CA LEU E 190 -43.82 -19.10 3.10
C LEU E 190 -42.88 -17.91 3.14
N VAL E 191 -41.75 -18.06 3.80
CA VAL E 191 -40.73 -17.02 3.89
C VAL E 191 -39.43 -17.56 3.30
N GLU E 192 -38.77 -16.73 2.51
CA GLU E 192 -37.47 -17.10 1.92
C GLU E 192 -36.38 -17.19 2.99
N GLN E 193 -36.37 -16.27 3.94
CA GLN E 193 -35.31 -16.20 4.93
C GLN E 193 -35.85 -15.88 6.32
N VAL E 194 -35.13 -16.32 7.36
CA VAL E 194 -35.45 -16.05 8.76
C VAL E 194 -34.30 -15.24 9.34
N VAL E 195 -34.62 -14.20 10.10
CA VAL E 195 -33.62 -13.30 10.63
C VAL E 195 -33.83 -13.11 12.13
N ASP E 196 -32.76 -12.65 12.78
CA ASP E 196 -32.80 -12.36 14.19
C ASP E 196 -33.72 -11.15 14.44
N SER E 197 -34.30 -11.08 15.62
CA SER E 197 -35.28 -10.03 15.94
C SER E 197 -34.70 -8.63 15.75
N GLY E 198 -35.46 -7.78 15.09
CA GLY E 198 -35.10 -6.41 14.86
C GLY E 198 -34.16 -6.19 13.69
N GLU E 199 -33.68 -7.27 13.07
CA GLU E 199 -32.75 -7.16 11.95
C GLU E 199 -33.39 -7.33 10.59
N ALA E 200 -34.69 -7.62 10.54
CA ALA E 200 -35.36 -7.81 9.25
C ALA E 200 -35.30 -6.54 8.40
N ARG E 201 -35.54 -5.38 9.03
CA ARG E 201 -35.52 -4.15 8.28
C ARG E 201 -34.14 -3.90 7.69
N GLY E 202 -33.10 -4.06 8.51
CA GLY E 202 -31.75 -3.87 8.02
C GLY E 202 -31.37 -4.89 6.95
N ALA E 203 -31.74 -6.15 7.18
CA ALA E 203 -31.45 -7.17 6.17
C ALA E 203 -32.19 -6.88 4.87
N ALA E 204 -33.47 -6.51 4.97
CA ALA E 204 -34.23 -6.22 3.77
C ALA E 204 -33.61 -5.07 2.99
N LEU E 205 -33.15 -4.04 3.69
CA LEU E 205 -32.49 -2.94 3.00
C LEU E 205 -31.23 -3.44 2.33
N LEU E 206 -30.49 -4.31 3.03
CA LEU E 206 -29.27 -4.85 2.48
C LEU E 206 -29.58 -5.69 1.24
N LEU E 207 -30.59 -6.55 1.32
CA LEU E 207 -31.00 -7.33 0.15
C LEU E 207 -31.50 -6.40 -0.94
N ALA E 208 -32.21 -5.35 -0.56
CA ALA E 208 -32.67 -4.42 -1.58
C ALA E 208 -31.48 -3.81 -2.28
N ALA E 209 -30.38 -3.60 -1.57
CA ALA E 209 -29.20 -3.05 -2.22
C ALA E 209 -28.70 -3.96 -3.34
N LYS E 210 -28.85 -5.29 -3.16
CA LYS E 210 -28.38 -6.22 -4.17
C LYS E 210 -29.12 -6.02 -5.48
N VAL E 211 -30.41 -5.68 -5.41
CA VAL E 211 -31.21 -5.48 -6.61
C VAL E 211 -30.69 -4.29 -7.41
N ALA E 212 -30.17 -3.26 -6.74
CA ALA E 212 -29.64 -2.12 -7.48
C ALA E 212 -28.50 -2.55 -8.41
N ARG E 213 -27.82 -3.65 -8.08
CA ARG E 213 -26.63 -4.08 -8.80
C ARG E 213 -26.98 -4.82 -10.08
N GLN E 214 -28.27 -5.08 -10.30
CA GLN E 214 -28.74 -5.69 -11.53
C GLN E 214 -29.35 -4.63 -12.42
N SER E 215 -29.29 -4.87 -13.73
CA SER E 215 -29.72 -3.83 -14.66
C SER E 215 -31.18 -3.47 -14.44
N PRO E 216 -31.52 -2.18 -14.37
CA PRO E 216 -32.91 -1.81 -14.13
C PRO E 216 -33.80 -2.31 -15.24
N VAL E 217 -33.38 -2.10 -16.48
CA VAL E 217 -34.20 -2.48 -17.61
C VAL E 217 -34.49 -3.97 -17.56
N ALA E 218 -33.48 -4.75 -17.17
CA ALA E 218 -33.71 -6.19 -17.07
C ALA E 218 -34.71 -6.50 -15.98
N ILE E 219 -34.55 -5.91 -14.80
CA ILE E 219 -35.39 -6.32 -13.69
C ILE E 219 -36.86 -6.07 -14.02
N ARG E 220 -37.17 -4.91 -14.58
CA ARG E 220 -38.57 -4.59 -14.86
C ARG E 220 -39.17 -5.55 -15.88
N THR E 221 -38.46 -5.83 -16.96
CA THR E 221 -38.99 -6.79 -17.95
C THR E 221 -39.08 -8.20 -17.38
N ILE E 222 -38.05 -8.61 -16.63
CA ILE E 222 -37.97 -9.98 -16.16
C ILE E 222 -39.08 -10.31 -15.18
N LYS E 223 -39.43 -9.37 -14.31
CA LYS E 223 -40.39 -9.68 -13.25
C LYS E 223 -41.71 -10.20 -13.79
N PRO E 224 -42.28 -9.65 -14.88
CA PRO E 224 -43.53 -10.21 -15.40
C PRO E 224 -43.44 -11.66 -15.83
N LEU E 225 -42.33 -12.09 -16.42
CA LEU E 225 -42.19 -13.45 -16.91
C LEU E 225 -42.33 -14.47 -15.80
N ILE E 226 -41.69 -14.19 -14.68
CA ILE E 226 -41.70 -15.11 -13.55
C ILE E 226 -43.11 -15.29 -13.03
N GLN E 227 -43.88 -14.22 -13.04
CA GLN E 227 -45.25 -14.25 -12.56
C GLN E 227 -46.21 -14.64 -13.68
N GLY E 228 -45.68 -15.04 -14.85
CA GLY E 228 -46.52 -15.41 -15.96
C GLY E 228 -47.40 -16.60 -15.66
N ALA E 229 -46.90 -17.50 -14.80
CA ALA E 229 -47.60 -18.72 -14.45
C ALA E 229 -48.96 -18.45 -13.84
N ARG E 230 -49.08 -17.36 -13.10
CA ARG E 230 -50.38 -17.06 -12.49
C ARG E 230 -51.42 -16.76 -13.57
N GLU E 231 -51.09 -15.91 -14.53
CA GLU E 231 -52.04 -15.60 -15.59
C GLU E 231 -52.26 -16.80 -16.51
N ARG E 232 -51.19 -17.51 -16.87
CA ARG E 232 -51.31 -18.62 -17.81
C ARG E 232 -50.26 -19.68 -17.52
N ALA E 233 -50.43 -20.79 -18.20
CA ALA E 233 -49.53 -21.91 -18.07
C ALA E 233 -48.11 -21.46 -18.41
N PRO E 234 -47.10 -22.04 -17.76
CA PRO E 234 -45.73 -21.55 -17.97
C PRO E 234 -45.23 -21.74 -19.36
N ASN E 235 -45.55 -22.88 -19.95
CA ASN E 235 -45.08 -23.20 -21.29
C ASN E 235 -45.53 -22.16 -22.29
N THR E 236 -46.69 -21.56 -22.10
CA THR E 236 -47.16 -20.55 -23.04
C THR E 236 -46.20 -19.37 -23.15
N TRP E 237 -45.55 -19.01 -22.04
CA TRP E 237 -44.67 -17.85 -21.97
C TRP E 237 -43.33 -18.04 -22.64
N LEU E 238 -42.96 -19.27 -23.01
CA LEU E 238 -41.62 -19.48 -23.55
C LEU E 238 -41.31 -18.69 -24.80
N PRO E 239 -42.19 -18.59 -25.80
CA PRO E 239 -41.86 -17.75 -26.95
C PRO E 239 -41.71 -16.30 -26.55
N GLU E 240 -42.54 -15.83 -25.63
CA GLU E 240 -42.39 -14.46 -25.14
C GLU E 240 -41.05 -14.31 -24.44
N GLU E 241 -40.60 -15.34 -23.72
CA GLU E 241 -39.36 -15.24 -22.95
C GLU E 241 -38.19 -14.98 -23.88
N ARG E 242 -38.16 -15.65 -25.02
CA ARG E 242 -37.14 -15.35 -26.02
C ARG E 242 -37.33 -13.97 -26.62
N GLU E 243 -38.58 -13.58 -26.90
CA GLU E 243 -38.84 -12.27 -27.52
C GLU E 243 -38.38 -11.13 -26.61
N ARG E 244 -38.74 -11.20 -25.33
CA ARG E 244 -38.35 -10.13 -24.41
C ARG E 244 -36.84 -10.06 -24.29
N PHE E 245 -36.19 -11.20 -24.42
CA PHE E 245 -34.75 -11.24 -24.36
C PHE E 245 -34.13 -10.46 -25.50
N VAL E 246 -34.67 -10.62 -26.72
CA VAL E 246 -34.15 -9.87 -27.85
C VAL E 246 -34.36 -8.38 -27.64
N ASP E 247 -35.49 -8.00 -27.05
CA ASP E 247 -35.73 -6.60 -26.76
C ASP E 247 -34.67 -6.06 -25.81
N LEU E 248 -34.31 -6.86 -24.80
CA LEU E 248 -33.29 -6.42 -23.88
C LEU E 248 -31.98 -6.17 -24.61
N PHE E 249 -31.62 -7.08 -25.53
CA PHE E 249 -30.38 -6.96 -26.31
C PHE E 249 -30.38 -5.70 -27.17
N ASP E 250 -31.54 -5.23 -27.60
CA ASP E 250 -31.64 -3.99 -28.38
C ASP E 250 -31.67 -2.77 -27.47
N ALA E 251 -30.58 -2.57 -26.74
CA ALA E 251 -30.43 -1.42 -25.88
C ALA E 251 -28.96 -1.13 -25.63
N GLN E 252 -28.65 0.13 -25.30
CA GLN E 252 -27.28 0.47 -24.87
C GLN E 252 -26.95 -0.16 -23.51
N ASP E 253 -27.96 -0.32 -22.65
CA ASP E 253 -27.73 -0.82 -21.30
C ASP E 253 -27.35 -2.29 -21.30
N THR E 254 -27.98 -3.08 -22.15
CA THR E 254 -27.71 -4.51 -22.15
C THR E 254 -26.26 -4.82 -22.52
N ARG E 255 -25.69 -4.08 -23.48
CA ARG E 255 -24.34 -4.39 -23.95
C ARG E 255 -23.31 -4.12 -22.87
N GLU E 256 -23.63 -3.20 -21.96
CA GLU E 256 -22.70 -2.89 -20.88
C GLU E 256 -22.67 -4.03 -19.86
N GLY E 257 -23.81 -4.63 -19.57
CA GLY E 257 -23.82 -5.73 -18.61
C GLY E 257 -23.00 -6.93 -19.05
N VAL E 258 -23.18 -7.35 -20.31
CA VAL E 258 -22.41 -8.48 -20.81
C VAL E 258 -20.93 -8.13 -20.92
N ASN E 259 -20.61 -6.95 -21.45
CA ASN E 259 -19.21 -6.61 -21.67
C ASN E 259 -18.44 -6.55 -20.35
N ALA E 260 -19.09 -6.07 -19.30
CA ALA E 260 -18.43 -5.95 -18.00
C ALA E 260 -17.92 -7.30 -17.49
N PHE E 261 -18.71 -8.36 -17.66
CA PHE E 261 -18.28 -9.69 -17.23
C PHE E 261 -17.05 -10.17 -18.01
N LEU E 262 -16.99 -9.89 -19.32
CA LEU E 262 -15.84 -10.37 -20.08
C LEU E 262 -14.56 -9.80 -19.52
N GLU E 263 -14.54 -8.49 -19.25
CA GLU E 263 -13.41 -7.81 -18.64
C GLU E 263 -13.47 -7.83 -17.13
N LYS E 264 -14.40 -8.63 -16.58
CA LYS E 264 -14.62 -8.82 -15.15
C LYS E 264 -14.59 -7.50 -14.34
N ARG E 265 -15.35 -6.47 -14.79
CA ARG E 265 -15.64 -5.26 -14.02
C ARG E 265 -17.14 -5.16 -13.72
N ASP E 266 -17.48 -4.43 -12.66
CA ASP E 266 -18.88 -4.24 -12.26
C ASP E 266 -19.64 -3.52 -13.37
N PRO E 267 -20.84 -3.96 -13.72
CA PRO E 267 -21.61 -3.24 -14.74
C PRO E 267 -22.06 -1.89 -14.24
N LYS E 268 -22.05 -0.92 -15.15
CA LYS E 268 -22.44 0.45 -14.88
C LYS E 268 -23.57 0.81 -15.84
N TRP E 269 -24.74 1.13 -15.28
CA TRP E 269 -25.88 1.56 -16.09
C TRP E 269 -26.51 2.80 -15.48
N ARG E 270 -27.48 3.33 -16.22
CA ARG E 270 -28.15 4.58 -15.87
C ARG E 270 -29.60 4.31 -15.47
N LYS F 9 -9.30 -9.41 -31.45
CA LYS F 9 -9.10 -9.21 -32.88
C LYS F 9 -9.26 -10.53 -33.65
N ALA F 10 -9.99 -10.49 -34.78
CA ALA F 10 -10.23 -11.68 -35.64
C ALA F 10 -10.86 -12.83 -34.84
N SER F 11 -11.85 -12.47 -34.01
CA SER F 11 -12.43 -13.46 -33.12
C SER F 11 -13.19 -14.55 -33.86
N SER F 12 -13.89 -14.21 -34.95
CA SER F 12 -14.61 -15.23 -35.69
C SER F 12 -14.68 -14.88 -37.17
N PHE F 13 -13.84 -15.56 -37.93
CA PHE F 13 -13.94 -15.88 -39.34
C PHE F 13 -13.07 -17.11 -39.47
N ASP F 14 -13.16 -17.82 -40.59
CA ASP F 14 -12.33 -19.02 -40.71
C ASP F 14 -10.88 -18.58 -40.84
N ASP F 15 -10.14 -18.76 -39.76
CA ASP F 15 -8.75 -18.39 -39.69
C ASP F 15 -7.94 -19.64 -39.47
N THR F 16 -6.86 -19.74 -40.21
CA THR F 16 -6.01 -20.91 -40.14
C THR F 16 -5.40 -21.02 -38.74
N HIS F 17 -5.51 -22.22 -38.18
CA HIS F 17 -4.88 -22.50 -36.89
C HIS F 17 -3.39 -22.23 -36.91
N LYS F 18 -2.79 -22.28 -38.10
CA LYS F 18 -1.37 -21.96 -38.28
C LYS F 18 -1.06 -20.52 -37.86
N LEU F 19 -2.02 -19.62 -37.97
CA LEU F 19 -1.83 -18.24 -37.53
C LEU F 19 -2.76 -17.95 -36.36
N THR F 20 -2.18 -17.56 -35.23
CA THR F 20 -2.96 -17.25 -34.03
C THR F 20 -2.75 -15.81 -33.61
N VAL F 21 -3.84 -15.11 -33.39
CA VAL F 21 -3.82 -13.71 -33.01
C VAL F 21 -4.43 -13.56 -31.63
N GLU F 22 -3.70 -12.91 -30.73
CA GLU F 22 -4.13 -12.64 -29.38
C GLU F 22 -4.08 -11.14 -29.17
N LYS F 23 -5.10 -10.61 -28.53
CA LYS F 23 -5.25 -9.17 -28.35
C LYS F 23 -4.79 -8.68 -26.98
N HIS F 24 -3.80 -7.79 -26.96
CA HIS F 24 -3.34 -7.13 -25.75
C HIS F 24 -3.51 -5.64 -25.91
N GLY F 25 -4.35 -5.05 -25.08
CA GLY F 25 -4.55 -3.63 -25.24
C GLY F 25 -4.99 -3.34 -26.65
N HIS F 26 -4.30 -2.37 -27.25
CA HIS F 26 -4.58 -1.95 -28.61
C HIS F 26 -3.68 -2.62 -29.63
N THR F 27 -2.90 -3.63 -29.23
CA THR F 27 -2.01 -4.32 -30.15
C THR F 27 -2.46 -5.75 -30.43
N ALA F 28 -2.44 -6.15 -31.71
CA ALA F 28 -2.76 -7.52 -32.12
C ALA F 28 -1.46 -8.23 -32.38
N LEU F 29 -1.31 -9.38 -31.73
CA LEU F 29 -0.12 -10.20 -31.85
C LEU F 29 -0.43 -11.40 -32.75
N ILE F 30 0.33 -11.51 -33.83
CA ILE F 30 0.17 -12.55 -34.85
C ILE F 30 1.41 -13.42 -34.83
N THR F 31 1.24 -14.72 -34.66
CA THR F 31 2.42 -15.58 -34.70
C THR F 31 2.23 -16.68 -35.73
N ILE F 32 3.30 -16.92 -36.49
CA ILE F 32 3.33 -18.04 -37.39
C ILE F 32 3.40 -19.29 -36.55
N ASN F 33 2.56 -20.26 -36.86
CA ASN F 33 2.51 -21.49 -36.10
C ASN F 33 2.60 -22.64 -37.12
N HIS F 34 3.77 -22.81 -37.72
CA HIS F 34 3.96 -23.91 -38.67
C HIS F 34 5.21 -24.69 -38.27
N PRO F 35 5.09 -25.97 -37.99
CA PRO F 35 6.31 -26.66 -37.57
C PRO F 35 7.11 -27.32 -38.70
N PRO F 36 8.43 -27.43 -38.52
CA PRO F 36 9.10 -26.98 -37.31
C PRO F 36 9.78 -25.67 -37.59
N ALA F 37 9.78 -25.31 -38.85
CA ALA F 37 10.48 -24.13 -39.28
C ALA F 37 9.58 -22.92 -39.49
N ASN F 38 8.27 -23.07 -39.22
CA ASN F 38 7.27 -22.01 -39.46
C ASN F 38 7.22 -21.62 -40.92
N THR F 39 7.53 -22.54 -41.81
CA THR F 39 7.63 -22.16 -43.20
C THR F 39 6.26 -21.75 -43.73
N TRP F 40 6.26 -20.73 -44.60
CA TRP F 40 5.03 -20.19 -45.18
C TRP F 40 4.35 -21.17 -46.10
N ASP F 41 3.02 -21.13 -46.11
CA ASP F 41 2.25 -21.98 -46.97
C ASP F 41 1.08 -21.19 -47.52
N ARG F 42 0.47 -21.75 -48.56
CA ARG F 42 -0.64 -21.06 -49.22
C ARG F 42 -1.73 -20.68 -48.24
N ASP F 43 -2.09 -21.57 -47.31
CA ASP F 43 -3.15 -21.27 -46.36
C ASP F 43 -2.78 -20.09 -45.46
N SER F 44 -1.53 -20.03 -45.01
CA SER F 44 -1.10 -18.91 -44.20
C SER F 44 -1.19 -17.60 -44.99
N LEU F 45 -0.75 -17.62 -46.25
CA LEU F 45 -0.78 -16.40 -47.04
C LEU F 45 -2.21 -15.89 -47.19
N ILE F 46 -3.15 -16.79 -47.46
CA ILE F 46 -4.51 -16.32 -47.61
C ILE F 46 -4.98 -15.69 -46.31
N GLY F 47 -4.75 -16.38 -45.19
CA GLY F 47 -5.19 -15.88 -43.91
C GLY F 47 -4.58 -14.53 -43.60
N LEU F 48 -3.29 -14.37 -43.89
CA LEU F 48 -2.61 -13.14 -43.55
C LEU F 48 -3.27 -11.95 -44.24
N ARG F 49 -3.55 -12.07 -45.54
CA ARG F 49 -4.23 -10.97 -46.21
C ARG F 49 -5.60 -10.75 -45.59
N GLN F 50 -6.35 -11.82 -45.37
CA GLN F 50 -7.66 -11.65 -44.77
C GLN F 50 -7.53 -11.06 -43.38
N LEU F 51 -6.53 -11.50 -42.64
CA LEU F 51 -6.34 -10.95 -41.30
C LEU F 51 -6.04 -9.47 -41.35
N ILE F 52 -5.19 -9.05 -42.30
CA ILE F 52 -4.88 -7.63 -42.42
C ILE F 52 -6.13 -6.83 -42.78
N GLU F 53 -6.93 -7.34 -43.70
CA GLU F 53 -8.13 -6.61 -44.06
C GLU F 53 -9.04 -6.48 -42.86
N HIS F 54 -9.24 -7.57 -42.12
CA HIS F 54 -10.09 -7.52 -40.93
C HIS F 54 -9.50 -6.56 -39.90
N LEU F 55 -8.17 -6.60 -39.71
CA LEU F 55 -7.57 -5.72 -38.72
C LEU F 55 -7.72 -4.26 -39.10
N ASN F 56 -7.56 -3.93 -40.38
CA ASN F 56 -7.74 -2.53 -40.76
C ASN F 56 -9.11 -2.03 -40.41
N ARG F 57 -10.12 -2.85 -40.63
CA ARG F 57 -11.48 -2.44 -40.32
C ARG F 57 -11.67 -2.19 -38.82
N ASP F 58 -11.06 -3.03 -37.97
CA ASP F 58 -11.20 -2.83 -36.53
C ASP F 58 -10.48 -1.56 -36.10
N ASP F 59 -11.19 -0.70 -35.35
CA ASP F 59 -10.71 0.59 -34.86
C ASP F 59 -10.11 0.54 -33.46
N ASP F 60 -10.21 -0.59 -32.77
CA ASP F 60 -9.70 -0.75 -31.43
C ASP F 60 -8.22 -1.12 -31.40
N ILE F 61 -7.65 -1.42 -32.56
CA ILE F 61 -6.27 -1.86 -32.66
C ILE F 61 -5.47 -0.72 -33.30
N TYR F 62 -4.38 -0.31 -32.64
CA TYR F 62 -3.46 0.70 -33.17
C TYR F 62 -2.09 0.17 -33.57
N ALA F 63 -1.71 -1.04 -33.13
CA ALA F 63 -0.40 -1.59 -33.46
C ALA F 63 -0.52 -3.09 -33.73
N LEU F 64 0.43 -3.62 -34.50
CA LEU F 64 0.48 -5.02 -34.87
C LEU F 64 1.85 -5.62 -34.57
N VAL F 65 1.86 -6.84 -34.04
CA VAL F 65 3.12 -7.52 -33.75
C VAL F 65 3.05 -8.93 -34.30
N VAL F 66 4.09 -9.31 -35.03
CA VAL F 66 4.23 -10.64 -35.62
C VAL F 66 5.55 -11.21 -35.14
N THR F 67 5.51 -12.48 -34.67
CA THR F 67 6.69 -13.19 -34.22
C THR F 67 6.55 -14.66 -34.61
N GLY F 68 7.68 -15.37 -34.64
CA GLY F 68 7.63 -16.78 -34.98
C GLY F 68 7.52 -17.68 -33.75
N GLN F 69 6.64 -18.67 -33.82
CA GLN F 69 6.45 -19.58 -32.71
C GLN F 69 7.75 -20.32 -32.40
N GLY F 70 8.00 -20.53 -31.12
CA GLY F 70 9.23 -21.14 -30.71
C GLY F 70 10.34 -20.13 -30.73
N PRO F 71 11.41 -20.44 -30.06
CA PRO F 71 12.57 -19.54 -30.05
C PRO F 71 13.55 -19.83 -31.17
N LYS F 72 13.13 -20.38 -32.31
CA LYS F 72 14.15 -20.70 -33.31
C LYS F 72 13.86 -20.16 -34.70
N PHE F 73 12.60 -19.93 -35.06
CA PHE F 73 12.24 -19.44 -36.39
C PHE F 73 11.16 -18.39 -36.24
N PHE F 74 11.51 -17.12 -36.44
CA PHE F 74 10.50 -16.19 -36.93
C PHE F 74 9.79 -16.78 -38.14
N SER F 75 10.55 -17.10 -39.19
CA SER F 75 9.96 -17.73 -40.37
C SER F 75 11.06 -18.40 -41.17
N ALA F 76 10.74 -19.60 -41.67
CA ALA F 76 11.69 -20.33 -42.48
C ALA F 76 11.57 -19.95 -43.95
N GLY F 77 10.63 -19.07 -44.28
CA GLY F 77 10.40 -18.76 -45.66
C GLY F 77 9.31 -19.67 -46.23
N ALA F 78 9.31 -19.73 -47.55
CA ALA F 78 8.31 -20.52 -48.26
C ALA F 78 8.53 -22.02 -48.10
N ASP F 79 7.42 -22.74 -47.97
CA ASP F 79 7.48 -24.19 -47.84
C ASP F 79 7.88 -24.80 -49.18
N LEU F 80 8.70 -25.84 -49.12
CA LEU F 80 9.15 -26.50 -50.35
C LEU F 80 8.00 -27.20 -51.07
N ASN F 81 7.06 -27.79 -50.32
CA ASN F 81 5.91 -28.43 -50.96
C ASN F 81 5.19 -27.44 -51.87
N MET F 82 5.12 -26.17 -51.43
CA MET F 82 4.47 -25.13 -52.23
C MET F 82 5.23 -24.94 -53.54
N PHE F 83 6.56 -25.01 -53.50
CA PHE F 83 7.35 -24.87 -54.72
C PHE F 83 7.84 -26.20 -55.27
N ALA F 84 7.23 -27.31 -54.87
CA ALA F 84 7.68 -28.61 -55.35
C ALA F 84 7.64 -28.61 -56.86
N ASP F 85 8.66 -29.21 -57.45
CA ASP F 85 8.72 -29.19 -58.87
C ASP F 85 7.54 -29.96 -59.43
N GLY F 86 7.15 -29.62 -60.65
CA GLY F 86 7.83 -28.63 -61.47
C GLY F 86 6.76 -27.93 -62.23
N ASP F 87 5.58 -27.98 -61.63
CA ASP F 87 4.43 -27.36 -62.26
C ASP F 87 4.53 -25.85 -62.22
N LYS F 88 4.50 -25.26 -63.42
CA LYS F 88 4.63 -23.83 -63.59
C LYS F 88 3.42 -23.06 -63.10
N ALA F 89 2.23 -23.62 -63.25
CA ALA F 89 1.05 -22.88 -62.81
C ALA F 89 1.09 -22.61 -61.32
N ARG F 90 1.48 -23.61 -60.52
CA ARG F 90 1.54 -23.37 -59.08
C ARG F 90 2.49 -22.21 -58.77
N ALA F 91 3.69 -22.23 -59.36
CA ALA F 91 4.69 -21.21 -59.04
C ALA F 91 4.15 -19.81 -59.25
N ARG F 92 3.47 -19.60 -60.37
CA ARG F 92 2.93 -18.28 -60.66
C ARG F 92 1.99 -17.86 -59.54
N GLU F 93 1.15 -18.78 -59.09
CA GLU F 93 0.11 -18.42 -58.14
C GLU F 93 0.67 -18.20 -56.74
N MET F 94 1.69 -18.96 -56.34
CA MET F 94 2.24 -18.73 -55.01
C MET F 94 2.92 -17.35 -54.94
N ALA F 95 3.67 -16.97 -55.97
CA ALA F 95 4.28 -15.65 -55.96
C ALA F 95 3.20 -14.58 -55.86
N ARG F 96 2.07 -14.79 -56.55
CA ARG F 96 0.99 -13.83 -56.48
C ARG F 96 0.50 -13.69 -55.05
N ARG F 97 0.40 -14.83 -54.36
CA ARG F 97 -0.09 -14.84 -52.98
C ARG F 97 0.84 -14.06 -52.08
N PHE F 98 2.14 -14.26 -52.25
CA PHE F 98 3.10 -13.56 -51.41
C PHE F 98 2.93 -12.06 -51.59
N GLY F 99 2.87 -11.60 -52.85
CA GLY F 99 2.81 -10.17 -53.08
C GLY F 99 1.59 -9.55 -52.44
N GLU F 100 0.43 -10.13 -52.67
CA GLU F 100 -0.77 -9.57 -52.07
C GLU F 100 -0.67 -9.60 -50.56
N ALA F 101 -0.27 -10.75 -50.01
CA ALA F 101 -0.21 -10.91 -48.56
C ALA F 101 0.78 -9.95 -47.95
N PHE F 102 2.01 -9.90 -48.48
CA PHE F 102 3.00 -8.98 -47.91
C PHE F 102 2.62 -7.53 -48.14
N GLU F 103 2.08 -7.22 -49.30
CA GLU F 103 1.69 -5.84 -49.54
C GLU F 103 0.57 -5.44 -48.60
N ALA F 104 -0.39 -6.34 -48.35
CA ALA F 104 -1.47 -5.99 -47.43
C ALA F 104 -0.91 -5.64 -46.05
N LEU F 105 -0.01 -6.49 -45.55
CA LEU F 105 0.63 -6.22 -44.26
C LEU F 105 1.40 -4.91 -44.34
N ARG F 106 2.08 -4.67 -45.45
CA ARG F 106 2.86 -3.45 -45.60
C ARG F 106 1.95 -2.23 -45.54
N ASP F 107 0.74 -2.36 -46.04
CA ASP F 107 -0.24 -1.29 -46.12
C ASP F 107 -1.15 -1.21 -44.91
N PHE F 108 -0.87 -1.96 -43.85
CA PHE F 108 -1.72 -1.89 -42.65
C PHE F 108 -1.78 -0.46 -42.14
N ARG F 109 -2.97 -0.01 -41.77
CA ARG F 109 -3.11 1.36 -41.32
C ARG F 109 -2.30 1.61 -40.05
N GLY F 110 -2.34 0.66 -39.11
CA GLY F 110 -1.55 0.77 -37.90
C GLY F 110 -0.10 0.38 -38.14
N VAL F 111 0.74 0.72 -37.18
CA VAL F 111 2.17 0.37 -37.28
C VAL F 111 2.37 -1.12 -37.08
N SER F 112 3.25 -1.69 -37.90
CA SER F 112 3.58 -3.10 -37.90
C SER F 112 5.01 -3.30 -37.42
N ILE F 113 5.17 -4.15 -36.41
CA ILE F 113 6.46 -4.49 -35.81
C ILE F 113 6.67 -5.99 -35.92
N ALA F 114 7.83 -6.39 -36.43
CA ALA F 114 8.22 -7.79 -36.51
C ALA F 114 9.29 -8.04 -35.47
N ALA F 115 9.05 -8.99 -34.58
CA ALA F 115 10.02 -9.34 -33.55
C ALA F 115 10.74 -10.62 -33.97
N ILE F 116 12.03 -10.50 -34.24
CA ILE F 116 12.80 -11.61 -34.78
C ILE F 116 13.39 -12.38 -33.60
N ASN F 117 12.70 -13.46 -33.25
CA ASN F 117 13.12 -14.39 -32.21
C ASN F 117 13.77 -15.63 -32.81
N GLY F 118 13.74 -15.79 -34.14
CA GLY F 118 14.28 -16.96 -34.80
C GLY F 118 14.89 -16.65 -36.14
N TYR F 119 15.36 -17.71 -36.82
CA TYR F 119 15.93 -17.52 -38.15
C TYR F 119 14.84 -16.98 -39.06
N ALA F 120 15.12 -15.86 -39.73
CA ALA F 120 14.20 -15.24 -40.68
C ALA F 120 14.90 -15.18 -42.03
N MET F 121 14.48 -16.03 -42.96
CA MET F 121 15.24 -16.10 -44.20
C MET F 121 14.28 -16.24 -45.36
N GLY F 122 14.76 -15.83 -46.51
CA GLY F 122 13.93 -15.97 -47.69
C GLY F 122 12.63 -15.27 -47.50
N GLY F 123 11.55 -16.03 -47.57
CA GLY F 123 10.24 -15.42 -47.41
C GLY F 123 10.09 -14.75 -46.07
N GLY F 124 10.63 -15.36 -45.01
CA GLY F 124 10.49 -14.81 -43.68
C GLY F 124 11.12 -13.43 -43.56
N LEU F 125 12.28 -13.26 -44.14
CA LEU F 125 12.90 -11.94 -44.10
C LEU F 125 12.02 -10.96 -44.85
N GLU F 126 11.53 -11.37 -46.01
CA GLU F 126 10.68 -10.51 -46.82
C GLU F 126 9.48 -10.08 -46.01
N CYS F 127 8.92 -11.01 -45.25
CA CYS F 127 7.84 -10.64 -44.37
C CYS F 127 8.30 -9.63 -43.34
N ALA F 128 9.47 -9.86 -42.74
CA ALA F 128 9.96 -8.90 -41.76
C ALA F 128 10.19 -7.56 -42.42
N LEU F 129 10.67 -7.59 -43.66
CA LEU F 129 10.84 -6.34 -44.38
C LEU F 129 9.51 -5.63 -44.51
N ALA F 130 8.42 -6.38 -44.68
CA ALA F 130 7.11 -5.76 -44.82
C ALA F 130 6.75 -4.94 -43.57
N CYS F 131 7.18 -5.40 -42.39
CA CYS F 131 6.91 -4.69 -41.15
C CYS F 131 7.67 -3.37 -41.11
N ASP F 132 7.03 -2.36 -40.51
CA ASP F 132 7.61 -1.01 -40.46
C ASP F 132 8.89 -1.00 -39.66
N ILE F 133 8.88 -1.67 -38.54
CA ILE F 133 10.04 -1.71 -37.68
C ILE F 133 10.28 -3.16 -37.32
N ARG F 134 11.55 -3.49 -37.20
CA ARG F 134 12.02 -4.84 -36.92
C ARG F 134 12.89 -4.84 -35.67
N ILE F 135 12.57 -5.76 -34.76
CA ILE F 135 13.30 -5.99 -33.51
C ILE F 135 13.84 -7.40 -33.55
N ALA F 136 15.14 -7.57 -33.37
CA ALA F 136 15.73 -8.89 -33.50
C ALA F 136 16.59 -9.26 -32.30
N GLU F 137 16.54 -10.55 -31.93
CA GLU F 137 17.37 -11.11 -30.89
C GLU F 137 18.82 -11.21 -31.40
N ARG F 138 19.77 -11.25 -30.48
CA ARG F 138 21.17 -11.18 -30.91
C ARG F 138 21.59 -12.39 -31.73
N GLN F 139 20.97 -13.53 -31.50
CA GLN F 139 21.44 -14.76 -32.15
C GLN F 139 20.87 -14.92 -33.56
N ALA F 140 19.72 -14.33 -33.83
CA ALA F 140 19.06 -14.49 -35.10
C ALA F 140 19.95 -14.06 -36.26
N GLN F 141 19.84 -14.78 -37.36
CA GLN F 141 20.53 -14.51 -38.61
C GLN F 141 19.48 -14.39 -39.71
N MET F 142 19.65 -13.40 -40.59
CA MET F 142 18.72 -13.17 -41.69
C MET F 142 19.47 -13.12 -43.02
N ALA F 143 18.89 -13.77 -44.03
CA ALA F 143 19.45 -13.73 -45.39
C ALA F 143 18.40 -14.14 -46.41
N LEU F 144 18.67 -13.79 -47.66
CA LEU F 144 17.84 -14.28 -48.75
C LEU F 144 18.61 -15.35 -49.50
N PRO F 145 18.22 -16.61 -49.40
CA PRO F 145 18.98 -17.68 -50.06
C PRO F 145 18.36 -18.13 -51.37
N GLU F 146 17.36 -17.39 -51.87
CA GLU F 146 16.66 -17.81 -53.05
C GLU F 146 17.58 -17.88 -54.25
N ALA F 147 18.57 -16.98 -54.33
CA ALA F 147 19.48 -17.02 -55.48
C ALA F 147 20.24 -18.35 -55.57
N ALA F 148 20.57 -18.95 -54.42
CA ALA F 148 21.29 -20.21 -54.43
C ALA F 148 20.48 -21.32 -55.09
N VAL F 149 19.17 -21.31 -54.90
CA VAL F 149 18.33 -22.33 -55.52
C VAL F 149 17.86 -21.90 -56.90
N GLY F 150 18.30 -20.75 -57.38
CA GLY F 150 17.90 -20.29 -58.70
C GLY F 150 16.57 -19.56 -58.78
N LEU F 151 15.98 -19.21 -57.62
CA LEU F 151 14.66 -18.59 -57.45
C LEU F 151 14.85 -17.18 -56.92
N LEU F 152 14.19 -16.22 -57.49
CA LEU F 152 14.31 -14.90 -56.85
C LEU F 152 13.30 -14.67 -55.73
N PRO F 153 13.58 -13.75 -54.81
CA PRO F 153 12.57 -13.35 -53.83
C PRO F 153 11.40 -12.74 -54.57
N CYS F 154 10.20 -13.26 -54.38
CA CYS F 154 9.07 -12.73 -55.15
C CYS F 154 8.14 -11.92 -54.28
N ALA F 155 8.53 -11.71 -53.03
CA ALA F 155 7.74 -11.05 -52.01
C ALA F 155 8.06 -9.60 -51.86
N GLY F 156 8.70 -9.01 -52.85
CA GLY F 156 9.20 -7.67 -52.75
C GLY F 156 10.58 -7.56 -52.16
N GLY F 157 11.28 -8.69 -51.99
CA GLY F 157 12.61 -8.63 -51.40
C GLY F 157 13.58 -7.78 -52.21
N THR F 158 13.52 -7.93 -53.55
CA THR F 158 14.44 -7.25 -54.45
C THR F 158 14.38 -5.75 -54.31
N GLN F 159 13.18 -5.23 -54.06
CA GLN F 159 13.04 -3.81 -53.79
C GLN F 159 13.24 -3.49 -52.30
N ALA F 160 12.60 -4.27 -51.42
CA ALA F 160 12.56 -3.89 -50.02
C ALA F 160 13.94 -3.84 -49.39
N LEU F 161 14.74 -4.88 -49.60
CA LEU F 161 16.05 -4.89 -48.97
C LEU F 161 16.94 -3.73 -49.42
N PRO F 162 17.11 -3.43 -50.71
CA PRO F 162 18.02 -2.33 -51.05
C PRO F 162 17.51 -1.03 -50.50
N TRP F 163 16.19 -0.87 -50.42
CA TRP F 163 15.65 0.36 -49.86
C TRP F 163 16.11 0.54 -48.41
N LEU F 164 15.97 -0.51 -47.60
CA LEU F 164 16.35 -0.39 -46.20
C LEU F 164 17.86 -0.25 -46.00
N VAL F 165 18.65 -1.15 -46.60
CA VAL F 165 20.08 -1.24 -46.31
C VAL F 165 20.99 -0.75 -47.43
N GLY F 166 20.45 -0.33 -48.56
CA GLY F 166 21.29 0.10 -49.67
C GLY F 166 21.58 -1.05 -50.61
N GLU F 167 21.94 -0.70 -51.84
CA GLU F 167 22.14 -1.73 -52.84
C GLU F 167 23.33 -2.61 -52.53
N GLY F 168 24.46 -2.03 -52.14
CA GLY F 168 25.67 -2.82 -52.00
C GLY F 168 25.49 -3.97 -51.03
N TRP F 169 24.94 -3.65 -49.86
CA TRP F 169 24.71 -4.68 -48.87
C TRP F 169 23.62 -5.65 -49.33
N ALA F 170 22.58 -5.13 -49.96
CA ALA F 170 21.50 -6.00 -50.40
C ALA F 170 21.98 -7.02 -51.42
N LYS F 171 22.80 -6.58 -52.37
CA LYS F 171 23.30 -7.50 -53.37
C LYS F 171 24.12 -8.58 -52.70
N ARG F 172 24.92 -8.19 -51.71
CA ARG F 172 25.79 -9.15 -51.03
C ARG F 172 24.96 -10.25 -50.39
N MET F 173 23.86 -9.91 -49.77
CA MET F 173 23.05 -10.95 -49.15
C MET F 173 22.37 -11.83 -50.19
N ILE F 174 21.72 -11.21 -51.17
CA ILE F 174 21.01 -11.99 -52.18
C ILE F 174 21.94 -12.56 -53.24
N LEU F 175 22.72 -11.72 -53.91
CA LEU F 175 23.62 -12.20 -54.96
C LEU F 175 24.74 -13.05 -54.37
N CYS F 176 25.34 -12.65 -53.27
CA CYS F 176 26.39 -13.49 -52.69
C CYS F 176 25.87 -14.50 -51.69
N ASN F 177 24.57 -14.46 -51.38
CA ASN F 177 23.96 -15.43 -50.46
C ASN F 177 24.61 -15.38 -49.08
N GLU F 178 24.79 -14.17 -48.56
CA GLU F 178 25.56 -13.95 -47.34
C GLU F 178 24.65 -13.56 -46.19
N ARG F 179 24.53 -14.45 -45.21
CA ARG F 179 23.69 -14.22 -44.05
C ARG F 179 24.29 -13.16 -43.15
N VAL F 180 23.44 -12.51 -42.35
CA VAL F 180 23.90 -11.44 -41.47
C VAL F 180 23.46 -11.73 -40.04
N ASP F 181 24.37 -11.48 -39.10
CA ASP F 181 24.05 -11.56 -37.68
C ASP F 181 23.28 -10.32 -37.25
N ALA F 182 22.77 -10.36 -36.01
CA ALA F 182 22.01 -9.22 -35.52
C ALA F 182 22.86 -7.94 -35.53
N GLU F 183 24.14 -8.02 -35.19
CA GLU F 183 24.97 -6.83 -35.15
C GLU F 183 25.18 -6.18 -36.51
N THR F 184 25.48 -6.98 -37.53
CA THR F 184 25.64 -6.40 -38.86
C THR F 184 24.36 -5.72 -39.29
N ALA F 185 23.23 -6.38 -39.06
CA ALA F 185 21.94 -5.88 -39.50
C ALA F 185 21.60 -4.54 -38.88
N LEU F 186 21.83 -4.40 -37.59
CA LEU F 186 21.59 -3.12 -36.95
C LEU F 186 22.53 -2.08 -37.53
N ARG F 187 23.76 -2.48 -37.79
CA ARG F 187 24.73 -1.55 -38.35
C ARG F 187 24.35 -1.11 -39.75
N ILE F 188 23.88 -2.05 -40.59
CA ILE F 188 23.53 -1.71 -41.96
C ILE F 188 22.19 -1.01 -42.08
N GLY F 189 21.44 -0.90 -41.00
CA GLY F 189 20.13 -0.31 -41.01
C GLY F 189 19.02 -1.29 -41.30
N LEU F 190 19.32 -2.58 -41.42
CA LEU F 190 18.27 -3.58 -41.66
C LEU F 190 17.30 -3.67 -40.48
N VAL F 191 17.83 -3.66 -39.26
CA VAL F 191 17.02 -3.74 -38.06
C VAL F 191 17.25 -2.47 -37.26
N GLU F 192 16.15 -1.93 -36.75
CA GLU F 192 16.21 -0.70 -35.95
C GLU F 192 16.81 -0.94 -34.57
N GLN F 193 16.46 -2.04 -33.90
CA GLN F 193 16.97 -2.23 -32.55
C GLN F 193 17.34 -3.69 -32.30
N VAL F 194 18.28 -3.91 -31.39
CA VAL F 194 18.76 -5.24 -31.06
C VAL F 194 18.39 -5.56 -29.61
N VAL F 195 17.94 -6.80 -29.39
CA VAL F 195 17.50 -7.23 -28.09
C VAL F 195 18.10 -8.58 -27.75
N ASP F 196 18.11 -8.86 -26.45
CA ASP F 196 18.57 -10.14 -25.95
C ASP F 196 17.61 -11.24 -26.35
N SER F 197 18.13 -12.46 -26.41
CA SER F 197 17.32 -13.60 -26.84
C SER F 197 16.10 -13.77 -25.96
N GLY F 198 14.96 -13.98 -26.60
CA GLY F 198 13.68 -14.14 -25.95
C GLY F 198 12.99 -12.84 -25.59
N GLU F 199 13.65 -11.70 -25.75
CA GLU F 199 13.07 -10.42 -25.40
C GLU F 199 12.45 -9.70 -26.58
N ALA F 200 12.51 -10.26 -27.78
CA ALA F 200 11.94 -9.55 -28.91
C ALA F 200 10.44 -9.35 -28.73
N ARG F 201 9.72 -10.40 -28.34
CA ARG F 201 8.28 -10.25 -28.19
C ARG F 201 7.94 -9.24 -27.10
N GLY F 202 8.58 -9.35 -25.95
CA GLY F 202 8.29 -8.40 -24.89
C GLY F 202 8.61 -6.98 -25.32
N ALA F 203 9.73 -6.81 -26.01
CA ALA F 203 10.09 -5.51 -26.55
C ALA F 203 9.09 -5.08 -27.63
N ALA F 204 8.67 -6.01 -28.49
CA ALA F 204 7.73 -5.64 -29.54
C ALA F 204 6.40 -5.16 -28.96
N LEU F 205 5.82 -5.92 -28.02
CA LEU F 205 4.57 -5.51 -27.39
C LEU F 205 4.74 -4.19 -26.67
N LEU F 206 5.88 -4.00 -26.03
CA LEU F 206 6.16 -2.75 -25.34
C LEU F 206 6.21 -1.57 -26.29
N LEU F 207 6.95 -1.69 -27.39
CA LEU F 207 7.01 -0.57 -28.33
C LEU F 207 5.64 -0.33 -28.95
N ALA F 208 4.91 -1.40 -29.27
CA ALA F 208 3.59 -1.26 -29.86
C ALA F 208 2.63 -0.57 -28.91
N ALA F 209 2.74 -0.84 -27.60
CA ALA F 209 1.84 -0.17 -26.66
C ALA F 209 2.04 1.34 -26.66
N LYS F 210 3.29 1.82 -26.82
CA LYS F 210 3.47 3.27 -26.88
C LYS F 210 2.79 3.89 -28.08
N VAL F 211 2.76 3.16 -29.21
CA VAL F 211 2.15 3.71 -30.41
C VAL F 211 0.65 3.93 -30.19
N ALA F 212 0.00 3.06 -29.41
CA ALA F 212 -1.40 3.29 -29.14
C ALA F 212 -1.60 4.66 -28.47
N ARG F 213 -0.52 5.24 -27.89
CA ARG F 213 -0.60 6.51 -27.18
C ARG F 213 -0.59 7.70 -28.11
N GLN F 214 -0.51 7.45 -29.42
CA GLN F 214 -0.56 8.53 -30.38
C GLN F 214 -1.91 8.48 -31.08
N SER F 215 -2.32 9.60 -31.64
CA SER F 215 -3.67 9.68 -32.13
C SER F 215 -3.94 8.60 -33.16
N PRO F 216 -5.02 7.82 -33.00
CA PRO F 216 -5.29 6.76 -33.96
C PRO F 216 -5.34 7.34 -35.33
N VAL F 217 -6.29 8.28 -35.48
CA VAL F 217 -6.57 8.88 -36.77
C VAL F 217 -5.30 9.42 -37.41
N ALA F 218 -4.39 10.02 -36.61
CA ALA F 218 -3.14 10.51 -37.18
C ALA F 218 -2.30 9.37 -37.74
N ILE F 219 -2.20 8.28 -36.99
CA ILE F 219 -1.22 7.27 -37.39
C ILE F 219 -1.57 6.73 -38.78
N ARG F 220 -2.85 6.41 -39.02
CA ARG F 220 -3.20 5.87 -40.32
C ARG F 220 -2.84 6.83 -41.43
N THR F 221 -3.11 8.13 -41.26
CA THR F 221 -2.76 9.07 -42.31
C THR F 221 -1.26 9.30 -42.44
N ILE F 222 -0.54 9.34 -41.33
CA ILE F 222 0.88 9.65 -41.45
C ILE F 222 1.65 8.54 -42.16
N LYS F 223 1.33 7.27 -41.89
CA LYS F 223 2.08 6.18 -42.52
C LYS F 223 2.13 6.27 -44.06
N PRO F 224 1.05 6.60 -44.78
CA PRO F 224 1.17 6.69 -46.24
C PRO F 224 2.19 7.72 -46.69
N LEU F 225 2.27 8.85 -46.01
CA LEU F 225 3.20 9.89 -46.44
C LEU F 225 4.64 9.41 -46.40
N ILE F 226 4.99 8.67 -45.35
CA ILE F 226 6.35 8.18 -45.20
C ILE F 226 6.69 7.17 -46.29
N GLN F 227 5.73 6.31 -46.63
CA GLN F 227 5.95 5.30 -47.64
C GLN F 227 5.66 5.85 -49.03
N GLY F 228 5.41 7.16 -49.12
CA GLY F 228 5.15 7.78 -50.40
C GLY F 228 6.31 7.73 -51.37
N ALA F 229 7.54 7.80 -50.87
CA ALA F 229 8.71 7.83 -51.75
C ALA F 229 8.83 6.59 -52.63
N ARG F 230 8.36 5.44 -52.15
CA ARG F 230 8.41 4.21 -52.93
C ARG F 230 7.55 4.29 -54.17
N GLU F 231 6.36 4.87 -54.07
CA GLU F 231 5.55 5.10 -55.27
C GLU F 231 6.09 6.23 -56.13
N ARG F 232 6.55 7.31 -55.51
CA ARG F 232 6.91 8.43 -56.36
C ARG F 232 7.99 9.23 -55.66
N ALA F 233 8.52 10.20 -56.38
CA ALA F 233 9.57 11.08 -55.90
C ALA F 233 9.09 11.81 -54.63
N PRO F 234 10.00 12.10 -53.69
CA PRO F 234 9.55 12.73 -52.43
C PRO F 234 8.94 14.09 -52.62
N ASN F 235 9.57 14.90 -53.46
CA ASN F 235 9.16 16.28 -53.66
C ASN F 235 7.72 16.38 -54.16
N THR F 236 7.26 15.39 -54.91
CA THR F 236 5.91 15.43 -55.44
C THR F 236 4.87 15.43 -54.32
N TRP F 237 5.17 14.74 -53.22
CA TRP F 237 4.26 14.60 -52.09
C TRP F 237 4.14 15.84 -51.21
N LEU F 238 5.02 16.83 -51.32
CA LEU F 238 4.95 17.93 -50.38
C LEU F 238 3.60 18.64 -50.39
N PRO F 239 2.98 18.92 -51.54
CA PRO F 239 1.66 19.55 -51.48
C PRO F 239 0.67 18.68 -50.75
N GLU F 240 0.67 17.39 -51.04
CA GLU F 240 -0.28 16.50 -50.39
C GLU F 240 -0.08 16.48 -48.89
N GLU F 241 1.16 16.64 -48.43
CA GLU F 241 1.43 16.60 -47.01
C GLU F 241 0.69 17.69 -46.28
N ARG F 242 0.76 18.92 -46.80
CA ARG F 242 0.04 20.01 -46.17
C ARG F 242 -1.47 19.80 -46.24
N GLU F 243 -1.96 19.30 -47.38
CA GLU F 243 -3.39 19.04 -47.50
C GLU F 243 -3.84 17.93 -46.55
N ARG F 244 -2.98 16.97 -46.23
CA ARG F 244 -3.42 15.93 -45.30
C ARG F 244 -3.36 16.42 -43.87
N PHE F 245 -2.46 17.36 -43.63
CA PHE F 245 -2.31 17.94 -42.31
C PHE F 245 -3.55 18.69 -41.90
N VAL F 246 -4.07 19.52 -42.81
CA VAL F 246 -5.29 20.29 -42.57
C VAL F 246 -6.47 19.35 -42.46
N ASP F 247 -6.50 18.25 -43.23
CA ASP F 247 -7.54 17.24 -43.06
C ASP F 247 -7.51 16.65 -41.67
N LEU F 248 -6.31 16.46 -41.13
CA LEU F 248 -6.25 16.04 -39.75
C LEU F 248 -6.83 17.12 -38.86
N PHE F 249 -6.49 18.38 -39.14
CA PHE F 249 -6.92 19.49 -38.28
C PHE F 249 -8.45 19.64 -38.25
N ASP F 250 -9.15 19.38 -39.36
CA ASP F 250 -10.61 19.47 -39.28
C ASP F 250 -11.20 18.17 -38.73
N ALA F 251 -10.86 17.91 -37.47
CA ALA F 251 -11.33 16.73 -36.77
C ALA F 251 -11.41 17.09 -35.30
N GLN F 252 -12.30 16.44 -34.58
CA GLN F 252 -12.34 16.64 -33.14
C GLN F 252 -11.09 16.08 -32.47
N ASP F 253 -10.57 14.98 -33.04
CA ASP F 253 -9.48 14.25 -32.40
C ASP F 253 -8.22 15.09 -32.41
N THR F 254 -8.00 15.82 -33.50
CA THR F 254 -6.80 16.64 -33.59
C THR F 254 -6.78 17.76 -32.56
N ARG F 255 -7.94 18.34 -32.25
CA ARG F 255 -7.96 19.40 -31.25
C ARG F 255 -7.58 18.87 -29.88
N GLU F 256 -7.80 17.58 -29.64
CA GLU F 256 -7.52 17.03 -28.31
C GLU F 256 -6.02 16.82 -28.10
N GLY F 257 -5.32 16.28 -29.10
CA GLY F 257 -3.89 16.06 -28.92
C GLY F 257 -3.16 17.36 -28.65
N VAL F 258 -3.51 18.42 -29.39
CA VAL F 258 -2.87 19.71 -29.18
C VAL F 258 -3.26 20.29 -27.82
N ASN F 259 -4.54 20.14 -27.44
CA ASN F 259 -4.96 20.70 -26.16
C ASN F 259 -4.20 20.05 -25.03
N ALA F 260 -4.01 18.74 -25.09
CA ALA F 260 -3.34 18.05 -24.00
C ALA F 260 -1.95 18.64 -23.74
N PHE F 261 -1.22 18.93 -24.82
CA PHE F 261 0.11 19.52 -24.67
C PHE F 261 0.06 20.89 -24.02
N LEU F 262 -0.92 21.72 -24.39
CA LEU F 262 -1.00 23.04 -23.78
C LEU F 262 -1.20 22.93 -22.28
N GLU F 263 -2.13 22.09 -21.86
CA GLU F 263 -2.43 21.95 -20.45
C GLU F 263 -1.52 20.95 -19.77
N LYS F 264 -0.55 20.39 -20.50
CA LYS F 264 0.46 19.49 -19.93
C LYS F 264 -0.17 18.25 -19.31
N ARG F 265 -1.00 17.56 -20.10
CA ARG F 265 -1.69 16.36 -19.64
C ARG F 265 -1.76 15.35 -20.76
N ASP F 266 -1.97 14.11 -20.38
CA ASP F 266 -2.08 13.02 -21.35
C ASP F 266 -3.25 13.29 -22.30
N PRO F 267 -3.04 13.22 -23.61
CA PRO F 267 -4.18 13.35 -24.53
C PRO F 267 -5.07 12.12 -24.47
N LYS F 268 -6.38 12.35 -24.60
CA LYS F 268 -7.37 11.28 -24.54
C LYS F 268 -8.24 11.26 -25.80
N TRP F 269 -8.20 10.16 -26.55
CA TRP F 269 -9.04 10.05 -27.73
C TRP F 269 -9.76 8.73 -27.73
N ARG F 270 -10.77 8.63 -28.61
CA ARG F 270 -11.58 7.43 -28.70
C ARG F 270 -10.71 6.19 -28.98
#